data_7NK6
#
_entry.id   7NK6
#
_cell.length_a   1.00
_cell.length_b   1.00
_cell.length_c   1.00
_cell.angle_alpha   90.00
_cell.angle_beta   90.00
_cell.angle_gamma   90.00
#
_symmetry.space_group_name_H-M   'P 1'
#
loop_
_entity.id
_entity.type
_entity.pdbx_description
1 polymer 'Polymerase acidic protein'
2 polymer 'RNA-directed RNA polymerase catalytic subunit'
3 polymer 'Polymerase basic protein 2,Polymerase basic protein 2'
4 polymer "RNA (5'-R(P*GP*GP*CP*CP*UP*GP*CP*U)-3')"
5 polymer "RNA (5'-R(P*AP*GP*UP*AP*GP*AP*AP*AP*CP*AP*AP*GP*GP*CP*C)-3')"
6 polymer Nb8204
#
loop_
_entity_poly.entity_id
_entity_poly.type
_entity_poly.pdbx_seq_one_letter_code
_entity_poly.pdbx_strand_id
1 'polypeptide(L)'
;MEDFVRQCFNPMIVELAEKAMKEYGEDLKIETNKFAAICTHLEVCFMYSDFHFINERGESIIVESGDPNALLKHRFEIIE
GRDRTMAWTVVNSICNTTGAEKPKFLPDLYDYKENRFIEIGVTRREVHIYYLEKANKIKSEKTHIHIFSFTGEEMATKAD
YTLDEESRARIKTRLFTIRQEMASRGLWDSFRQSERGEETIEERFEITGTMRRLADQSLPPNFSSLENFRAYVDGFEPNG
YIEGKLSQMSKEVNARIEPFLKTTPRPLRLPDGPPCSQRSKFLLMDALKLSIEDPSHEGEGIPLYDAIKCMRTFFGWKEP
NVVKPHEKGINPNYLLAWKQVLAELQDIENEEKIPKTKNMKKTSQLKWALGENMAPEKVDFDDCKDVSDLKQYDSDEPEL
RSLASWIQSEFNKACELTDSSWIELDEIGEDVAPIEHIASMRRNYFTAEVSHCRATEYIMKGVYINTALLNASCAAMDDF
QLIPMISKCRTKEGRRKTNLYGFIIKGRSHLRNDTDVVNFVSMEFSLTDPRLEPHKWEKYCVLEIGDMLLRSAIGQVSRP
MFLYVRTNGTSKIKMKWGMEMRRCLLQSLQQIESMIEAESSVKEKDMTKEFFENKSETWPIGESPKGVEEGSIGKVCRTL
LAKSVFNSLYASPQLEGFSAESRKLLLIVQALRDNLEPGTFDLGGLYEAIEECLINDPWVLLNASWFNSFLTHALR
;
A
2 'polypeptide(L)'
;MDVNPTLLFLKVPAQNAISTTFPYTGDPPYSHGTGTGYTMDTVNRTHQYSEKGRWTTNTETGAPQLNPIDGPLPEDNEPS
GYAQTDCVLEAMAFLEESHPGIFENSCLETMEVVQQTRVDKLTQGRQTYDWTLNRNQPAATALANTIEVFRSNGLTANES
GRLIDFLKDVMESMDKEEMEITTHFQRKRRVRDNMTKKMVTQRTIGKKKQRLNKRSYLIRALTLNTMTKDAERGKLKRRA
IATPGMQIRGFVYFVETLARSICEKLEQSGLPVGGNEKKAKLANVVRKMMTNSQDTELSFTITGDNTKWNENQNPRMFLA
MITYITRNQPEWFRNVLSIAPIMFSNKMARLGKGYMFESKSMKLRTQIPAEMLASIDLKYFNDSTRKKIEKIRPLLIDGT
ASLSPGMMMGMFNMLSTVLGVSILNLGQKRYTKTTYWWDGLQSSDDFALIVNAPNHEGIQAGVDRFYRTCKLLGINMSKK
KSYINRTGTFEFTSFFYRYGFVANFSMELPSFGVSGINESADMSIGVTVIKNNMINNDLGPATAQMALQLFIKDYRYTYR
CHRGDTQIQTRRSFEIKKLWEQTRSKAGLLVSDGGPNLYNIRNLHIPEVCLKWELMDEDYQGRLCNPLNPFVSHKEIESV
NNAVMMPAHGPAKNMEYDAVATTHSWIPKRNRSILNTSQRGILEDEQMYQKCCNLFEKFFPSSSYRRPVGISSMVEAMVS
RARIDARIDFESGRIKKEEFAEIMKICSTIEELRRQK
;
B
3 'polypeptide(L)'
;MERIKELRDLMSQSRTREILTKTTVDHMAIIKKYTSGRQEKNPALRMKWMMAMKYPITADKRIMEMIPERNEQGQTLWSK
TNDAGSDRVMVSPLAVTWWNRNGPTTSAVHYPKIYKTYFEKVERLKHGTFGPVHFRNQVKIRRRVDINPGHADLSAKEAQ
DVIMEVVFPNEVGARILTSESQLTITKEKKEELQDCKISPLMVAYMLERELVRKTRFLPVAGGTSSVYIEVLHLTQGTCW
EQMYTPGGEVRNDDVDQSLIIAARNIVRRATVSADPLASLLEMCHSTQIGGIRMVDILRQNPTEEQAVDICKAAMGLRIS
SSFSFGGFTFKRTSGSSVKREEEVLTGNLQTLKIRVHEGYEEFTMVGRRATAILRKATRRLIQLIVSGRDEQSIAEAIIV
AMVFSQEDCMIKAVRGDLNFVNRANQRLNPMHQLLRHFQKDAKVLFQNWGIEPIDNVMGMIGILPDMTPSTEMSMRGVRV
SKMGVDEYSSTERVVVSIDRFLRVRDQRGNVLLSPEEVSETQGTEKLTITYSSSMMWEVNGPESVLVNTYQWIIRNWETV
KIQWSQNPTMLYNKMEFEPFQSLVPKAARGQYSGFVRTLFQQMRDVLGTFDTVQIIKLLPFAAAPPKQSRMQFSSLTVNV
RGSGMRILVRGNSPVFNYNKATKRLTVLGKDAGALTEDPDEGTAGVESAVLRGFLILGKEDRRYGPALSINELSNLAKGE
KANVLIGQGDVVLVMKRKRDSSILTDSQTATKRIRMAINENLYFQGELKTAALAQHDEAVDNKFNKEQQNAFYEILHLPN
LNEEQRNAFIQSLKDDPSQSANLLAEAKKLNDAQAPKVDNKFNKEQQNAFYEILHLPNLNEEQRNAFIQSLKADPSQSAN
LLAEAKKLNGAQAPKVDANSAGKST
;
C
4 'polyribonucleotide' GGCCUGCUUUUGCUAUU E
5 'polyribonucleotide' AGUAGAAACAAGGCC D
6 'polypeptide(L)'
;QVQLQESGGGLVQPRGSLRLSCAASGSIAIIYTMGWYRQAPLKERELVATVTYGGNTNYADPVKGRFTISRDNNKNTEYL
QMSSLQPEDTAVYYCYMRVRSTAWDTDDYWGQGTQVTVSSHHHHHHEPEA
;
F
#
loop_
_chem_comp.id
_chem_comp.type
_chem_comp.name
_chem_comp.formula
A RNA linking ADENOSINE-5'-MONOPHOSPHATE 'C10 H14 N5 O7 P'
C RNA linking CYTIDINE-5'-MONOPHOSPHATE 'C9 H14 N3 O8 P'
G RNA linking GUANOSINE-5'-MONOPHOSPHATE 'C10 H14 N5 O8 P'
U RNA linking URIDINE-5'-MONOPHOSPHATE 'C9 H13 N2 O9 P'
#
# COMPACT_ATOMS: atom_id res chain seq x y z
N MET A 1 22.46 31.10 -46.32
CA MET A 1 23.02 32.07 -45.32
C MET A 1 23.87 31.35 -44.28
N GLU A 2 23.47 30.12 -43.95
CA GLU A 2 24.20 29.32 -42.98
C GLU A 2 25.64 29.06 -43.40
N ASP A 3 25.95 29.17 -44.69
CA ASP A 3 27.32 28.99 -45.15
C ASP A 3 28.25 29.98 -44.47
N PHE A 4 27.74 31.18 -44.16
CA PHE A 4 28.56 32.18 -43.47
C PHE A 4 29.00 31.70 -42.10
N VAL A 5 28.09 31.10 -41.33
CA VAL A 5 28.47 30.58 -40.02
C VAL A 5 29.24 29.28 -40.12
N ARG A 6 29.11 28.55 -41.23
CA ARG A 6 30.06 27.48 -41.51
C ARG A 6 31.47 28.02 -41.67
N GLN A 7 31.61 29.13 -42.41
CA GLN A 7 32.93 29.62 -42.78
C GLN A 7 33.63 30.35 -41.64
N CYS A 8 33.04 31.45 -41.17
CA CYS A 8 33.82 32.42 -40.40
C CYS A 8 34.01 31.98 -38.94
N PHE A 9 32.91 31.84 -38.21
CA PHE A 9 32.99 31.76 -36.75
C PHE A 9 33.60 30.43 -36.30
N ASN A 10 34.23 30.48 -35.12
CA ASN A 10 34.91 29.32 -34.57
C ASN A 10 33.90 28.28 -34.11
N PRO A 11 34.34 27.03 -33.93
CA PRO A 11 33.41 25.99 -33.45
C PRO A 11 32.71 26.36 -32.15
N MET A 12 33.50 26.67 -31.12
CA MET A 12 32.95 26.97 -29.80
C MET A 12 31.68 27.79 -29.89
N ILE A 13 31.71 28.91 -30.63
CA ILE A 13 30.54 29.77 -30.68
C ILE A 13 29.41 29.11 -31.46
N VAL A 14 29.72 28.37 -32.52
CA VAL A 14 28.63 27.82 -33.33
C VAL A 14 27.86 26.75 -32.56
N GLU A 15 28.57 25.89 -31.80
CA GLU A 15 27.80 24.93 -31.00
C GLU A 15 27.15 25.59 -29.79
N LEU A 16 27.73 26.65 -29.23
CA LEU A 16 27.02 27.38 -28.18
C LEU A 16 25.70 27.93 -28.72
N ALA A 17 25.75 28.52 -29.92
CA ALA A 17 24.54 29.05 -30.54
C ALA A 17 23.58 27.94 -30.93
N GLU A 18 24.09 26.77 -31.30
CA GLU A 18 23.20 25.65 -31.63
C GLU A 18 22.48 25.14 -30.39
N LYS A 19 23.15 25.08 -29.25
CA LYS A 19 22.45 24.71 -28.02
C LYS A 19 21.47 25.79 -27.58
N ALA A 20 21.82 27.06 -27.75
CA ALA A 20 20.84 28.12 -27.50
C ALA A 20 19.66 28.00 -28.46
N MET A 21 19.90 27.50 -29.66
CA MET A 21 18.84 27.27 -30.62
C MET A 21 17.90 26.18 -30.13
N LYS A 22 18.47 25.06 -29.65
CA LYS A 22 17.67 24.00 -29.06
C LYS A 22 16.96 24.44 -27.79
N GLU A 23 17.48 25.45 -27.09
CA GLU A 23 16.90 25.90 -25.83
C GLU A 23 15.40 26.14 -25.93
N TYR A 24 15.00 27.06 -26.80
CA TYR A 24 13.59 27.45 -26.90
C TYR A 24 12.81 26.63 -27.92
N GLY A 25 13.43 25.62 -28.53
CA GLY A 25 12.68 24.61 -29.24
C GLY A 25 12.24 24.93 -30.66
N GLU A 26 12.79 25.96 -31.28
CA GLU A 26 12.48 26.23 -32.68
C GLU A 26 13.58 25.70 -33.58
N ASP A 27 13.21 25.39 -34.83
CA ASP A 27 14.09 24.72 -35.75
C ASP A 27 14.89 25.72 -36.58
N LEU A 28 16.14 25.36 -36.88
CA LEU A 28 17.07 26.27 -37.53
C LEU A 28 16.86 26.35 -39.04
N LYS A 29 16.18 25.37 -39.65
CA LYS A 29 16.03 25.37 -41.10
C LYS A 29 15.03 26.41 -41.58
N ILE A 30 14.07 26.79 -40.74
CA ILE A 30 13.04 27.73 -41.16
C ILE A 30 13.52 29.18 -41.14
N GLU A 31 14.26 29.58 -40.10
CA GLU A 31 14.74 30.94 -39.99
C GLU A 31 16.12 30.91 -39.36
N THR A 32 17.15 31.23 -40.15
CA THR A 32 18.53 31.16 -39.70
C THR A 32 19.14 32.52 -39.38
N ASN A 33 18.55 33.62 -39.88
CA ASN A 33 19.11 34.93 -39.60
C ASN A 33 19.18 35.20 -38.10
N LYS A 34 18.24 34.67 -37.33
CA LYS A 34 18.31 34.80 -35.87
C LYS A 34 19.57 34.12 -35.34
N PHE A 35 19.89 32.96 -35.89
CA PHE A 35 21.11 32.24 -35.47
C PHE A 35 22.33 33.13 -35.67
N ALA A 36 22.47 33.71 -36.87
CA ALA A 36 23.62 34.56 -37.15
C ALA A 36 23.63 35.79 -36.24
N ALA A 37 22.48 36.45 -36.07
CA ALA A 37 22.44 37.67 -35.28
C ALA A 37 22.83 37.40 -33.83
N ILE A 38 22.24 36.37 -33.21
CA ILE A 38 22.55 36.09 -31.83
C ILE A 38 23.94 35.49 -31.66
N CYS A 39 24.47 34.79 -32.67
CA CYS A 39 25.85 34.31 -32.55
C CYS A 39 26.83 35.46 -32.67
N THR A 40 26.52 36.48 -33.46
CA THR A 40 27.35 37.68 -33.46
C THR A 40 27.24 38.43 -32.13
N HIS A 41 26.04 38.47 -31.54
CA HIS A 41 25.89 39.03 -30.20
C HIS A 41 26.78 38.28 -29.21
N LEU A 42 26.75 36.96 -29.27
CA LEU A 42 27.57 36.14 -28.38
C LEU A 42 29.06 36.36 -28.64
N GLU A 43 29.43 36.53 -29.91
CA GLU A 43 30.83 36.77 -30.25
C GLU A 43 31.30 38.10 -29.69
N VAL A 44 30.50 39.15 -29.82
CA VAL A 44 30.90 40.43 -29.25
C VAL A 44 30.97 40.30 -27.74
N CYS A 45 30.07 39.52 -27.14
CA CYS A 45 30.16 39.27 -25.70
C CYS A 45 31.51 38.69 -25.32
N PHE A 46 31.92 37.61 -26.00
CA PHE A 46 33.24 37.05 -25.71
C PHE A 46 34.33 38.09 -25.92
N MET A 47 34.43 38.61 -27.15
CA MET A 47 35.56 39.44 -27.52
C MET A 47 35.65 40.68 -26.64
N TYR A 48 34.53 41.09 -26.06
CA TYR A 48 34.46 42.20 -25.12
C TYR A 48 34.88 41.77 -23.71
N SER A 49 34.59 40.51 -23.36
CA SER A 49 34.92 40.03 -22.03
C SER A 49 36.36 39.51 -21.94
N ASP A 50 36.77 38.67 -22.89
CA ASP A 50 38.10 38.09 -22.84
C ASP A 50 39.16 39.17 -23.06
N PHE A 51 40.42 38.78 -22.90
CA PHE A 51 41.55 39.68 -23.07
C PHE A 51 41.51 40.82 -22.07
N HIS A 52 40.67 40.71 -21.05
CA HIS A 52 40.48 41.76 -20.05
C HIS A 52 40.55 41.13 -18.67
N PHE A 53 41.64 41.39 -17.94
CA PHE A 53 41.89 40.82 -16.64
C PHE A 53 42.05 41.93 -15.61
N ILE A 54 41.95 41.55 -14.33
CA ILE A 54 42.14 42.48 -13.22
C ILE A 54 43.06 41.82 -12.19
N ASN A 55 43.79 42.67 -11.46
CA ASN A 55 44.57 42.28 -10.31
C ASN A 55 43.97 42.94 -9.07
N GLU A 56 44.65 42.78 -7.93
CA GLU A 56 44.11 43.27 -6.66
C GLU A 56 43.69 44.73 -6.71
N ARG A 57 44.22 45.51 -7.65
CA ARG A 57 43.77 46.89 -7.84
C ARG A 57 42.47 46.89 -8.65
N GLY A 58 42.08 48.08 -9.11
CA GLY A 58 41.07 48.21 -10.14
C GLY A 58 41.76 48.13 -11.49
N GLU A 59 41.59 49.16 -12.32
CA GLU A 59 42.48 49.44 -13.44
C GLU A 59 42.91 48.16 -14.15
N SER A 60 41.93 47.48 -14.72
CA SER A 60 42.11 46.15 -15.30
C SER A 60 43.43 46.02 -16.04
N ILE A 61 44.11 44.89 -15.81
CA ILE A 61 45.30 44.52 -16.57
C ILE A 61 44.85 43.85 -17.85
N ILE A 62 45.30 44.38 -18.99
CA ILE A 62 44.92 43.88 -20.30
C ILE A 62 46.13 43.20 -20.91
N VAL A 63 46.00 41.90 -21.18
CA VAL A 63 47.07 41.10 -21.77
C VAL A 63 46.50 40.35 -22.96
N GLU A 64 47.24 40.37 -24.08
CA GLU A 64 46.79 39.66 -25.27
C GLU A 64 46.74 38.15 -25.05
N SER A 65 47.50 37.62 -24.09
CA SER A 65 47.49 36.19 -23.79
C SER A 65 47.77 36.01 -22.31
N GLY A 66 46.88 35.31 -21.62
CA GLY A 66 47.04 35.07 -20.20
C GLY A 66 48.28 34.25 -19.89
N ASP A 67 49.22 34.83 -19.16
CA ASP A 67 50.44 34.15 -18.79
C ASP A 67 50.20 33.18 -17.64
N PRO A 68 51.03 32.15 -17.51
CA PRO A 68 50.85 31.19 -16.41
C PRO A 68 51.05 31.87 -15.06
N ASN A 69 49.97 31.93 -14.28
CA ASN A 69 50.00 32.58 -12.98
C ASN A 69 48.66 32.43 -12.27
N ALA A 70 48.61 32.84 -11.00
CA ALA A 70 47.34 32.96 -10.31
C ALA A 70 46.58 34.22 -10.74
N LEU A 71 47.21 35.08 -11.53
CA LEU A 71 46.63 36.35 -11.96
C LEU A 71 45.92 36.18 -13.31
N LEU A 72 44.87 35.37 -13.30
CA LEU A 72 44.05 35.12 -14.48
C LEU A 72 42.61 35.59 -14.30
N LYS A 73 42.36 36.47 -13.33
CA LYS A 73 41.04 37.03 -13.12
C LYS A 73 40.54 37.70 -14.41
N HIS A 74 39.26 37.53 -14.69
CA HIS A 74 38.63 38.12 -15.87
C HIS A 74 37.90 39.40 -15.47
N ARG A 75 38.11 40.47 -16.25
CA ARG A 75 37.48 41.74 -15.94
C ARG A 75 35.96 41.62 -16.00
N PHE A 76 35.44 41.11 -17.11
CA PHE A 76 34.00 40.93 -17.31
C PHE A 76 33.71 39.44 -17.36
N GLU A 77 32.75 39.00 -16.55
CA GLU A 77 32.38 37.59 -16.48
C GLU A 77 31.01 37.40 -17.12
N ILE A 78 30.92 36.42 -18.02
CA ILE A 78 29.82 36.36 -18.96
C ILE A 78 28.57 35.77 -18.32
N ILE A 79 27.41 36.28 -18.72
CA ILE A 79 26.13 35.77 -18.26
C ILE A 79 25.57 34.81 -19.31
N GLU A 80 25.40 35.31 -20.53
CA GLU A 80 24.83 34.51 -21.61
C GLU A 80 25.85 33.43 -22.01
N GLY A 81 25.48 32.60 -22.99
CA GLY A 81 26.26 31.41 -23.27
C GLY A 81 25.97 30.29 -22.32
N ARG A 82 24.86 30.40 -21.56
CA ARG A 82 24.48 29.42 -20.56
C ARG A 82 22.98 29.19 -20.68
N ASP A 83 22.50 28.14 -20.01
CA ASP A 83 21.08 27.87 -20.01
C ASP A 83 20.35 28.88 -19.12
N ARG A 84 19.04 28.99 -19.33
CA ARG A 84 18.24 29.94 -18.55
C ARG A 84 18.36 29.64 -17.07
N THR A 85 18.33 28.37 -16.69
CA THR A 85 18.45 28.01 -15.27
C THR A 85 19.77 28.51 -14.70
N MET A 86 20.87 28.29 -15.42
CA MET A 86 22.15 28.76 -14.90
C MET A 86 22.30 30.27 -15.03
N ALA A 87 21.73 30.88 -16.07
CA ALA A 87 21.79 32.34 -16.17
C ALA A 87 21.13 32.98 -14.96
N TRP A 88 19.99 32.44 -14.56
CA TRP A 88 19.31 32.97 -13.37
C TRP A 88 20.03 32.54 -12.10
N THR A 89 20.72 31.39 -12.11
CA THR A 89 21.57 31.02 -10.99
C THR A 89 22.66 32.07 -10.77
N VAL A 90 23.37 32.45 -11.85
CA VAL A 90 24.40 33.46 -11.73
C VAL A 90 23.80 34.81 -11.33
N VAL A 91 22.65 35.15 -11.89
CA VAL A 91 22.01 36.41 -11.52
C VAL A 91 21.76 36.44 -10.01
N ASN A 92 21.12 35.40 -9.48
CA ASN A 92 20.79 35.39 -8.07
C ASN A 92 22.05 35.36 -7.20
N SER A 93 23.05 34.58 -7.60
CA SER A 93 24.28 34.51 -6.81
C SER A 93 24.97 35.86 -6.76
N ILE A 94 25.04 36.56 -7.89
CA ILE A 94 25.67 37.88 -7.91
C ILE A 94 24.88 38.85 -7.03
N CYS A 95 23.55 38.81 -7.13
CA CYS A 95 22.73 39.70 -6.31
C CYS A 95 22.95 39.44 -4.83
N ASN A 96 23.02 38.16 -4.43
CA ASN A 96 23.16 37.83 -3.02
C ASN A 96 24.57 38.07 -2.50
N THR A 97 25.59 38.04 -3.37
CA THR A 97 26.95 38.29 -2.92
C THR A 97 27.36 39.75 -3.09
N THR A 98 26.91 40.39 -4.17
CA THR A 98 27.24 41.79 -4.43
C THR A 98 26.29 42.76 -3.75
N GLY A 99 25.18 42.28 -3.20
CA GLY A 99 24.21 43.16 -2.56
C GLY A 99 23.56 44.11 -3.54
N ALA A 100 23.61 43.78 -4.83
CA ALA A 100 23.03 44.62 -5.86
C ALA A 100 21.56 44.26 -6.07
N GLU A 101 20.92 44.92 -7.04
CA GLU A 101 19.52 44.70 -7.35
C GLU A 101 19.39 43.65 -8.44
N LYS A 102 18.34 42.84 -8.35
CA LYS A 102 18.12 41.75 -9.28
C LYS A 102 17.38 42.25 -10.51
N PRO A 103 17.96 42.17 -11.71
CA PRO A 103 17.20 42.54 -12.91
C PRO A 103 16.18 41.47 -13.26
N LYS A 104 15.17 41.90 -14.02
CA LYS A 104 14.07 41.01 -14.40
C LYS A 104 14.34 40.28 -15.71
N PHE A 105 15.30 40.74 -16.51
CA PHE A 105 15.68 40.12 -17.77
C PHE A 105 17.13 39.66 -17.70
N LEU A 106 17.59 39.05 -18.80
CA LEU A 106 18.91 38.45 -18.83
C LEU A 106 19.98 39.51 -19.11
N PRO A 107 20.95 39.71 -18.21
CA PRO A 107 22.12 40.53 -18.58
C PRO A 107 23.12 39.74 -19.38
N ASP A 108 24.27 40.33 -19.70
CA ASP A 108 25.29 39.68 -20.50
C ASP A 108 26.64 39.56 -19.82
N LEU A 109 26.95 40.42 -18.85
CA LEU A 109 28.28 40.45 -18.27
C LEU A 109 28.19 41.07 -16.89
N TYR A 110 29.18 40.79 -16.04
CA TYR A 110 29.32 41.48 -14.77
C TYR A 110 30.74 42.00 -14.61
N ASP A 111 30.86 43.17 -13.97
CA ASP A 111 32.13 43.84 -13.74
C ASP A 111 32.27 44.25 -12.28
N TYR A 112 33.52 44.26 -11.81
CA TYR A 112 33.83 44.53 -10.40
C TYR A 112 33.98 46.02 -10.13
N LYS A 113 34.82 46.72 -10.88
CA LYS A 113 35.09 48.13 -10.65
C LYS A 113 33.81 48.86 -10.29
N GLU A 114 32.83 48.77 -11.18
CA GLU A 114 31.53 49.38 -11.03
C GLU A 114 30.49 48.44 -10.44
N ASN A 115 30.88 47.19 -10.16
CA ASN A 115 30.06 46.24 -9.43
C ASN A 115 28.65 46.16 -10.02
N ARG A 116 28.57 45.83 -11.30
CA ARG A 116 27.25 45.80 -11.92
C ARG A 116 27.29 45.09 -13.27
N PHE A 117 26.11 45.00 -13.88
CA PHE A 117 25.85 44.20 -15.07
C PHE A 117 26.02 45.03 -16.35
N ILE A 118 26.21 44.32 -17.45
CA ILE A 118 26.27 44.89 -18.79
C ILE A 118 25.37 44.04 -19.68
N GLU A 119 24.45 44.68 -20.40
CA GLU A 119 23.58 43.99 -21.34
C GLU A 119 23.96 44.46 -22.74
N ILE A 120 24.86 43.71 -23.37
CA ILE A 120 25.36 44.10 -24.68
C ILE A 120 24.39 43.64 -25.75
N GLY A 121 24.00 44.55 -26.63
CA GLY A 121 23.21 44.19 -27.79
C GLY A 121 23.59 45.03 -28.99
N VAL A 122 24.01 44.38 -30.07
CA VAL A 122 24.37 45.05 -31.31
C VAL A 122 23.30 44.72 -32.33
N THR A 123 22.46 45.69 -32.65
CA THR A 123 21.34 45.51 -33.57
C THR A 123 21.66 46.15 -34.92
N ARG A 124 20.92 45.73 -35.93
CA ARG A 124 21.09 46.28 -37.26
C ARG A 124 20.74 47.76 -37.29
N ARG A 125 19.66 48.13 -36.61
CA ARG A 125 19.24 49.54 -36.57
C ARG A 125 20.24 50.36 -35.79
N GLU A 126 20.16 51.68 -35.95
CA GLU A 126 21.08 52.58 -35.27
C GLU A 126 20.85 52.53 -33.77
N VAL A 127 21.89 52.91 -33.02
CA VAL A 127 21.91 52.70 -31.57
C VAL A 127 20.87 53.58 -30.88
N HIS A 128 20.79 54.85 -31.26
CA HIS A 128 20.07 55.84 -30.47
C HIS A 128 18.56 55.59 -30.36
N ILE A 129 18.07 54.51 -30.95
CA ILE A 129 16.70 54.08 -30.75
C ILE A 129 16.64 52.74 -30.01
N TYR A 130 17.46 51.77 -30.42
CA TYR A 130 17.50 50.48 -29.76
C TYR A 130 17.87 50.61 -28.29
N TYR A 131 18.75 51.56 -27.98
CA TYR A 131 19.19 51.76 -26.60
C TYR A 131 17.99 52.05 -25.70
N LEU A 132 17.28 53.14 -25.96
CA LEU A 132 16.12 53.47 -25.15
C LEU A 132 14.99 52.46 -25.30
N GLU A 133 14.92 51.74 -26.43
CA GLU A 133 13.95 50.65 -26.52
C GLU A 133 14.19 49.62 -25.44
N LYS A 134 15.37 48.99 -25.46
CA LYS A 134 15.68 48.01 -24.41
C LYS A 134 15.66 48.65 -23.02
N ALA A 135 15.93 49.95 -22.93
CA ALA A 135 15.86 50.61 -21.63
C ALA A 135 14.44 50.64 -21.09
N ASN A 136 13.46 50.93 -21.95
CA ASN A 136 12.07 50.94 -21.48
C ASN A 136 11.52 49.53 -21.35
N LYS A 137 12.19 48.54 -21.98
CA LYS A 137 11.87 47.15 -21.68
C LYS A 137 12.28 46.77 -20.26
N ILE A 138 13.37 47.35 -19.75
CA ILE A 138 13.91 47.02 -18.43
C ILE A 138 13.49 48.13 -17.46
N LYS A 139 12.93 47.74 -16.33
CA LYS A 139 12.31 48.69 -15.42
C LYS A 139 13.31 49.22 -14.40
N SER A 140 13.45 50.55 -14.36
CA SER A 140 14.23 51.23 -13.33
C SER A 140 15.57 50.53 -13.12
N GLU A 141 16.41 50.51 -14.15
CA GLU A 141 17.62 49.70 -14.17
C GLU A 141 18.83 50.54 -13.82
N LYS A 142 19.65 50.03 -12.90
CA LYS A 142 20.96 50.60 -12.62
C LYS A 142 22.07 49.91 -13.38
N THR A 143 21.86 48.69 -13.84
CA THR A 143 22.79 48.07 -14.78
C THR A 143 22.99 48.97 -15.99
N HIS A 144 24.24 49.32 -16.24
CA HIS A 144 24.58 50.15 -17.38
C HIS A 144 24.40 49.36 -18.66
N ILE A 145 23.90 50.03 -19.70
CA ILE A 145 23.61 49.42 -20.99
C ILE A 145 24.53 50.07 -22.03
N HIS A 146 25.07 49.25 -22.93
CA HIS A 146 25.95 49.74 -23.99
C HIS A 146 25.69 48.92 -25.25
N ILE A 147 25.48 49.61 -26.37
CA ILE A 147 25.13 48.96 -27.63
C ILE A 147 25.94 49.59 -28.76
N PHE A 148 26.33 48.76 -29.73
CA PHE A 148 26.88 49.21 -30.99
C PHE A 148 25.88 48.98 -32.12
N SER A 149 26.19 49.55 -33.28
CA SER A 149 25.42 49.31 -34.50
C SER A 149 26.36 49.41 -35.69
N PHE A 150 25.94 48.80 -36.80
CA PHE A 150 26.85 48.51 -37.90
C PHE A 150 27.53 49.75 -38.45
N THR A 151 26.88 50.92 -38.37
CA THR A 151 27.48 52.12 -38.93
C THR A 151 28.79 52.47 -38.23
N GLY A 152 28.99 51.97 -37.02
CA GLY A 152 30.24 52.16 -36.32
C GLY A 152 30.12 53.03 -35.08
N GLU A 153 28.91 53.48 -34.78
CA GLU A 153 28.68 54.41 -33.68
C GLU A 153 28.51 53.67 -32.36
N GLU A 154 28.90 54.33 -31.28
CA GLU A 154 28.71 53.83 -29.92
C GLU A 154 27.95 54.87 -29.11
N MET A 155 27.29 54.40 -28.05
CA MET A 155 26.59 55.31 -27.15
C MET A 155 26.41 54.63 -25.81
N ALA A 156 26.08 55.44 -24.81
CA ALA A 156 25.76 54.92 -23.48
C ALA A 156 25.28 56.04 -22.57
N THR A 157 24.47 55.70 -21.58
CA THR A 157 24.07 56.67 -20.58
C THR A 157 25.25 56.98 -19.66
N LYS A 158 25.16 58.09 -18.93
CA LYS A 158 26.25 58.62 -18.12
C LYS A 158 27.47 58.98 -18.97
N ALA A 159 27.35 58.93 -20.29
CA ALA A 159 28.50 59.04 -21.19
C ALA A 159 29.59 58.05 -20.78
N ASP A 160 29.19 56.92 -20.20
CA ASP A 160 30.13 55.99 -19.60
C ASP A 160 30.52 54.92 -20.61
N TYR A 161 31.83 54.71 -20.75
CA TYR A 161 32.38 53.61 -21.53
C TYR A 161 33.43 52.94 -20.66
N THR A 162 33.21 51.66 -20.34
CA THR A 162 33.79 51.07 -19.15
C THR A 162 35.23 50.58 -19.30
N LEU A 163 35.79 50.52 -20.49
CA LEU A 163 37.16 50.03 -20.63
C LEU A 163 37.82 50.71 -21.83
N ASP A 164 38.98 50.19 -22.22
CA ASP A 164 39.85 50.78 -23.23
C ASP A 164 39.11 51.06 -24.54
N GLU A 165 39.53 52.09 -25.26
CA GLU A 165 38.94 52.43 -26.54
C GLU A 165 39.50 51.61 -27.70
N GLU A 166 40.72 51.10 -27.57
CA GLU A 166 41.24 50.21 -28.61
C GLU A 166 40.41 48.93 -28.70
N SER A 167 39.86 48.47 -27.57
CA SER A 167 38.94 47.34 -27.61
C SER A 167 37.70 47.69 -28.41
N ARG A 168 37.17 48.91 -28.26
CA ARG A 168 36.00 49.32 -29.01
C ARG A 168 36.31 49.49 -30.50
N ALA A 169 37.52 49.96 -30.82
CA ALA A 169 37.95 49.96 -32.22
C ALA A 169 37.96 48.54 -32.76
N ARG A 170 38.43 47.59 -31.95
CA ARG A 170 38.34 46.18 -32.26
C ARG A 170 36.90 45.78 -32.57
N ILE A 171 35.98 46.18 -31.69
CA ILE A 171 34.57 45.82 -31.85
C ILE A 171 34.03 46.31 -33.18
N LYS A 172 34.26 47.59 -33.49
CA LYS A 172 33.70 48.14 -34.72
C LYS A 172 34.44 47.66 -35.97
N THR A 173 35.72 47.31 -35.87
CA THR A 173 36.40 46.66 -36.98
C THR A 173 35.78 45.29 -37.26
N ARG A 174 35.49 44.54 -36.21
CA ARG A 174 34.80 43.26 -36.31
C ARG A 174 33.45 43.50 -36.98
N LEU A 175 32.80 44.58 -36.55
CA LEU A 175 31.45 44.92 -37.02
C LEU A 175 31.43 45.18 -38.53
N PHE A 176 32.31 46.06 -39.00
CA PHE A 176 32.37 46.33 -40.44
C PHE A 176 32.96 45.17 -41.22
N THR A 177 33.79 44.32 -40.62
CA THR A 177 34.16 43.07 -41.27
C THR A 177 32.90 42.25 -41.57
N ILE A 178 32.03 42.12 -40.57
CA ILE A 178 30.76 41.43 -40.78
C ILE A 178 30.00 42.09 -41.92
N ARG A 179 29.90 43.42 -41.87
CA ARG A 179 29.07 44.16 -42.82
C ARG A 179 29.58 43.97 -44.25
N GLN A 180 30.80 44.43 -44.54
CA GLN A 180 31.31 44.28 -45.89
C GLN A 180 31.82 42.88 -46.18
N GLU A 181 31.48 41.88 -45.36
CA GLU A 181 31.55 40.51 -45.84
C GLU A 181 30.20 40.03 -46.33
N MET A 182 29.11 40.36 -45.61
CA MET A 182 27.81 40.14 -46.23
C MET A 182 27.73 40.89 -47.55
N ALA A 183 28.47 41.99 -47.67
CA ALA A 183 28.53 42.69 -48.95
C ALA A 183 28.91 41.74 -50.07
N SER A 184 29.93 40.91 -49.84
CA SER A 184 30.22 39.84 -50.77
C SER A 184 29.11 38.79 -50.80
N ARG A 185 28.40 38.59 -49.69
CA ARG A 185 27.32 37.61 -49.67
C ARG A 185 26.01 38.19 -50.22
N GLY A 186 25.53 39.29 -49.62
CA GLY A 186 24.35 39.98 -50.12
C GLY A 186 23.04 39.68 -49.42
N LEU A 187 23.00 39.86 -48.10
CA LEU A 187 21.87 39.40 -47.29
C LEU A 187 20.91 40.50 -46.82
N TRP A 188 21.19 41.78 -47.08
CA TRP A 188 20.37 42.82 -46.46
C TRP A 188 18.96 42.91 -47.00
N ASP A 189 18.59 42.12 -48.01
CA ASP A 189 17.18 42.07 -48.39
C ASP A 189 16.31 41.63 -47.23
N SER A 190 16.89 40.95 -46.23
CA SER A 190 16.18 40.56 -45.02
C SER A 190 16.98 40.76 -43.74
N PHE A 191 18.27 41.10 -43.84
CA PHE A 191 19.12 41.10 -42.65
C PHE A 191 18.65 42.14 -41.63
N ARG A 192 18.28 43.33 -42.09
CA ARG A 192 17.81 44.36 -41.19
C ARG A 192 16.55 43.91 -40.45
N GLN A 193 15.61 43.31 -41.17
CA GLN A 193 14.33 42.87 -40.61
C GLN A 193 14.09 41.42 -41.04
N SER A 194 14.48 40.48 -40.18
CA SER A 194 14.26 39.06 -40.43
C SER A 194 13.54 38.35 -39.29
N GLU A 195 13.55 38.90 -38.08
CA GLU A 195 12.85 38.32 -36.94
C GLU A 195 11.79 39.30 -36.46
N ARG A 196 10.59 38.79 -36.21
CA ARG A 196 9.47 39.62 -35.77
C ARG A 196 8.84 39.09 -34.48
N GLY A 197 9.43 38.09 -33.85
CA GLY A 197 8.91 37.56 -32.61
C GLY A 197 7.75 36.60 -32.79
N GLU A 198 7.99 35.51 -33.52
CA GLU A 198 6.98 34.49 -33.73
C GLU A 198 7.13 33.40 -32.67
N GLU A 199 6.04 33.13 -31.95
CA GLU A 199 6.00 32.03 -30.97
C GLU A 199 4.64 31.35 -31.11
N THR A 200 4.64 30.16 -31.74
CA THR A 200 3.43 29.39 -31.92
C THR A 200 3.81 27.97 -32.27
N ILE A 201 3.01 27.01 -31.80
CA ILE A 201 3.25 25.61 -32.08
C ILE A 201 1.95 24.85 -31.82
N GLU A 202 1.74 23.78 -32.58
CA GLU A 202 0.58 22.92 -32.43
C GLU A 202 1.05 21.53 -32.02
N GLU A 203 0.46 20.99 -30.97
CA GLU A 203 0.85 19.68 -30.49
C GLU A 203 0.25 18.60 -31.39
N ARG A 204 1.09 17.65 -31.80
CA ARG A 204 0.70 16.63 -32.77
C ARG A 204 0.92 15.26 -32.15
N PHE A 205 -0.16 14.51 -31.98
CA PHE A 205 -0.12 13.15 -31.46
C PHE A 205 -0.87 12.27 -32.45
N GLU A 206 -0.13 11.77 -33.45
CA GLU A 206 -0.73 11.08 -34.58
C GLU A 206 -0.62 9.57 -34.41
N ILE A 207 -1.75 8.89 -34.57
CA ILE A 207 -1.77 7.42 -34.58
C ILE A 207 -1.49 6.97 -36.01
N THR A 208 -0.44 6.18 -36.18
CA THR A 208 -0.04 5.72 -37.50
C THR A 208 0.77 4.45 -37.36
N GLY A 209 0.94 3.75 -38.48
CA GLY A 209 1.70 2.53 -38.46
C GLY A 209 0.96 1.41 -37.74
N THR A 210 1.74 0.52 -37.11
CA THR A 210 1.15 -0.65 -36.46
C THR A 210 0.10 -0.23 -35.44
N MET A 211 0.38 0.82 -34.65
CA MET A 211 -0.56 1.22 -33.61
C MET A 211 -1.89 1.64 -34.19
N ARG A 212 -1.93 2.08 -35.45
CA ARG A 212 -3.22 2.37 -36.08
C ARG A 212 -3.99 1.09 -36.36
N ARG A 213 -3.31 0.06 -36.86
CA ARG A 213 -4.00 -1.19 -37.16
C ARG A 213 -4.59 -1.79 -35.88
N LEU A 214 -3.85 -1.73 -34.78
CA LEU A 214 -4.41 -2.18 -33.50
C LEU A 214 -5.68 -1.42 -33.17
N ALA A 215 -5.72 -0.11 -33.47
CA ALA A 215 -6.94 0.66 -33.24
C ALA A 215 -8.08 0.16 -34.10
N ASP A 216 -7.78 -0.35 -35.29
CA ASP A 216 -8.81 -0.89 -36.16
C ASP A 216 -9.33 -2.25 -35.71
N GLN A 217 -8.65 -2.89 -34.76
CA GLN A 217 -9.05 -4.19 -34.24
C GLN A 217 -9.56 -4.11 -32.80
N SER A 218 -9.89 -2.92 -32.33
CA SER A 218 -10.39 -2.70 -30.98
C SER A 218 -11.71 -1.95 -31.01
N LEU A 219 -12.54 -2.26 -32.00
CA LEU A 219 -13.83 -1.65 -32.20
C LEU A 219 -14.95 -2.66 -32.03
N PRO A 220 -16.20 -2.22 -31.96
CA PRO A 220 -17.32 -3.16 -31.93
C PRO A 220 -17.30 -4.08 -33.13
N PRO A 221 -18.09 -5.15 -33.12
CA PRO A 221 -17.92 -6.19 -34.15
C PRO A 221 -18.14 -5.68 -35.57
N ASN A 222 -19.07 -4.74 -35.77
CA ASN A 222 -19.46 -4.30 -37.11
C ASN A 222 -18.87 -2.94 -37.48
N PHE A 223 -17.63 -2.68 -37.08
CA PHE A 223 -16.92 -1.47 -37.46
C PHE A 223 -15.59 -1.85 -38.09
N SER A 224 -15.15 -1.03 -39.04
CA SER A 224 -13.96 -1.33 -39.85
C SER A 224 -12.76 -0.44 -39.55
N SER A 225 -12.96 0.76 -39.05
CA SER A 225 -11.85 1.68 -38.81
C SER A 225 -12.20 2.60 -37.66
N LEU A 226 -11.16 3.08 -36.97
CA LEU A 226 -11.36 4.03 -35.89
C LEU A 226 -11.98 5.32 -36.39
N GLU A 227 -11.65 5.73 -37.61
CA GLU A 227 -12.28 6.92 -38.20
C GLU A 227 -13.78 6.75 -38.27
N ASN A 228 -14.24 5.63 -38.81
CA ASN A 228 -15.68 5.40 -38.96
C ASN A 228 -16.37 5.32 -37.61
N PHE A 229 -15.74 4.64 -36.64
CA PHE A 229 -16.37 4.53 -35.32
C PHE A 229 -16.46 5.88 -34.64
N ARG A 230 -15.41 6.70 -34.73
CA ARG A 230 -15.48 8.03 -34.13
C ARG A 230 -16.52 8.89 -34.83
N ALA A 231 -16.63 8.79 -36.15
CA ALA A 231 -17.67 9.52 -36.86
C ALA A 231 -19.05 9.10 -36.38
N TYR A 232 -19.27 7.78 -36.23
CA TYR A 232 -20.54 7.29 -35.74
C TYR A 232 -20.83 7.80 -34.33
N VAL A 233 -19.83 7.79 -33.46
CA VAL A 233 -20.02 8.27 -32.10
C VAL A 233 -20.38 9.75 -32.11
N ASP A 234 -19.67 10.55 -32.90
CA ASP A 234 -19.98 11.97 -32.98
C ASP A 234 -21.38 12.21 -33.51
N GLY A 235 -21.82 11.39 -34.47
CA GLY A 235 -23.16 11.49 -35.00
C GLY A 235 -24.23 10.80 -34.19
N PHE A 236 -23.84 10.09 -33.13
CA PHE A 236 -24.80 9.37 -32.31
C PHE A 236 -25.55 10.33 -31.38
N GLU A 237 -26.86 10.10 -31.25
CA GLU A 237 -27.69 10.83 -30.32
C GLU A 237 -28.69 9.86 -29.70
N PRO A 238 -29.10 10.08 -28.45
CA PRO A 238 -30.02 9.13 -27.81
C PRO A 238 -31.38 9.13 -28.49
N ASN A 239 -31.82 7.94 -28.88
CA ASN A 239 -33.12 7.76 -29.53
C ASN A 239 -33.84 6.54 -28.96
N GLY A 240 -33.81 6.41 -27.64
CA GLY A 240 -34.50 5.32 -26.97
C GLY A 240 -34.04 3.95 -27.43
N TYR A 241 -32.75 3.65 -27.23
CA TYR A 241 -32.19 2.35 -27.57
C TYR A 241 -32.16 1.40 -26.39
N ILE A 242 -32.02 1.92 -25.17
CA ILE A 242 -32.07 1.04 -23.99
C ILE A 242 -33.46 0.42 -23.85
N GLU A 243 -34.51 1.21 -24.13
CA GLU A 243 -35.86 0.69 -24.01
C GLU A 243 -36.12 -0.45 -24.99
N GLY A 244 -35.63 -0.30 -26.22
CA GLY A 244 -35.86 -1.35 -27.21
C GLY A 244 -35.24 -2.67 -26.81
N LYS A 245 -33.99 -2.65 -26.37
CA LYS A 245 -33.34 -3.88 -25.96
C LYS A 245 -33.91 -4.42 -24.65
N LEU A 246 -34.35 -3.53 -23.74
CA LEU A 246 -35.01 -3.99 -22.54
C LEU A 246 -36.29 -4.75 -22.89
N SER A 247 -37.07 -4.21 -23.83
CA SER A 247 -38.27 -4.91 -24.27
C SER A 247 -37.94 -6.21 -24.98
N GLN A 248 -36.90 -6.22 -25.81
CA GLN A 248 -36.54 -7.42 -26.55
C GLN A 248 -35.85 -8.46 -25.67
N MET A 249 -35.14 -8.02 -24.63
CA MET A 249 -34.42 -8.95 -23.78
C MET A 249 -35.39 -9.93 -23.12
N SER A 250 -34.94 -11.17 -22.96
CA SER A 250 -35.79 -12.19 -22.36
C SER A 250 -36.18 -11.80 -20.94
N LYS A 251 -37.42 -12.12 -20.56
CA LYS A 251 -37.93 -11.78 -19.25
C LYS A 251 -37.38 -12.66 -18.15
N GLU A 252 -36.75 -13.78 -18.49
CA GLU A 252 -36.11 -14.62 -17.48
C GLU A 252 -34.94 -13.93 -16.80
N VAL A 253 -34.44 -12.84 -17.38
CA VAL A 253 -33.38 -12.03 -16.77
C VAL A 253 -34.06 -11.10 -15.78
N ASN A 254 -34.15 -11.52 -14.52
CA ASN A 254 -34.86 -10.76 -13.50
C ASN A 254 -34.11 -10.87 -12.19
N ALA A 255 -34.49 -10.01 -11.24
CA ALA A 255 -33.92 -9.96 -9.90
C ALA A 255 -35.02 -10.08 -8.87
N ARG A 256 -35.89 -11.07 -9.05
CA ARG A 256 -37.05 -11.22 -8.17
C ARG A 256 -36.61 -11.35 -6.72
N ILE A 257 -37.36 -10.70 -5.84
CA ILE A 257 -37.03 -10.65 -4.41
C ILE A 257 -37.78 -11.78 -3.72
N GLU A 258 -37.04 -12.66 -3.05
CA GLU A 258 -37.64 -13.74 -2.28
C GLU A 258 -37.84 -13.26 -0.85
N PRO A 259 -39.07 -13.20 -0.33
CA PRO A 259 -39.25 -12.74 1.06
C PRO A 259 -38.48 -13.61 2.04
N PHE A 260 -37.95 -12.95 3.08
CA PHE A 260 -37.20 -13.61 4.13
C PHE A 260 -38.04 -13.58 5.40
N LEU A 261 -38.55 -14.75 5.81
CA LEU A 261 -39.43 -14.87 6.95
C LEU A 261 -38.75 -15.70 8.05
N LYS A 262 -39.47 -15.88 9.15
CA LYS A 262 -38.92 -16.65 10.27
C LYS A 262 -38.67 -18.10 9.87
N THR A 263 -39.52 -18.66 9.01
CA THR A 263 -39.41 -20.06 8.61
C THR A 263 -38.46 -20.27 7.44
N THR A 264 -37.90 -19.20 6.88
CA THR A 264 -37.04 -19.31 5.70
C THR A 264 -35.66 -19.85 6.05
N PRO A 265 -34.93 -19.24 6.98
CA PRO A 265 -33.55 -19.68 7.22
C PRO A 265 -33.50 -21.07 7.83
N ARG A 266 -32.62 -21.89 7.28
CA ARG A 266 -32.39 -23.25 7.75
C ARG A 266 -31.04 -23.33 8.46
N PRO A 267 -30.88 -24.26 9.41
CA PRO A 267 -29.61 -24.38 10.11
C PRO A 267 -28.47 -24.73 9.17
N LEU A 268 -27.29 -24.15 9.43
CA LEU A 268 -26.12 -24.45 8.63
C LEU A 268 -25.68 -25.88 8.85
N ARG A 269 -25.43 -26.61 7.76
CA ARG A 269 -24.99 -27.98 7.86
C ARG A 269 -23.51 -28.05 8.16
N LEU A 270 -23.14 -28.92 9.11
CA LEU A 270 -21.74 -29.08 9.46
C LEU A 270 -21.16 -30.31 8.77
N PRO A 271 -19.88 -30.29 8.40
CA PRO A 271 -19.29 -31.46 7.76
C PRO A 271 -19.22 -32.66 8.70
N ASP A 272 -19.27 -33.85 8.10
CA ASP A 272 -19.21 -35.10 8.84
C ASP A 272 -17.91 -35.83 8.51
N GLY A 273 -17.35 -36.48 9.52
CA GLY A 273 -16.11 -37.20 9.37
C GLY A 273 -15.47 -37.50 10.71
N PRO A 274 -14.18 -37.84 10.70
CA PRO A 274 -13.51 -38.11 11.97
C PRO A 274 -13.51 -36.87 12.85
N PRO A 275 -13.53 -37.05 14.17
CA PRO A 275 -13.59 -35.88 15.06
C PRO A 275 -12.44 -34.92 14.81
N CYS A 276 -12.65 -33.67 15.24
CA CYS A 276 -11.65 -32.62 15.05
C CYS A 276 -10.56 -32.75 16.11
N SER A 277 -9.33 -32.47 15.69
CA SER A 277 -8.15 -32.60 16.55
C SER A 277 -7.70 -31.25 17.06
N GLN A 278 -6.68 -31.28 17.91
CA GLN A 278 -6.12 -30.07 18.49
C GLN A 278 -5.06 -29.48 17.56
N ARG A 279 -5.10 -28.17 17.39
CA ARG A 279 -4.18 -27.47 16.50
C ARG A 279 -3.29 -26.44 17.19
N SER A 280 -3.57 -26.13 18.46
CA SER A 280 -2.82 -25.08 19.16
C SER A 280 -1.35 -25.43 19.24
N LYS A 281 -0.50 -24.42 19.42
CA LYS A 281 0.93 -24.62 19.57
C LYS A 281 1.32 -24.93 21.01
N PHE A 282 0.37 -24.92 21.94
CA PHE A 282 0.64 -25.25 23.33
C PHE A 282 -0.67 -25.67 23.99
N LEU A 283 -0.55 -26.38 25.11
CA LEU A 283 -1.73 -26.78 25.86
C LEU A 283 -2.40 -25.56 26.48
N LEU A 284 -3.72 -25.50 26.37
CA LEU A 284 -4.50 -24.39 26.90
C LEU A 284 -5.29 -24.78 28.15
N MET A 285 -6.08 -25.85 28.08
CA MET A 285 -6.91 -26.26 29.19
C MET A 285 -6.22 -27.27 30.11
N ASP A 286 -5.19 -27.97 29.62
CA ASP A 286 -4.55 -29.05 30.35
C ASP A 286 -3.12 -28.69 30.78
N ALA A 287 -2.82 -27.40 30.90
CA ALA A 287 -1.48 -26.98 31.28
C ALA A 287 -1.26 -27.18 32.78
N LEU A 288 0.01 -27.37 33.14
CA LEU A 288 0.40 -27.48 34.53
C LEU A 288 1.59 -26.54 34.78
N LYS A 289 1.67 -26.03 35.99
CA LYS A 289 2.61 -24.96 36.33
C LYS A 289 3.50 -25.40 37.49
N LEU A 290 4.81 -25.35 37.28
CA LEU A 290 5.79 -25.51 38.34
C LEU A 290 6.36 -24.15 38.68
N SER A 291 6.38 -23.82 39.97
CA SER A 291 6.60 -22.44 40.40
C SER A 291 7.70 -22.35 41.44
N ILE A 292 8.21 -21.13 41.62
CA ILE A 292 9.28 -20.85 42.56
C ILE A 292 8.94 -19.74 43.55
N GLU A 293 8.01 -18.85 43.21
CA GLU A 293 7.64 -17.75 44.10
C GLU A 293 8.76 -16.72 44.21
N ASP A 294 9.40 -16.41 43.10
CA ASP A 294 10.47 -15.44 43.05
C ASP A 294 9.92 -14.03 42.89
N PRO A 295 10.70 -13.01 43.20
CA PRO A 295 10.24 -11.62 43.05
C PRO A 295 10.51 -10.97 41.70
N SER A 296 11.00 -11.73 40.71
CA SER A 296 11.36 -11.16 39.42
C SER A 296 10.12 -10.84 38.60
N HIS A 297 10.28 -9.89 37.68
CA HIS A 297 9.20 -9.47 36.80
C HIS A 297 9.21 -10.30 35.52
N GLU A 298 8.24 -10.04 34.64
CA GLU A 298 8.03 -10.87 33.46
C GLU A 298 9.32 -11.06 32.67
N GLY A 299 9.87 -9.97 32.13
CA GLY A 299 11.10 -10.08 31.36
C GLY A 299 12.34 -10.24 32.21
N GLU A 300 12.27 -9.84 33.47
CA GLU A 300 13.43 -9.92 34.34
C GLU A 300 13.78 -11.37 34.63
N GLY A 301 15.07 -11.69 34.56
CA GLY A 301 15.57 -13.00 34.89
C GLY A 301 16.24 -13.66 33.70
N ILE A 302 16.74 -14.87 33.95
CA ILE A 302 17.39 -15.70 32.94
C ILE A 302 16.55 -16.96 32.76
N PRO A 303 16.23 -17.37 31.53
CA PRO A 303 15.26 -18.46 31.37
C PRO A 303 15.71 -19.79 31.94
N LEU A 304 16.91 -20.26 31.58
CA LEU A 304 17.30 -21.63 31.92
C LEU A 304 17.37 -21.84 33.42
N TYR A 305 17.96 -20.88 34.15
CA TYR A 305 18.06 -21.04 35.60
C TYR A 305 16.69 -21.07 36.25
N ASP A 306 15.79 -20.20 35.80
CA ASP A 306 14.43 -20.19 36.34
C ASP A 306 13.74 -21.52 36.07
N ALA A 307 13.89 -22.06 34.85
CA ALA A 307 13.26 -23.33 34.52
C ALA A 307 13.80 -24.46 35.39
N ILE A 308 15.13 -24.50 35.56
CA ILE A 308 15.72 -25.56 36.37
C ILE A 308 15.27 -25.43 37.82
N LYS A 309 15.25 -24.21 38.35
CA LYS A 309 14.81 -24.01 39.73
C LYS A 309 13.36 -24.41 39.92
N CYS A 310 12.50 -24.08 38.96
CA CYS A 310 11.10 -24.48 39.03
C CYS A 310 10.98 -26.00 39.00
N MET A 311 11.75 -26.66 38.13
CA MET A 311 11.62 -28.11 38.00
C MET A 311 12.16 -28.83 39.22
N ARG A 312 13.19 -28.30 39.87
CA ARG A 312 13.68 -28.88 41.11
C ARG A 312 12.68 -28.75 42.26
N THR A 313 11.69 -27.87 42.14
CA THR A 313 10.67 -27.72 43.16
C THR A 313 9.72 -28.92 43.22
N PHE A 314 9.73 -29.78 42.21
CA PHE A 314 8.85 -30.93 42.14
C PHE A 314 9.64 -32.20 42.41
N PHE A 315 9.09 -33.08 43.25
CA PHE A 315 9.70 -34.35 43.58
C PHE A 315 8.72 -35.47 43.26
N GLY A 316 9.25 -36.59 42.76
CA GLY A 316 8.42 -37.71 42.36
C GLY A 316 8.69 -38.16 40.95
N TRP A 317 9.83 -37.75 40.40
CA TRP A 317 10.18 -38.14 39.04
C TRP A 317 10.26 -39.65 38.90
N LYS A 318 9.74 -40.17 37.80
CA LYS A 318 9.81 -41.58 37.47
C LYS A 318 10.42 -41.74 36.09
N GLU A 319 10.95 -42.92 35.82
CA GLU A 319 11.49 -43.20 34.50
C GLU A 319 10.35 -43.10 33.47
N PRO A 320 10.50 -42.27 32.45
CA PRO A 320 9.36 -42.06 31.54
C PRO A 320 9.06 -43.30 30.71
N ASN A 321 7.78 -43.48 30.38
CA ASN A 321 7.33 -44.60 29.57
C ASN A 321 6.17 -44.14 28.71
N VAL A 322 5.94 -44.87 27.62
CA VAL A 322 4.89 -44.50 26.67
C VAL A 322 3.53 -44.78 27.27
N VAL A 323 2.62 -43.82 27.13
CA VAL A 323 1.23 -43.98 27.57
C VAL A 323 0.34 -43.97 26.34
N LYS A 324 0.39 -42.90 25.57
CA LYS A 324 -0.39 -42.79 24.33
C LYS A 324 0.55 -42.48 23.17
N PRO A 325 0.68 -43.36 22.18
CA PRO A 325 1.63 -43.10 21.09
C PRO A 325 1.12 -42.03 20.12
N HIS A 326 2.07 -41.53 19.33
CA HIS A 326 1.71 -40.53 18.31
C HIS A 326 0.79 -41.12 17.25
N GLU A 327 0.84 -42.43 17.04
CA GLU A 327 0.06 -43.20 16.07
C GLU A 327 0.59 -43.00 14.64
N LYS A 328 1.55 -42.09 14.42
CA LYS A 328 2.15 -41.92 13.10
C LYS A 328 3.65 -41.73 13.14
N GLY A 329 4.24 -41.44 14.30
CA GLY A 329 5.66 -41.21 14.42
C GLY A 329 6.37 -42.33 15.17
N ILE A 330 7.55 -42.01 15.69
CA ILE A 330 8.37 -42.95 16.42
C ILE A 330 8.44 -42.45 17.85
N ASN A 331 7.55 -42.96 18.71
CA ASN A 331 7.50 -42.51 20.09
C ASN A 331 8.81 -42.68 20.84
N PRO A 332 9.56 -43.76 20.66
CA PRO A 332 10.87 -43.86 21.33
C PRO A 332 11.75 -42.65 21.09
N ASN A 333 11.66 -42.02 19.91
CA ASN A 333 12.40 -40.79 19.69
C ASN A 333 11.96 -39.69 20.66
N TYR A 334 10.65 -39.56 20.88
CA TYR A 334 10.17 -38.57 21.84
C TYR A 334 10.66 -38.88 23.24
N LEU A 335 10.62 -40.16 23.63
CA LEU A 335 11.12 -40.55 24.95
C LEU A 335 12.59 -40.19 25.11
N LEU A 336 13.40 -40.53 24.11
CA LEU A 336 14.83 -40.24 24.18
C LEU A 336 15.08 -38.74 24.18
N ALA A 337 14.26 -37.98 23.45
CA ALA A 337 14.40 -36.53 23.45
C ALA A 337 14.12 -35.95 24.83
N TRP A 338 13.08 -36.46 25.50
CA TRP A 338 12.78 -35.98 26.85
C TRP A 338 13.93 -36.28 27.80
N LYS A 339 14.44 -37.50 27.76
CA LYS A 339 15.56 -37.83 28.63
C LYS A 339 16.81 -37.01 28.30
N GLN A 340 17.04 -36.74 27.01
CA GLN A 340 18.15 -35.89 26.61
C GLN A 340 17.99 -34.48 27.16
N VAL A 341 16.77 -33.94 27.10
CA VAL A 341 16.53 -32.60 27.64
C VAL A 341 16.83 -32.58 29.12
N LEU A 342 16.37 -33.60 29.86
CA LEU A 342 16.66 -33.65 31.29
C LEU A 342 18.16 -33.72 31.55
N ALA A 343 18.86 -34.58 30.80
CA ALA A 343 20.30 -34.75 31.02
C ALA A 343 21.05 -33.45 30.77
N GLU A 344 20.71 -32.75 29.68
CA GLU A 344 21.42 -31.51 29.37
C GLU A 344 21.03 -30.39 30.33
N LEU A 345 19.81 -30.42 30.86
CA LEU A 345 19.44 -29.47 31.91
C LEU A 345 20.31 -29.67 33.13
N GLN A 346 20.53 -30.93 33.53
CA GLN A 346 21.46 -31.20 34.63
C GLN A 346 22.87 -30.72 34.28
N ASP A 347 23.29 -30.97 33.03
CA ASP A 347 24.63 -30.55 32.60
C ASP A 347 24.81 -29.05 32.78
N ILE A 348 23.78 -28.27 32.46
CA ILE A 348 23.85 -26.83 32.72
C ILE A 348 23.87 -26.56 34.22
N GLU A 349 23.06 -27.29 34.98
CA GLU A 349 23.04 -27.05 36.42
C GLU A 349 24.42 -27.21 37.04
N ASN A 350 25.23 -28.13 36.49
CA ASN A 350 26.53 -28.40 37.12
C ASN A 350 27.49 -27.23 36.94
N GLU A 351 27.56 -26.66 35.75
CA GLU A 351 28.64 -25.73 35.41
C GLU A 351 28.47 -24.39 36.13
N GLU A 352 29.39 -23.47 35.84
CA GLU A 352 29.57 -22.27 36.64
C GLU A 352 28.37 -21.34 36.62
N LYS A 353 28.04 -20.77 35.46
CA LYS A 353 26.93 -19.83 35.33
C LYS A 353 26.01 -20.30 34.22
N ILE A 354 24.71 -20.33 34.51
CA ILE A 354 23.70 -20.82 33.58
C ILE A 354 23.77 -19.97 32.32
N PRO A 355 23.98 -20.56 31.13
CA PRO A 355 24.00 -19.74 29.91
C PRO A 355 22.63 -19.11 29.65
N LYS A 356 22.65 -17.91 29.06
CA LYS A 356 21.40 -17.23 28.74
C LYS A 356 20.59 -18.04 27.73
N THR A 357 21.25 -18.64 26.75
CA THR A 357 20.60 -19.47 25.74
C THR A 357 21.46 -20.69 25.49
N LYS A 358 20.84 -21.87 25.45
CA LYS A 358 21.57 -23.11 25.26
C LYS A 358 21.27 -23.73 23.91
N ASN A 359 22.28 -24.32 23.30
CA ASN A 359 22.14 -25.12 22.11
C ASN A 359 22.25 -26.60 22.45
N MET A 360 21.41 -27.41 21.80
CA MET A 360 21.39 -28.84 22.04
C MET A 360 22.12 -29.59 20.93
N LYS A 361 22.47 -30.83 21.23
CA LYS A 361 23.14 -31.69 20.25
C LYS A 361 22.14 -32.16 19.19
N LYS A 362 22.64 -32.32 17.97
CA LYS A 362 21.81 -32.74 16.85
C LYS A 362 21.88 -34.25 16.67
N THR A 363 21.19 -34.95 17.57
CA THR A 363 21.10 -36.40 17.50
C THR A 363 20.03 -36.81 16.50
N SER A 364 20.11 -38.09 16.07
CA SER A 364 19.12 -38.60 15.14
C SER A 364 17.71 -38.44 15.68
N GLN A 365 17.55 -38.50 17.01
CA GLN A 365 16.24 -38.37 17.62
C GLN A 365 15.56 -37.07 17.19
N LEU A 366 16.21 -35.94 17.48
CA LEU A 366 15.65 -34.65 17.12
C LEU A 366 15.83 -34.35 15.63
N LYS A 367 16.74 -35.03 14.95
CA LYS A 367 16.80 -34.93 13.50
C LYS A 367 15.50 -35.41 12.88
N TRP A 368 14.97 -36.53 13.38
CA TRP A 368 13.66 -37.00 12.92
C TRP A 368 12.54 -36.13 13.46
N ALA A 369 12.60 -35.80 14.76
CA ALA A 369 11.51 -35.04 15.36
C ALA A 369 11.37 -33.65 14.77
N LEU A 370 12.48 -33.04 14.34
CA LEU A 370 12.46 -31.69 13.78
C LEU A 370 12.41 -31.70 12.25
N GLY A 371 12.32 -32.87 11.63
CA GLY A 371 12.25 -32.94 10.18
C GLY A 371 13.44 -32.31 9.49
N GLU A 372 14.61 -32.93 9.65
CA GLU A 372 15.85 -32.43 9.09
C GLU A 372 16.26 -33.29 7.89
N ASN A 373 16.72 -32.63 6.83
CA ASN A 373 17.17 -33.31 5.61
C ASN A 373 16.03 -34.12 4.99
N MET A 374 14.80 -33.63 5.10
CA MET A 374 13.66 -34.29 4.49
C MET A 374 13.08 -33.54 3.30
N ALA A 375 13.44 -32.27 3.13
CA ALA A 375 13.00 -31.54 1.95
C ALA A 375 13.63 -32.17 0.70
N PRO A 376 12.85 -32.51 -0.32
CA PRO A 376 13.46 -33.07 -1.53
C PRO A 376 14.46 -32.11 -2.14
N GLU A 377 15.58 -32.67 -2.63
CA GLU A 377 16.60 -31.85 -3.25
C GLU A 377 16.09 -31.24 -4.54
N LYS A 378 16.39 -29.96 -4.75
CA LYS A 378 15.92 -29.25 -5.93
C LYS A 378 16.82 -29.55 -7.12
N VAL A 379 16.20 -29.95 -8.24
CA VAL A 379 16.91 -30.31 -9.45
C VAL A 379 16.23 -29.63 -10.64
N ASP A 380 16.74 -29.90 -11.83
CA ASP A 380 16.22 -29.32 -13.06
C ASP A 380 15.28 -30.28 -13.76
N PHE A 381 14.30 -29.72 -14.47
CA PHE A 381 13.29 -30.54 -15.13
C PHE A 381 13.92 -31.39 -16.24
N ASP A 382 14.90 -30.84 -16.96
CA ASP A 382 15.50 -31.57 -18.06
C ASP A 382 16.20 -32.85 -17.60
N ASP A 383 16.49 -32.98 -16.31
CA ASP A 383 17.13 -34.17 -15.77
C ASP A 383 16.16 -35.15 -15.12
N CYS A 384 14.92 -34.73 -14.86
CA CYS A 384 13.91 -35.59 -14.25
C CYS A 384 12.60 -35.39 -15.01
N LYS A 385 12.43 -36.19 -16.07
CA LYS A 385 11.20 -36.13 -16.86
C LYS A 385 10.61 -37.52 -17.05
N ASP A 386 11.46 -38.55 -17.02
CA ASP A 386 11.01 -39.92 -17.22
C ASP A 386 10.56 -40.59 -15.93
N VAL A 387 10.61 -39.88 -14.80
CA VAL A 387 10.19 -40.46 -13.52
C VAL A 387 8.67 -40.47 -13.49
N SER A 388 8.08 -41.66 -13.43
CA SER A 388 6.62 -41.78 -13.47
C SER A 388 5.97 -41.10 -12.26
N ASP A 389 6.58 -41.24 -11.09
CA ASP A 389 6.02 -40.66 -9.87
C ASP A 389 6.05 -39.14 -9.86
N LEU A 390 6.75 -38.50 -10.81
CA LEU A 390 6.89 -37.06 -10.81
C LEU A 390 5.55 -36.41 -11.19
N LYS A 391 5.02 -35.59 -10.29
CA LYS A 391 3.72 -34.95 -10.49
C LYS A 391 3.67 -33.68 -9.65
N GLN A 392 2.53 -33.01 -9.70
CA GLN A 392 2.35 -31.78 -8.93
C GLN A 392 2.31 -32.07 -7.43
N TYR A 393 2.47 -31.00 -6.65
CA TYR A 393 2.21 -31.07 -5.23
C TYR A 393 0.73 -31.34 -4.98
N ASP A 394 0.45 -32.09 -3.92
CA ASP A 394 -0.92 -32.44 -3.59
C ASP A 394 -1.71 -31.16 -3.31
N SER A 395 -2.68 -30.85 -4.17
CA SER A 395 -3.49 -29.64 -4.07
C SER A 395 -4.96 -30.05 -4.17
N ASP A 396 -5.59 -30.25 -3.01
CA ASP A 396 -6.99 -30.63 -2.95
C ASP A 396 -7.61 -30.05 -1.69
N GLU A 397 -8.93 -30.16 -1.60
CA GLU A 397 -9.63 -29.65 -0.43
C GLU A 397 -9.16 -30.43 0.81
N PRO A 398 -8.95 -29.75 1.94
CA PRO A 398 -8.49 -30.46 3.14
C PRO A 398 -9.45 -31.57 3.54
N GLU A 399 -8.96 -32.46 4.40
CA GLU A 399 -9.77 -33.55 4.90
C GLU A 399 -10.96 -33.00 5.69
N LEU A 400 -12.10 -33.66 5.57
CA LEU A 400 -13.29 -33.25 6.29
C LEU A 400 -13.29 -33.87 7.68
N ARG A 401 -13.65 -33.07 8.68
CA ARG A 401 -13.69 -33.52 10.07
C ARG A 401 -14.90 -32.89 10.76
N SER A 402 -15.56 -33.69 11.57
CA SER A 402 -16.75 -33.24 12.30
C SER A 402 -16.35 -32.62 13.63
N LEU A 403 -17.20 -31.73 14.13
CA LEU A 403 -16.92 -31.06 15.39
C LEU A 403 -17.00 -32.04 16.55
N ALA A 404 -16.20 -31.76 17.58
CA ALA A 404 -16.19 -32.53 18.82
C ALA A 404 -16.52 -31.60 19.98
N SER A 405 -16.87 -32.20 21.11
CA SER A 405 -17.31 -31.44 22.27
C SER A 405 -16.16 -30.86 23.09
N TRP A 406 -14.91 -31.19 22.76
CA TRP A 406 -13.80 -30.72 23.59
C TRP A 406 -13.51 -29.24 23.38
N ILE A 407 -13.71 -28.73 22.17
CA ILE A 407 -13.46 -27.31 21.92
C ILE A 407 -14.45 -26.45 22.71
N GLN A 408 -15.69 -26.91 22.83
CA GLN A 408 -16.67 -26.17 23.61
C GLN A 408 -16.25 -26.04 25.06
N SER A 409 -15.84 -27.16 25.67
CA SER A 409 -15.38 -27.11 27.06
C SER A 409 -14.10 -26.29 27.20
N GLU A 410 -13.21 -26.37 26.21
CA GLU A 410 -11.99 -25.58 26.26
C GLU A 410 -12.31 -24.09 26.26
N PHE A 411 -13.23 -23.66 25.41
CA PHE A 411 -13.65 -22.26 25.43
C PHE A 411 -14.36 -21.92 26.73
N ASN A 412 -15.17 -22.84 27.25
CA ASN A 412 -15.85 -22.59 28.51
C ASN A 412 -14.87 -22.29 29.62
N LYS A 413 -13.84 -23.11 29.75
CA LYS A 413 -12.84 -22.91 30.80
C LYS A 413 -11.81 -21.86 30.43
N ALA A 414 -11.80 -21.38 29.19
CA ALA A 414 -10.95 -20.25 28.82
C ALA A 414 -11.53 -18.92 29.25
N CYS A 415 -12.81 -18.89 29.66
CA CYS A 415 -13.46 -17.67 30.13
C CYS A 415 -13.62 -17.65 31.65
N GLU A 416 -13.01 -18.60 32.35
CA GLU A 416 -13.17 -18.72 33.79
C GLU A 416 -12.09 -17.92 34.52
N LEU A 417 -12.42 -17.48 35.73
CA LEU A 417 -11.49 -16.72 36.55
C LEU A 417 -10.36 -17.62 37.03
N THR A 418 -9.33 -17.00 37.61
CA THR A 418 -8.15 -17.72 38.09
C THR A 418 -7.72 -17.10 39.42
N ASP A 419 -6.72 -17.73 40.04
CA ASP A 419 -6.18 -17.27 41.31
C ASP A 419 -4.89 -16.47 41.13
N SER A 420 -4.76 -15.75 40.01
CA SER A 420 -3.55 -15.01 39.72
C SER A 420 -3.88 -13.85 38.80
N SER A 421 -2.97 -12.89 38.73
CA SER A 421 -3.07 -11.76 37.82
C SER A 421 -2.02 -11.95 36.72
N TRP A 422 -2.48 -12.13 35.49
CA TRP A 422 -1.61 -12.48 34.38
C TRP A 422 -1.26 -11.30 33.49
N ILE A 423 -1.59 -10.08 33.90
CA ILE A 423 -1.23 -8.88 33.15
C ILE A 423 -0.61 -7.89 34.13
N GLU A 424 0.61 -7.44 33.82
CA GLU A 424 1.28 -6.38 34.56
C GLU A 424 1.52 -5.24 33.58
N LEU A 425 0.61 -4.27 33.57
CA LEU A 425 0.63 -3.24 32.55
C LEU A 425 1.76 -2.24 32.79
N ASP A 426 2.09 -1.50 31.74
CA ASP A 426 3.19 -0.55 31.78
C ASP A 426 2.72 0.76 32.41
N GLU A 427 3.54 1.81 32.29
CA GLU A 427 3.25 3.11 32.88
C GLU A 427 2.70 4.06 31.83
N ILE A 428 1.92 5.03 32.29
CA ILE A 428 1.37 6.07 31.43
C ILE A 428 1.57 7.41 32.12
N GLY A 429 1.52 8.48 31.33
CA GLY A 429 1.61 9.81 31.88
C GLY A 429 0.55 10.05 32.93
N GLU A 430 0.91 10.70 34.03
CA GLU A 430 -0.04 10.92 35.11
C GLU A 430 -1.26 11.68 34.58
N ASP A 431 -2.45 11.18 34.92
CA ASP A 431 -3.68 11.76 34.40
C ASP A 431 -3.84 13.18 34.89
N VAL A 432 -4.16 14.10 33.97
CA VAL A 432 -4.32 15.50 34.30
C VAL A 432 -5.74 15.99 34.05
N ALA A 433 -6.47 15.40 33.11
CA ALA A 433 -7.81 15.85 32.81
C ALA A 433 -8.85 14.94 33.45
N PRO A 434 -10.02 15.46 33.82
CA PRO A 434 -11.05 14.59 34.39
C PRO A 434 -11.43 13.43 33.47
N ILE A 435 -11.47 13.65 32.17
CA ILE A 435 -11.73 12.56 31.24
C ILE A 435 -10.65 11.50 31.35
N GLU A 436 -9.40 11.92 31.56
CA GLU A 436 -8.34 10.94 31.76
C GLU A 436 -8.57 10.14 33.04
N HIS A 437 -9.07 10.78 34.10
CA HIS A 437 -9.39 10.05 35.31
C HIS A 437 -10.51 9.03 35.07
N ILE A 438 -11.54 9.42 34.32
CA ILE A 438 -12.61 8.48 34.00
C ILE A 438 -12.06 7.30 33.20
N ALA A 439 -11.19 7.59 32.23
CA ALA A 439 -10.59 6.53 31.43
C ALA A 439 -9.76 5.60 32.29
N SER A 440 -8.98 6.16 33.21
CA SER A 440 -8.15 5.34 34.09
C SER A 440 -9.00 4.47 35.00
N MET A 441 -10.08 5.01 35.53
CA MET A 441 -10.96 4.20 36.39
C MET A 441 -11.60 3.07 35.59
N ARG A 442 -12.08 3.36 34.38
CA ARG A 442 -12.63 2.31 33.53
C ARG A 442 -11.57 1.25 33.25
N ARG A 443 -10.36 1.67 32.91
CA ARG A 443 -9.30 0.73 32.58
C ARG A 443 -8.94 -0.12 33.79
N ASN A 444 -8.91 0.46 34.97
CA ASN A 444 -8.65 -0.31 36.19
C ASN A 444 -9.75 -1.34 36.41
N TYR A 445 -11.01 -0.96 36.19
CA TYR A 445 -12.10 -1.93 36.33
C TYR A 445 -11.91 -3.09 35.36
N PHE A 446 -11.64 -2.80 34.09
CA PHE A 446 -11.49 -3.89 33.14
C PHE A 446 -10.27 -4.75 33.46
N THR A 447 -9.17 -4.13 33.90
CA THR A 447 -8.00 -4.93 34.25
C THR A 447 -8.31 -5.84 35.43
N ALA A 448 -9.03 -5.34 36.44
CA ALA A 448 -9.43 -6.19 37.54
C ALA A 448 -10.31 -7.34 37.06
N GLU A 449 -11.14 -7.09 36.04
CA GLU A 449 -12.03 -8.14 35.55
C GLU A 449 -11.29 -9.18 34.72
N VAL A 450 -10.35 -8.77 33.88
CA VAL A 450 -9.79 -9.68 32.88
C VAL A 450 -8.44 -10.25 33.29
N SER A 451 -7.72 -9.60 34.21
CA SER A 451 -6.40 -10.10 34.59
C SER A 451 -6.49 -11.52 35.13
N HIS A 452 -7.47 -11.79 35.98
CA HIS A 452 -7.71 -13.14 36.50
C HIS A 452 -8.60 -13.88 35.51
N CYS A 453 -8.02 -14.21 34.36
CA CYS A 453 -8.74 -14.93 33.31
C CYS A 453 -7.75 -15.80 32.55
N ARG A 454 -8.19 -17.02 32.21
CA ARG A 454 -7.33 -17.93 31.48
C ARG A 454 -6.98 -17.38 30.10
N ALA A 455 -7.82 -16.50 29.55
CA ALA A 455 -7.51 -15.90 28.26
C ALA A 455 -6.25 -15.05 28.35
N THR A 456 -6.09 -14.27 29.43
CA THR A 456 -4.88 -13.48 29.59
C THR A 456 -3.65 -14.37 29.76
N GLU A 457 -3.79 -15.47 30.49
CA GLU A 457 -2.68 -16.41 30.62
C GLU A 457 -2.29 -16.98 29.28
N TYR A 458 -3.27 -17.36 28.46
CA TYR A 458 -2.97 -17.84 27.12
C TYR A 458 -2.30 -16.75 26.28
N ILE A 459 -2.76 -15.51 26.41
CA ILE A 459 -2.14 -14.41 25.68
C ILE A 459 -0.67 -14.30 26.03
N MET A 460 -0.36 -14.28 27.33
CA MET A 460 1.03 -14.16 27.75
C MET A 460 1.85 -15.37 27.30
N LYS A 461 1.29 -16.58 27.44
CA LYS A 461 2.00 -17.77 26.99
C LYS A 461 2.36 -17.66 25.51
N GLY A 462 1.37 -17.35 24.69
CA GLY A 462 1.62 -17.26 23.25
C GLY A 462 2.62 -16.18 22.91
N VAL A 463 2.46 -15.00 23.51
CA VAL A 463 3.36 -13.90 23.22
C VAL A 463 4.79 -14.28 23.55
N TYR A 464 5.01 -14.80 24.76
CA TYR A 464 6.37 -15.15 25.17
C TYR A 464 6.94 -16.25 24.30
N ILE A 465 6.15 -17.31 24.03
CA ILE A 465 6.66 -18.43 23.27
C ILE A 465 7.03 -18.00 21.86
N ASN A 466 6.15 -17.24 21.21
CA ASN A 466 6.42 -16.81 19.84
C ASN A 466 7.57 -15.83 19.79
N THR A 467 7.69 -14.92 20.77
CA THR A 467 8.81 -14.00 20.78
C THR A 467 10.12 -14.76 20.91
N ALA A 468 10.20 -15.69 21.87
CA ALA A 468 11.43 -16.46 22.04
C ALA A 468 11.74 -17.28 20.80
N LEU A 469 10.72 -17.90 20.20
CA LEU A 469 10.95 -18.72 19.03
C LEU A 469 11.45 -17.89 17.86
N LEU A 470 10.84 -16.73 17.62
CA LEU A 470 11.29 -15.86 16.52
C LEU A 470 12.71 -15.37 16.76
N ASN A 471 13.02 -14.93 17.99
CA ASN A 471 14.36 -14.44 18.26
C ASN A 471 15.40 -15.54 18.09
N ALA A 472 15.10 -16.74 18.59
CA ALA A 472 16.03 -17.85 18.42
C ALA A 472 16.20 -18.22 16.96
N SER A 473 15.10 -18.23 16.19
CA SER A 473 15.19 -18.55 14.77
C SER A 473 16.06 -17.53 14.03
N CYS A 474 15.90 -16.25 14.36
CA CYS A 474 16.67 -15.22 13.69
C CYS A 474 18.13 -15.23 14.13
N ALA A 475 18.40 -15.65 15.36
CA ALA A 475 19.77 -15.65 15.88
C ALA A 475 20.48 -16.97 15.59
N ALA A 476 19.95 -18.07 16.12
CA ALA A 476 20.55 -19.39 15.95
C ALA A 476 19.80 -20.12 14.83
N MET A 477 20.11 -19.72 13.59
CA MET A 477 19.40 -20.30 12.44
C MET A 477 19.73 -21.77 12.26
N ASP A 478 20.98 -22.15 12.51
CA ASP A 478 21.45 -23.49 12.18
C ASP A 478 21.20 -24.51 13.28
N ASP A 479 21.40 -24.14 14.53
CA ASP A 479 21.58 -25.12 15.60
C ASP A 479 20.35 -25.18 16.48
N PHE A 480 19.97 -26.39 16.87
CA PHE A 480 18.77 -26.60 17.67
C PHE A 480 18.90 -25.91 19.02
N GLN A 481 17.84 -25.26 19.48
CA GLN A 481 17.91 -24.45 20.68
C GLN A 481 16.81 -24.83 21.67
N LEU A 482 17.15 -24.79 22.95
CA LEU A 482 16.24 -25.10 24.05
C LEU A 482 15.65 -23.81 24.61
N ILE A 483 14.33 -23.78 24.79
CA ILE A 483 13.66 -22.61 25.34
C ILE A 483 12.59 -23.08 26.34
N PRO A 484 12.73 -22.79 27.63
CA PRO A 484 11.68 -23.22 28.58
C PRO A 484 10.49 -22.28 28.52
N MET A 485 9.29 -22.86 28.50
CA MET A 485 8.06 -22.07 28.53
C MET A 485 7.91 -21.44 29.90
N ILE A 486 8.02 -20.12 29.96
CA ILE A 486 7.99 -19.38 31.23
C ILE A 486 6.88 -18.34 31.18
N SER A 487 6.16 -18.22 32.29
CA SER A 487 5.16 -17.17 32.44
C SER A 487 5.12 -16.75 33.90
N LYS A 488 5.18 -15.45 34.14
CA LYS A 488 5.25 -14.93 35.51
C LYS A 488 3.95 -14.23 35.87
N CYS A 489 3.39 -14.60 37.01
CA CYS A 489 2.13 -14.09 37.51
C CYS A 489 2.32 -13.52 38.91
N ARG A 490 1.22 -13.05 39.50
CA ARG A 490 1.22 -12.51 40.85
C ARG A 490 0.04 -13.10 41.61
N THR A 491 0.32 -13.63 42.80
CA THR A 491 -0.72 -14.31 43.58
C THR A 491 -1.66 -13.29 44.22
N LYS A 492 -2.73 -13.82 44.81
CA LYS A 492 -3.66 -12.97 45.55
C LYS A 492 -2.96 -12.29 46.72
N GLU A 493 -2.07 -13.02 47.40
CA GLU A 493 -1.32 -12.42 48.50
C GLU A 493 -0.40 -11.29 48.03
N GLY A 494 -0.13 -11.21 46.73
CA GLY A 494 0.73 -10.20 46.17
C GLY A 494 2.14 -10.67 45.84
N ARG A 495 2.53 -11.86 46.27
CA ARG A 495 3.85 -12.37 45.98
C ARG A 495 3.96 -12.75 44.51
N ARG A 496 5.02 -12.29 43.86
CA ARG A 496 5.26 -12.63 42.47
C ARG A 496 5.69 -14.09 42.36
N LYS A 497 5.43 -14.69 41.19
CA LYS A 497 5.67 -16.11 41.00
C LYS A 497 5.99 -16.37 39.54
N THR A 498 6.81 -17.39 39.31
CA THR A 498 7.14 -17.87 37.98
C THR A 498 6.48 -19.23 37.75
N ASN A 499 6.24 -19.55 36.49
CA ASN A 499 5.58 -20.80 36.14
C ASN A 499 6.25 -21.38 34.90
N LEU A 500 6.55 -22.67 34.94
CA LEU A 500 7.24 -23.39 33.88
C LEU A 500 6.30 -24.46 33.34
N TYR A 501 5.71 -24.23 32.17
CA TYR A 501 4.84 -25.23 31.57
C TYR A 501 5.63 -26.38 30.95
N GLY A 502 6.76 -26.09 30.34
CA GLY A 502 7.56 -27.13 29.72
C GLY A 502 8.73 -26.59 28.92
N PHE A 503 8.99 -27.18 27.76
CA PHE A 503 10.14 -26.81 26.95
C PHE A 503 9.77 -26.84 25.47
N ILE A 504 10.51 -26.06 24.69
CA ILE A 504 10.40 -26.03 23.24
C ILE A 504 11.80 -26.18 22.66
N ILE A 505 11.96 -27.11 21.73
CA ILE A 505 13.21 -27.26 20.99
C ILE A 505 12.97 -26.74 19.59
N LYS A 506 13.62 -25.63 19.26
CA LYS A 506 13.56 -25.06 17.93
C LYS A 506 14.62 -25.68 17.04
N GLY A 507 14.24 -25.98 15.80
CA GLY A 507 15.14 -26.57 14.84
C GLY A 507 15.63 -25.56 13.81
N ARG A 508 16.19 -26.10 12.73
CA ARG A 508 16.70 -25.25 11.65
C ARG A 508 15.60 -24.31 11.17
N SER A 509 15.92 -23.02 11.10
CA SER A 509 14.95 -21.97 10.83
C SER A 509 15.47 -20.99 9.79
N HIS A 510 16.02 -21.53 8.69
CA HIS A 510 16.46 -20.70 7.58
C HIS A 510 15.22 -20.26 6.77
N LEU A 511 14.51 -19.30 7.35
CA LEU A 511 13.22 -18.85 6.83
C LEU A 511 13.45 -17.68 5.88
N ARG A 512 13.17 -17.90 4.60
CA ARG A 512 13.30 -16.84 3.61
C ARG A 512 11.95 -16.16 3.35
N ASN A 513 10.96 -16.93 2.91
CA ASN A 513 9.63 -16.39 2.66
C ASN A 513 8.84 -16.33 3.96
N ASP A 514 7.81 -15.47 3.96
CA ASP A 514 6.93 -15.35 5.11
C ASP A 514 6.15 -16.63 5.38
N THR A 515 6.09 -17.55 4.41
CA THR A 515 5.37 -18.80 4.58
C THR A 515 6.27 -19.97 4.91
N ASP A 516 7.60 -19.80 4.81
CA ASP A 516 8.51 -20.88 5.15
C ASP A 516 8.30 -21.31 6.59
N VAL A 517 8.44 -22.60 6.84
CA VAL A 517 8.06 -23.23 8.10
C VAL A 517 9.30 -23.56 8.91
N VAL A 518 9.30 -23.15 10.17
CA VAL A 518 10.27 -23.59 11.17
C VAL A 518 9.60 -24.64 12.03
N ASN A 519 10.24 -25.80 12.13
CA ASN A 519 9.71 -26.91 12.92
C ASN A 519 10.36 -26.92 14.29
N PHE A 520 9.56 -27.20 15.31
CA PHE A 520 10.05 -27.37 16.66
C PHE A 520 9.30 -28.53 17.30
N VAL A 521 9.78 -28.96 18.46
CA VAL A 521 9.13 -30.00 19.25
C VAL A 521 8.81 -29.43 20.62
N SER A 522 7.56 -29.56 21.04
CA SER A 522 7.07 -28.97 22.28
C SER A 522 6.75 -30.08 23.27
N MET A 523 7.18 -29.87 24.52
CA MET A 523 6.93 -30.78 25.63
C MET A 523 6.28 -29.99 26.75
N GLU A 524 5.17 -30.50 27.28
CA GLU A 524 4.44 -29.78 28.32
C GLU A 524 3.92 -30.75 29.37
N PHE A 525 4.11 -30.38 30.63
CA PHE A 525 3.58 -31.19 31.73
C PHE A 525 2.06 -31.02 31.82
N SER A 526 1.39 -32.05 32.32
CA SER A 526 -0.05 -31.97 32.51
C SER A 526 -0.46 -33.09 33.45
N LEU A 527 -1.71 -33.01 33.92
CA LEU A 527 -2.32 -34.07 34.71
C LEU A 527 -3.51 -34.71 34.02
N THR A 528 -3.97 -34.15 32.90
CA THR A 528 -5.14 -34.69 32.22
C THR A 528 -4.77 -35.99 31.51
N ASP A 529 -5.45 -37.07 31.88
CA ASP A 529 -5.18 -38.36 31.25
C ASP A 529 -5.64 -38.33 29.80
N PRO A 530 -4.79 -38.69 28.84
CA PRO A 530 -5.20 -38.68 27.43
C PRO A 530 -6.01 -39.89 27.00
N ARG A 531 -6.37 -40.78 27.92
CA ARG A 531 -7.14 -41.96 27.59
C ARG A 531 -8.64 -41.72 27.57
N LEU A 532 -9.08 -40.49 27.86
CA LEU A 532 -10.50 -40.16 27.88
C LEU A 532 -10.99 -39.43 26.63
N GLU A 533 -10.14 -38.62 26.01
CA GLU A 533 -10.49 -37.93 24.76
C GLU A 533 -9.36 -38.12 23.76
N PRO A 534 -9.10 -39.36 23.34
CA PRO A 534 -7.95 -39.62 22.46
C PRO A 534 -8.02 -38.88 21.15
N HIS A 535 -9.22 -38.69 20.59
CA HIS A 535 -9.33 -38.06 19.27
C HIS A 535 -8.86 -36.62 19.29
N LYS A 536 -8.80 -35.98 20.46
CA LYS A 536 -8.30 -34.61 20.54
C LYS A 536 -6.79 -34.53 20.48
N TRP A 537 -6.09 -35.66 20.67
CA TRP A 537 -4.63 -35.70 20.70
C TRP A 537 -4.07 -36.57 19.58
N GLU A 538 -4.58 -36.40 18.37
CA GLU A 538 -4.16 -37.25 17.26
C GLU A 538 -2.68 -37.08 16.96
N LYS A 539 -2.16 -35.86 17.08
CA LYS A 539 -0.80 -35.56 16.67
C LYS A 539 0.17 -35.47 17.85
N TYR A 540 -0.27 -35.85 19.05
CA TYR A 540 0.56 -35.78 20.25
C TYR A 540 1.06 -37.16 20.63
N CYS A 541 2.23 -37.20 21.26
CA CYS A 541 2.74 -38.39 21.95
C CYS A 541 2.81 -38.06 23.44
N VAL A 542 2.15 -38.86 24.26
CA VAL A 542 2.01 -38.57 25.69
C VAL A 542 2.67 -39.68 26.49
N LEU A 543 3.61 -39.29 27.35
CA LEU A 543 4.34 -40.19 28.23
C LEU A 543 3.86 -40.01 29.66
N GLU A 544 4.29 -40.93 30.53
CA GLU A 544 4.10 -40.81 31.97
C GLU A 544 5.45 -40.49 32.60
N ILE A 545 5.56 -39.33 33.24
CA ILE A 545 6.84 -38.86 33.74
C ILE A 545 6.89 -38.73 35.26
N GLY A 546 5.76 -38.65 35.95
CA GLY A 546 5.84 -38.59 37.39
C GLY A 546 4.50 -38.68 38.08
N ASP A 547 4.51 -38.32 39.37
CA ASP A 547 3.30 -38.27 40.18
C ASP A 547 3.31 -36.97 40.99
N MET A 548 2.14 -36.36 41.13
CA MET A 548 2.00 -35.09 41.83
C MET A 548 1.04 -35.25 43.01
N LEU A 549 1.32 -34.53 44.09
CA LEU A 549 0.50 -34.58 45.31
C LEU A 549 0.03 -33.16 45.62
N LEU A 550 -1.24 -32.89 45.32
CA LEU A 550 -1.86 -31.61 45.64
C LEU A 550 -2.79 -31.78 46.83
N ARG A 551 -2.70 -30.85 47.79
CA ARG A 551 -3.43 -30.97 49.05
C ARG A 551 -4.92 -30.97 48.78
N SER A 552 -5.59 -32.06 49.16
CA SER A 552 -7.04 -32.17 49.05
C SER A 552 -7.57 -32.87 50.30
N ALA A 553 -8.84 -32.62 50.60
CA ALA A 553 -9.47 -33.22 51.78
C ALA A 553 -9.59 -34.73 51.67
N ILE A 554 -9.50 -35.29 50.46
CA ILE A 554 -9.57 -36.75 50.29
C ILE A 554 -8.13 -37.26 50.40
N GLY A 555 -7.70 -37.45 51.65
CA GLY A 555 -6.32 -37.81 51.91
C GLY A 555 -5.40 -36.90 51.13
N GLN A 556 -4.69 -37.47 50.16
CA GLN A 556 -4.01 -36.67 49.15
C GLN A 556 -4.03 -37.46 47.85
N VAL A 557 -4.34 -36.78 46.75
CA VAL A 557 -4.74 -37.46 45.53
C VAL A 557 -3.61 -38.35 45.00
N SER A 558 -2.39 -37.81 44.95
CA SER A 558 -1.26 -38.51 44.34
C SER A 558 -1.59 -38.89 42.88
N ARG A 559 -1.98 -37.88 42.12
CA ARG A 559 -2.37 -38.06 40.73
C ARG A 559 -1.15 -38.39 39.86
N PRO A 560 -1.37 -39.06 38.72
CA PRO A 560 -0.29 -39.17 37.73
C PRO A 560 0.00 -37.82 37.10
N MET A 561 1.17 -37.73 36.46
CA MET A 561 1.61 -36.47 35.87
C MET A 561 2.34 -36.81 34.57
N PHE A 562 1.69 -36.48 33.46
CA PHE A 562 2.08 -36.90 32.12
C PHE A 562 2.79 -35.77 31.39
N LEU A 563 3.43 -36.14 30.27
CA LEU A 563 4.14 -35.19 29.42
C LEU A 563 3.57 -35.29 28.01
N TYR A 564 2.94 -34.23 27.55
CA TYR A 564 2.46 -34.14 26.18
C TYR A 564 3.60 -33.64 25.30
N VAL A 565 4.05 -34.49 24.37
CA VAL A 565 5.16 -34.20 23.49
C VAL A 565 4.66 -34.27 22.05
N ARG A 566 4.99 -33.25 21.25
CA ARG A 566 4.56 -33.26 19.86
C ARG A 566 5.53 -32.47 19.01
N THR A 567 5.46 -32.72 17.70
CA THR A 567 6.19 -31.95 16.70
C THR A 567 5.23 -30.95 16.07
N ASN A 568 5.55 -29.67 16.18
CA ASN A 568 4.73 -28.59 15.63
C ASN A 568 5.60 -27.71 14.76
N GLY A 569 4.97 -26.75 14.11
CA GLY A 569 5.69 -25.83 13.24
C GLY A 569 4.97 -24.51 13.15
N THR A 570 5.73 -23.48 12.79
CA THR A 570 5.18 -22.14 12.61
C THR A 570 5.91 -21.46 11.46
N SER A 571 5.60 -20.18 11.25
CA SER A 571 6.24 -19.41 10.20
C SER A 571 6.42 -17.99 10.70
N LYS A 572 7.22 -17.21 9.95
CA LYS A 572 7.49 -15.83 10.35
C LYS A 572 6.20 -15.05 10.55
N ILE A 573 5.26 -15.18 9.63
CA ILE A 573 3.99 -14.47 9.76
C ILE A 573 3.23 -14.96 10.99
N LYS A 574 3.18 -16.28 11.20
CA LYS A 574 2.48 -16.82 12.35
C LYS A 574 3.13 -16.38 13.65
N MET A 575 4.46 -16.40 13.71
CA MET A 575 5.16 -15.93 14.91
C MET A 575 4.86 -14.46 15.18
N LYS A 576 4.94 -13.63 14.13
CA LYS A 576 4.69 -12.21 14.31
C LYS A 576 3.28 -11.94 14.79
N TRP A 577 2.30 -12.65 14.22
CA TRP A 577 0.91 -12.40 14.61
C TRP A 577 0.59 -13.00 15.98
N GLY A 578 1.24 -14.09 16.36
CA GLY A 578 1.05 -14.63 17.70
C GLY A 578 1.74 -13.84 18.77
N MET A 579 2.77 -13.07 18.42
CA MET A 579 3.41 -12.19 19.38
C MET A 579 2.67 -10.86 19.51
N GLU A 580 1.60 -10.64 18.76
CA GLU A 580 0.73 -9.49 18.93
C GLU A 580 -0.64 -9.92 19.41
N MET A 581 -0.68 -10.91 20.30
CA MET A 581 -1.95 -11.38 20.85
C MET A 581 -2.56 -10.43 21.86
N ARG A 582 -1.81 -9.42 22.30
CA ARG A 582 -2.33 -8.51 23.32
C ARG A 582 -3.44 -7.60 22.77
N ARG A 583 -3.57 -7.50 21.44
CA ARG A 583 -4.64 -6.70 20.87
C ARG A 583 -6.00 -7.37 20.99
N CYS A 584 -6.03 -8.64 21.41
CA CYS A 584 -7.31 -9.25 21.77
C CYS A 584 -7.93 -8.53 22.96
N LEU A 585 -7.10 -8.17 23.95
CA LEU A 585 -7.56 -7.33 25.03
C LEU A 585 -8.21 -6.07 24.49
N LEU A 586 -7.54 -5.41 23.54
CA LEU A 586 -8.12 -4.22 22.94
C LEU A 586 -9.48 -4.56 22.36
N GLN A 587 -9.52 -5.39 21.32
CA GLN A 587 -10.79 -5.75 20.69
C GLN A 587 -11.91 -5.92 21.71
N SER A 588 -11.70 -6.83 22.68
CA SER A 588 -12.74 -7.14 23.64
C SER A 588 -13.16 -5.90 24.42
N LEU A 589 -12.19 -5.17 24.97
CA LEU A 589 -12.55 -4.11 25.89
C LEU A 589 -13.05 -2.87 25.16
N GLN A 590 -12.63 -2.69 23.91
CA GLN A 590 -13.25 -1.69 23.05
C GLN A 590 -14.71 -2.01 22.83
N GLN A 591 -15.04 -3.29 22.60
CA GLN A 591 -16.45 -3.65 22.45
C GLN A 591 -17.23 -3.33 23.73
N ILE A 592 -16.68 -3.69 24.89
CA ILE A 592 -17.38 -3.44 26.14
C ILE A 592 -17.52 -1.95 26.40
N GLU A 593 -16.47 -1.18 26.11
CA GLU A 593 -16.52 0.27 26.34
C GLU A 593 -17.50 0.93 25.38
N SER A 594 -17.61 0.40 24.16
CA SER A 594 -18.63 0.89 23.25
C SER A 594 -20.03 0.62 23.80
N MET A 595 -20.24 -0.57 24.37
CA MET A 595 -21.51 -0.84 25.03
C MET A 595 -21.78 0.17 26.13
N ILE A 596 -20.78 0.41 26.98
CA ILE A 596 -20.97 1.30 28.12
C ILE A 596 -21.26 2.72 27.66
N GLU A 597 -20.53 3.20 26.66
CA GLU A 597 -20.75 4.55 26.14
C GLU A 597 -22.13 4.67 25.50
N ALA A 598 -22.53 3.66 24.73
CA ALA A 598 -23.83 3.71 24.08
C ALA A 598 -24.94 3.77 25.13
N GLU A 599 -24.83 2.97 26.19
CA GLU A 599 -25.84 3.02 27.24
C GLU A 599 -25.79 4.32 28.01
N SER A 600 -24.60 4.88 28.21
CA SER A 600 -24.46 6.14 28.95
C SER A 600 -24.89 7.34 28.14
N SER A 601 -24.93 7.24 26.81
CA SER A 601 -25.50 8.31 26.02
C SER A 601 -27.00 8.45 26.26
N VAL A 602 -27.64 7.41 26.78
CA VAL A 602 -29.06 7.48 27.11
C VAL A 602 -29.26 8.25 28.41
N LYS A 603 -28.67 7.76 29.50
CA LYS A 603 -28.69 8.44 30.78
C LYS A 603 -27.48 9.34 30.87
N GLU A 604 -27.70 10.64 31.04
CA GLU A 604 -26.61 11.60 30.95
C GLU A 604 -25.70 11.48 32.17
N LYS A 605 -24.92 10.41 32.21
CA LYS A 605 -24.02 10.13 33.32
C LYS A 605 -23.18 8.91 33.00
N ASP A 606 -21.95 8.84 33.50
CA ASP A 606 -21.12 7.67 33.31
C ASP A 606 -21.71 6.49 34.08
N MET A 607 -21.79 5.34 33.42
CA MET A 607 -22.55 4.20 33.93
C MET A 607 -21.65 3.01 34.22
N THR A 608 -20.33 3.23 34.29
CA THR A 608 -19.39 2.13 34.44
C THR A 608 -19.49 1.49 35.82
N LYS A 609 -19.50 2.32 36.87
CA LYS A 609 -19.38 1.79 38.23
C LYS A 609 -20.55 0.88 38.57
N GLU A 610 -21.78 1.31 38.25
CA GLU A 610 -22.94 0.48 38.57
C GLU A 610 -22.97 -0.77 37.70
N PHE A 611 -22.56 -0.67 36.44
CA PHE A 611 -22.45 -1.86 35.60
C PHE A 611 -21.53 -2.90 36.24
N PHE A 612 -20.37 -2.46 36.74
CA PHE A 612 -19.39 -3.41 37.25
C PHE A 612 -19.65 -3.86 38.68
N GLU A 613 -20.36 -3.08 39.48
CA GLU A 613 -20.65 -3.46 40.86
C GLU A 613 -22.06 -4.01 41.06
N ASN A 614 -23.10 -3.27 40.66
CA ASN A 614 -24.45 -3.74 40.90
C ASN A 614 -24.74 -5.03 40.13
N LYS A 615 -24.24 -5.14 38.89
CA LYS A 615 -24.41 -6.35 38.10
C LYS A 615 -25.89 -6.65 37.85
N SER A 616 -26.73 -5.61 37.84
CA SER A 616 -28.15 -5.81 37.59
C SER A 616 -28.40 -6.21 36.14
N GLU A 617 -27.85 -5.45 35.20
CA GLU A 617 -28.03 -5.76 33.79
C GLU A 617 -27.15 -6.94 33.40
N THR A 618 -27.67 -7.80 32.52
CA THR A 618 -26.95 -8.96 32.05
C THR A 618 -27.24 -9.18 30.58
N TRP A 619 -26.28 -9.80 29.88
CA TRP A 619 -26.42 -10.08 28.46
C TRP A 619 -26.42 -11.59 28.21
N PRO A 620 -27.15 -12.07 27.19
CA PRO A 620 -27.08 -13.50 26.87
C PRO A 620 -25.68 -13.90 26.41
N ILE A 621 -25.00 -14.73 27.18
CA ILE A 621 -23.61 -15.06 26.90
C ILE A 621 -23.42 -16.58 26.90
N GLY A 622 -24.49 -17.31 26.69
CA GLY A 622 -24.41 -18.76 26.64
C GLY A 622 -25.76 -19.38 26.92
N GLU A 623 -25.88 -20.66 26.57
CA GLU A 623 -27.12 -21.41 26.71
C GLU A 623 -26.87 -22.67 27.53
N SER A 624 -27.72 -22.91 28.51
CA SER A 624 -27.72 -24.12 29.30
C SER A 624 -28.93 -24.98 28.92
N PRO A 625 -28.89 -26.28 29.20
CA PRO A 625 -30.06 -27.13 28.88
C PRO A 625 -31.37 -26.56 29.40
N LYS A 626 -31.34 -25.83 30.51
CA LYS A 626 -32.54 -25.14 30.98
C LYS A 626 -32.95 -24.04 30.01
N GLY A 627 -32.00 -23.32 29.45
CA GLY A 627 -32.31 -22.24 28.53
C GLY A 627 -31.10 -21.33 28.38
N VAL A 628 -31.37 -20.13 27.86
CA VAL A 628 -30.34 -19.13 27.64
C VAL A 628 -29.93 -18.54 28.99
N GLU A 629 -28.63 -18.44 29.23
CA GLU A 629 -28.08 -17.92 30.47
C GLU A 629 -27.44 -16.56 30.22
N GLU A 630 -27.71 -15.62 31.12
CA GLU A 630 -27.17 -14.28 31.04
C GLU A 630 -26.17 -14.04 32.17
N GLY A 631 -25.12 -13.26 31.86
CA GLY A 631 -24.09 -12.97 32.82
C GLY A 631 -23.81 -11.47 32.90
N SER A 632 -23.12 -11.09 33.97
CA SER A 632 -22.81 -9.69 34.19
C SER A 632 -21.85 -9.18 33.10
N ILE A 633 -21.55 -7.89 33.17
CA ILE A 633 -20.71 -7.27 32.14
C ILE A 633 -19.30 -7.86 32.18
N GLY A 634 -18.80 -8.19 33.37
CA GLY A 634 -17.48 -8.79 33.46
C GLY A 634 -17.39 -10.12 32.73
N LYS A 635 -18.43 -10.95 32.86
CA LYS A 635 -18.44 -12.21 32.12
C LYS A 635 -18.47 -11.98 30.62
N VAL A 636 -19.18 -10.95 30.16
CA VAL A 636 -19.16 -10.60 28.75
C VAL A 636 -17.75 -10.19 28.34
N CYS A 637 -17.07 -9.40 29.17
CA CYS A 637 -15.69 -9.03 28.89
C CYS A 637 -14.84 -10.26 28.70
N ARG A 638 -14.91 -11.19 29.65
CA ARG A 638 -14.08 -12.39 29.57
C ARG A 638 -14.44 -13.24 28.35
N THR A 639 -15.74 -13.34 28.04
CA THR A 639 -16.15 -14.14 26.89
C THR A 639 -15.62 -13.55 25.59
N LEU A 640 -15.74 -12.23 25.42
CA LEU A 640 -15.21 -11.61 24.21
C LEU A 640 -13.69 -11.73 24.14
N LEU A 641 -13.01 -11.59 25.28
CA LEU A 641 -11.57 -11.75 25.28
C LEU A 641 -11.17 -13.16 24.87
N ALA A 642 -11.89 -14.16 25.38
CA ALA A 642 -11.60 -15.54 24.99
C ALA A 642 -11.89 -15.76 23.52
N LYS A 643 -12.96 -15.17 23.00
CA LYS A 643 -13.26 -15.31 21.57
C LYS A 643 -12.13 -14.73 20.73
N SER A 644 -11.65 -13.54 21.10
CA SER A 644 -10.54 -12.93 20.35
C SER A 644 -9.28 -13.78 20.46
N VAL A 645 -9.00 -14.31 21.65
CA VAL A 645 -7.80 -15.13 21.83
C VAL A 645 -7.86 -16.36 20.97
N PHE A 646 -9.03 -17.02 20.92
CA PHE A 646 -9.17 -18.21 20.10
C PHE A 646 -9.13 -17.87 18.62
N ASN A 647 -9.64 -16.69 18.24
CA ASN A 647 -9.48 -16.23 16.86
C ASN A 647 -8.01 -16.11 16.50
N SER A 648 -7.21 -15.55 17.42
CA SER A 648 -5.79 -15.41 17.16
C SER A 648 -5.05 -16.74 17.21
N LEU A 649 -5.57 -17.71 17.95
CA LEU A 649 -4.88 -18.99 18.07
C LEU A 649 -5.22 -19.94 16.93
N TYR A 650 -6.50 -20.06 16.59
CA TYR A 650 -6.95 -20.96 15.53
C TYR A 650 -7.23 -20.21 14.22
N ALA A 651 -6.45 -19.17 13.94
CA ALA A 651 -6.67 -18.40 12.73
C ALA A 651 -6.44 -19.26 11.49
N SER A 652 -7.24 -19.03 10.47
CA SER A 652 -7.13 -19.78 9.22
C SER A 652 -8.02 -19.15 8.16
N PRO A 653 -7.79 -19.46 6.88
CA PRO A 653 -8.67 -18.91 5.83
C PRO A 653 -10.12 -19.29 6.01
N GLN A 654 -10.37 -20.51 6.51
CA GLN A 654 -11.74 -20.93 6.79
C GLN A 654 -12.42 -19.95 7.74
N LEU A 655 -11.69 -19.50 8.77
CA LEU A 655 -12.29 -18.56 9.72
C LEU A 655 -12.69 -17.27 9.04
N GLU A 656 -11.81 -16.72 8.18
CA GLU A 656 -12.13 -15.46 7.51
C GLU A 656 -13.34 -15.63 6.59
N GLY A 657 -13.34 -16.68 5.78
CA GLY A 657 -14.45 -16.88 4.86
C GLY A 657 -15.77 -17.06 5.59
N PHE A 658 -15.77 -17.91 6.61
CA PHE A 658 -16.99 -18.13 7.38
C PHE A 658 -17.43 -16.85 8.06
N SER A 659 -16.48 -16.09 8.63
CA SER A 659 -16.84 -14.86 9.31
C SER A 659 -17.55 -13.90 8.36
N ALA A 660 -17.00 -13.71 7.16
CA ALA A 660 -17.64 -12.79 6.22
C ALA A 660 -19.01 -13.30 5.79
N GLU A 661 -19.07 -14.55 5.31
CA GLU A 661 -20.31 -15.06 4.76
C GLU A 661 -21.37 -15.32 5.81
N SER A 662 -21.00 -15.38 7.09
CA SER A 662 -21.96 -15.48 8.18
C SER A 662 -22.33 -14.14 8.75
N ARG A 663 -21.45 -13.15 8.67
CA ARG A 663 -21.84 -11.78 9.00
C ARG A 663 -22.91 -11.28 8.04
N LYS A 664 -22.81 -11.66 6.77
CA LYS A 664 -23.88 -11.31 5.83
C LYS A 664 -25.23 -11.85 6.31
N LEU A 665 -25.28 -13.14 6.63
CA LEU A 665 -26.54 -13.73 7.07
C LEU A 665 -26.98 -13.19 8.42
N LEU A 666 -26.03 -12.86 9.29
CA LEU A 666 -26.38 -12.24 10.56
C LEU A 666 -27.04 -10.88 10.35
N LEU A 667 -26.52 -10.09 9.41
CA LEU A 667 -27.15 -8.82 9.10
C LEU A 667 -28.55 -9.03 8.54
N ILE A 668 -28.71 -10.02 7.67
CA ILE A 668 -30.04 -10.30 7.14
C ILE A 668 -31.01 -10.68 8.27
N VAL A 669 -30.56 -11.53 9.18
CA VAL A 669 -31.42 -11.96 10.29
C VAL A 669 -31.74 -10.78 11.20
N GLN A 670 -30.77 -9.91 11.43
CA GLN A 670 -31.02 -8.72 12.24
C GLN A 670 -32.05 -7.82 11.59
N ALA A 671 -31.96 -7.65 10.26
CA ALA A 671 -32.97 -6.89 9.55
C ALA A 671 -34.35 -7.53 9.71
N LEU A 672 -34.41 -8.86 9.65
CA LEU A 672 -35.68 -9.55 9.86
C LEU A 672 -36.22 -9.26 11.26
N ARG A 673 -35.36 -9.36 12.28
CA ARG A 673 -35.81 -9.13 13.65
C ARG A 673 -36.19 -7.68 13.90
N ASP A 674 -35.72 -6.76 13.07
CA ASP A 674 -36.04 -5.35 13.21
C ASP A 674 -37.30 -4.95 12.45
N ASN A 675 -37.98 -5.91 11.82
CA ASN A 675 -39.19 -5.63 11.06
C ASN A 675 -38.92 -4.69 9.90
N LEU A 676 -37.92 -5.03 9.08
CA LEU A 676 -37.50 -4.22 7.96
C LEU A 676 -37.74 -4.92 6.62
N GLU A 677 -38.63 -5.92 6.59
CA GLU A 677 -39.02 -6.64 5.39
C GLU A 677 -37.79 -7.01 4.55
N PRO A 678 -36.86 -7.77 5.12
CA PRO A 678 -35.66 -8.15 4.36
C PRO A 678 -36.01 -9.07 3.20
N GLY A 679 -35.19 -9.01 2.17
CA GLY A 679 -35.37 -9.85 1.00
C GLY A 679 -34.04 -10.29 0.45
N THR A 680 -34.05 -11.40 -0.27
CA THR A 680 -32.86 -11.97 -0.84
C THR A 680 -33.11 -12.35 -2.28
N PHE A 681 -32.04 -12.31 -3.09
CA PHE A 681 -32.11 -12.71 -4.49
C PHE A 681 -31.73 -14.17 -4.69
N ASP A 682 -30.72 -14.66 -3.96
CA ASP A 682 -30.36 -16.07 -4.00
C ASP A 682 -29.82 -16.43 -2.62
N LEU A 683 -30.69 -16.93 -1.74
CA LEU A 683 -30.26 -17.32 -0.41
C LEU A 683 -29.52 -18.63 -0.42
N GLY A 684 -29.90 -19.55 -1.31
CA GLY A 684 -29.17 -20.80 -1.43
C GLY A 684 -27.71 -20.59 -1.78
N GLY A 685 -27.44 -19.61 -2.65
CA GLY A 685 -26.05 -19.29 -2.96
C GLY A 685 -25.28 -18.82 -1.75
N LEU A 686 -25.88 -17.97 -0.93
CA LEU A 686 -25.23 -17.52 0.29
C LEU A 686 -24.97 -18.69 1.23
N TYR A 687 -25.95 -19.58 1.37
CA TYR A 687 -25.77 -20.74 2.24
C TYR A 687 -24.63 -21.61 1.74
N GLU A 688 -24.57 -21.86 0.43
CA GLU A 688 -23.48 -22.65 -0.12
C GLU A 688 -22.14 -21.95 0.08
N ALA A 689 -22.11 -20.62 0.00
CA ALA A 689 -20.89 -19.89 0.26
C ALA A 689 -20.44 -20.03 1.71
N ILE A 690 -21.38 -20.04 2.65
CA ILE A 690 -21.02 -20.21 4.06
C ILE A 690 -20.54 -21.64 4.31
N GLU A 691 -21.25 -22.62 3.76
CA GLU A 691 -20.97 -24.01 4.09
C GLU A 691 -19.67 -24.52 3.49
N GLU A 692 -19.12 -23.84 2.49
CA GLU A 692 -17.86 -24.28 1.90
C GLU A 692 -16.64 -23.88 2.73
N CYS A 693 -16.80 -23.00 3.70
CA CYS A 693 -15.70 -22.62 4.58
C CYS A 693 -15.50 -23.58 5.74
N LEU A 694 -16.49 -24.43 6.04
CA LEU A 694 -16.41 -25.34 7.17
C LEU A 694 -15.82 -26.66 6.67
N ILE A 695 -14.55 -26.91 6.98
CA ILE A 695 -13.90 -28.12 6.48
C ILE A 695 -13.37 -28.96 7.63
N ASN A 696 -12.36 -28.45 8.36
CA ASN A 696 -11.78 -29.22 9.45
C ASN A 696 -11.32 -28.39 10.65
N ASP A 697 -11.52 -27.08 10.63
CA ASP A 697 -10.97 -26.29 11.73
C ASP A 697 -11.92 -26.36 12.93
N PRO A 698 -11.45 -26.77 14.12
CA PRO A 698 -12.37 -26.83 15.26
C PRO A 698 -13.02 -25.50 15.57
N TRP A 699 -12.28 -24.40 15.46
CA TRP A 699 -12.81 -23.11 15.86
C TRP A 699 -13.94 -22.67 14.93
N VAL A 700 -13.76 -22.81 13.63
CA VAL A 700 -14.80 -22.37 12.70
C VAL A 700 -16.03 -23.27 12.82
N LEU A 701 -15.84 -24.56 13.05
CA LEU A 701 -16.99 -25.45 13.25
C LEU A 701 -17.74 -25.08 14.52
N LEU A 702 -17.02 -24.75 15.59
CA LEU A 702 -17.68 -24.30 16.81
C LEU A 702 -18.44 -23.01 16.57
N ASN A 703 -17.86 -22.09 15.79
CA ASN A 703 -18.56 -20.87 15.46
C ASN A 703 -19.83 -21.15 14.66
N ALA A 704 -19.77 -22.11 13.73
CA ALA A 704 -20.96 -22.46 12.97
C ALA A 704 -22.03 -23.07 13.86
N SER A 705 -21.62 -23.92 14.82
CA SER A 705 -22.58 -24.47 15.75
C SER A 705 -23.22 -23.36 16.60
N TRP A 706 -22.40 -22.40 17.03
CA TRP A 706 -22.93 -21.25 17.76
C TRP A 706 -23.93 -20.48 16.91
N PHE A 707 -23.61 -20.31 15.62
CA PHE A 707 -24.52 -19.58 14.72
C PHE A 707 -25.84 -20.32 14.57
N ASN A 708 -25.79 -21.65 14.44
CA ASN A 708 -27.01 -22.44 14.37
C ASN A 708 -27.83 -22.28 15.64
N SER A 709 -27.17 -22.33 16.80
CA SER A 709 -27.88 -22.16 18.06
C SER A 709 -28.51 -20.77 18.15
N PHE A 710 -27.79 -19.75 17.68
CA PHE A 710 -28.33 -18.39 17.69
C PHE A 710 -29.54 -18.27 16.79
N LEU A 711 -29.50 -18.89 15.61
CA LEU A 711 -30.66 -18.91 14.73
C LEU A 711 -31.84 -19.60 15.41
N THR A 712 -31.57 -20.75 16.06
CA THR A 712 -32.65 -21.46 16.73
C THR A 712 -33.27 -20.62 17.83
N HIS A 713 -32.45 -19.95 18.64
CA HIS A 713 -32.97 -19.11 19.70
C HIS A 713 -33.60 -17.84 19.15
N ALA A 714 -33.01 -17.27 18.10
CA ALA A 714 -33.61 -16.15 17.40
C ALA A 714 -34.76 -16.66 16.55
N LEU A 715 -35.35 -15.78 15.74
CA LEU A 715 -36.47 -16.14 14.87
C LEU A 715 -37.65 -16.66 15.69
N ARG A 716 -38.06 -15.85 16.65
CA ARG A 716 -39.18 -16.20 17.52
C ARG A 716 -40.02 -14.98 17.85
N MET B 1 -23.20 -24.91 32.02
CA MET B 1 -23.51 -23.82 31.04
C MET B 1 -22.40 -23.71 30.01
N ASP B 2 -22.78 -23.61 28.74
CA ASP B 2 -21.85 -23.47 27.64
C ASP B 2 -21.84 -22.03 27.17
N VAL B 3 -20.66 -21.43 27.10
CA VAL B 3 -20.52 -20.04 26.71
C VAL B 3 -20.64 -19.93 25.19
N ASN B 4 -21.36 -18.92 24.72
CA ASN B 4 -21.57 -18.71 23.29
C ASN B 4 -21.64 -17.21 23.00
N PRO B 5 -20.56 -16.60 22.49
CA PRO B 5 -20.60 -15.15 22.25
C PRO B 5 -21.68 -14.74 21.26
N THR B 6 -21.99 -15.56 20.26
CA THR B 6 -22.94 -15.16 19.22
C THR B 6 -24.30 -14.82 19.82
N LEU B 7 -24.69 -15.50 20.89
CA LEU B 7 -25.98 -15.21 21.53
C LEU B 7 -26.05 -13.78 22.02
N LEU B 8 -24.91 -13.11 22.17
CA LEU B 8 -24.91 -11.71 22.54
C LEU B 8 -25.70 -10.86 21.56
N PHE B 9 -25.84 -11.31 20.31
CA PHE B 9 -26.59 -10.56 19.32
C PHE B 9 -28.09 -10.59 19.59
N LEU B 10 -28.57 -11.44 20.50
CA LEU B 10 -29.99 -11.46 20.83
C LEU B 10 -30.41 -10.24 21.65
N LYS B 11 -29.46 -9.54 22.26
CA LYS B 11 -29.73 -8.33 23.02
C LYS B 11 -29.11 -7.09 22.40
N VAL B 12 -27.89 -7.21 21.88
CA VAL B 12 -27.21 -6.11 21.21
C VAL B 12 -27.45 -6.27 19.70
N PRO B 13 -27.99 -5.26 19.01
CA PRO B 13 -28.18 -5.40 17.56
C PRO B 13 -26.89 -5.79 16.85
N ALA B 14 -27.03 -6.37 15.65
CA ALA B 14 -25.86 -6.91 14.97
C ALA B 14 -24.82 -5.83 14.68
N GLN B 15 -25.27 -4.67 14.21
CA GLN B 15 -24.33 -3.61 13.84
C GLN B 15 -23.68 -2.97 15.05
N ASN B 16 -24.38 -2.91 16.19
CA ASN B 16 -23.79 -2.33 17.39
C ASN B 16 -22.70 -3.19 17.98
N ALA B 17 -22.57 -4.45 17.55
CA ALA B 17 -21.51 -5.33 18.01
C ALA B 17 -20.86 -6.07 16.85
N ILE B 18 -20.86 -5.45 15.67
CA ILE B 18 -20.31 -6.08 14.47
C ILE B 18 -18.81 -6.31 14.60
N SER B 19 -18.14 -5.54 15.46
CA SER B 19 -16.69 -5.71 15.62
C SER B 19 -16.35 -7.13 16.06
N THR B 20 -17.25 -7.79 16.79
CA THR B 20 -17.01 -9.15 17.22
C THR B 20 -16.93 -10.14 16.07
N THR B 21 -17.49 -9.78 14.91
CA THR B 21 -17.53 -10.69 13.75
C THR B 21 -16.37 -10.47 12.81
N PHE B 22 -15.29 -9.84 13.27
CA PHE B 22 -14.10 -9.56 12.44
C PHE B 22 -12.88 -10.19 13.09
N PRO B 23 -12.52 -11.41 12.69
CA PRO B 23 -11.35 -12.08 13.30
C PRO B 23 -10.02 -11.53 12.77
N TYR B 24 -9.78 -10.25 13.05
CA TYR B 24 -8.58 -9.56 12.58
C TYR B 24 -7.48 -9.54 13.65
N THR B 25 -7.46 -10.53 14.53
CA THR B 25 -6.41 -10.68 15.53
C THR B 25 -5.46 -11.83 15.22
N GLY B 26 -5.69 -12.55 14.10
CA GLY B 26 -4.85 -13.66 13.73
C GLY B 26 -4.16 -13.39 12.39
N ASP B 27 -3.29 -14.32 12.01
CA ASP B 27 -2.55 -14.17 10.78
C ASP B 27 -3.50 -14.24 9.58
N PRO B 28 -3.47 -13.27 8.67
CA PRO B 28 -4.33 -13.35 7.50
C PRO B 28 -3.83 -14.41 6.53
N PRO B 29 -4.71 -14.92 5.67
CA PRO B 29 -4.28 -15.96 4.72
C PRO B 29 -3.23 -15.45 3.75
N TYR B 30 -2.27 -16.32 3.44
CA TYR B 30 -1.23 -16.03 2.46
C TYR B 30 -1.16 -17.14 1.42
N SER B 31 -0.77 -16.77 0.21
CA SER B 31 -0.44 -17.73 -0.81
C SER B 31 0.99 -18.21 -0.60
N HIS B 32 1.24 -19.47 -0.95
CA HIS B 32 2.52 -20.11 -0.72
C HIS B 32 3.37 -20.29 -1.97
N GLY B 33 2.76 -20.68 -3.09
CA GLY B 33 3.52 -20.98 -4.29
C GLY B 33 3.11 -20.17 -5.50
N THR B 34 3.05 -20.83 -6.65
CA THR B 34 2.79 -20.14 -7.90
C THR B 34 1.37 -19.62 -7.96
N GLY B 35 1.19 -18.56 -8.74
CA GLY B 35 -0.14 -18.02 -9.03
C GLY B 35 -0.57 -18.34 -10.44
N THR B 36 0.13 -19.27 -11.09
CA THR B 36 -0.19 -19.61 -12.47
C THR B 36 -1.58 -20.22 -12.58
N GLY B 37 -1.95 -21.10 -11.63
CA GLY B 37 -3.27 -21.70 -11.68
C GLY B 37 -4.37 -20.66 -11.64
N TYR B 38 -4.24 -19.69 -10.73
CA TYR B 38 -5.24 -18.63 -10.64
C TYR B 38 -5.28 -17.79 -11.91
N THR B 39 -4.11 -17.49 -12.49
CA THR B 39 -4.08 -16.71 -13.72
C THR B 39 -4.81 -17.44 -14.85
N MET B 40 -4.51 -18.73 -15.01
CA MET B 40 -5.17 -19.51 -16.05
C MET B 40 -6.67 -19.59 -15.81
N ASP B 41 -7.07 -19.80 -14.55
CA ASP B 41 -8.50 -19.87 -14.23
C ASP B 41 -9.18 -18.55 -14.56
N THR B 42 -8.55 -17.43 -14.20
CA THR B 42 -9.15 -16.13 -14.50
C THR B 42 -9.26 -15.90 -16.00
N VAL B 43 -8.23 -16.28 -16.75
CA VAL B 43 -8.28 -16.09 -18.21
C VAL B 43 -9.42 -16.91 -18.80
N ASN B 44 -9.51 -18.19 -18.41
CA ASN B 44 -10.57 -19.04 -18.94
C ASN B 44 -11.94 -18.53 -18.55
N ARG B 45 -12.10 -18.09 -17.30
CA ARG B 45 -13.38 -17.59 -16.84
C ARG B 45 -13.78 -16.32 -17.60
N THR B 46 -12.83 -15.41 -17.81
CA THR B 46 -13.12 -14.21 -18.58
C THR B 46 -13.49 -14.54 -20.01
N HIS B 47 -12.85 -15.55 -20.60
CA HIS B 47 -13.16 -15.90 -21.98
C HIS B 47 -14.46 -16.67 -22.13
N GLN B 48 -14.90 -17.39 -21.10
CA GLN B 48 -16.13 -18.18 -21.22
C GLN B 48 -17.36 -17.41 -20.79
N TYR B 49 -17.22 -16.31 -20.05
CA TYR B 49 -18.34 -15.41 -19.83
C TYR B 49 -18.72 -14.63 -21.09
N SER B 50 -17.88 -14.68 -22.12
CA SER B 50 -18.12 -13.99 -23.37
C SER B 50 -18.01 -14.96 -24.55
N GLU B 51 -18.34 -16.23 -24.31
CA GLU B 51 -18.12 -17.26 -25.33
C GLU B 51 -18.91 -16.98 -26.60
N LYS B 52 -20.09 -16.37 -26.49
CA LYS B 52 -20.96 -16.16 -27.62
C LYS B 52 -20.56 -14.98 -28.48
N GLY B 53 -19.42 -14.34 -28.21
CA GLY B 53 -18.93 -13.27 -29.04
C GLY B 53 -18.43 -13.77 -30.37
N ARG B 54 -17.55 -13.02 -31.03
CA ARG B 54 -16.98 -13.41 -32.31
C ARG B 54 -15.46 -13.42 -32.20
N TRP B 55 -14.84 -14.41 -32.83
CA TRP B 55 -13.40 -14.61 -32.76
C TRP B 55 -12.70 -13.96 -33.94
N THR B 56 -11.51 -13.45 -33.69
CA THR B 56 -10.66 -12.88 -34.72
C THR B 56 -9.21 -13.15 -34.37
N THR B 57 -8.32 -12.92 -35.32
CA THR B 57 -6.89 -13.05 -35.10
C THR B 57 -6.21 -11.75 -35.46
N ASN B 58 -5.56 -11.13 -34.48
CA ASN B 58 -4.88 -9.86 -34.72
C ASN B 58 -3.77 -10.04 -35.75
N THR B 59 -3.73 -9.13 -36.72
CA THR B 59 -2.73 -9.20 -37.78
C THR B 59 -1.35 -8.79 -37.30
N GLU B 60 -1.26 -8.05 -36.20
CA GLU B 60 0.03 -7.61 -35.67
C GLU B 60 0.59 -8.61 -34.66
N THR B 61 -0.16 -8.92 -33.61
CA THR B 61 0.30 -9.85 -32.58
C THR B 61 -0.01 -11.30 -32.91
N GLY B 62 -0.88 -11.56 -33.89
CA GLY B 62 -1.20 -12.92 -34.25
C GLY B 62 -1.91 -13.71 -33.18
N ALA B 63 -2.49 -13.03 -32.18
CA ALA B 63 -3.16 -13.71 -31.09
C ALA B 63 -4.66 -13.75 -31.31
N PRO B 64 -5.34 -14.80 -30.84
CA PRO B 64 -6.81 -14.85 -30.98
C PRO B 64 -7.48 -13.93 -29.96
N GLN B 65 -8.42 -13.13 -30.44
CA GLN B 65 -9.16 -12.18 -29.62
C GLN B 65 -10.65 -12.41 -29.79
N LEU B 66 -11.39 -12.22 -28.69
CA LEU B 66 -12.83 -12.46 -28.64
C LEU B 66 -13.54 -11.15 -28.39
N ASN B 67 -14.42 -10.77 -29.32
CA ASN B 67 -15.18 -9.53 -29.20
C ASN B 67 -16.64 -9.87 -28.92
N PRO B 68 -17.15 -9.63 -27.71
CA PRO B 68 -18.55 -9.93 -27.42
C PRO B 68 -19.48 -8.73 -27.57
N ILE B 69 -18.91 -7.55 -27.79
CA ILE B 69 -19.71 -6.34 -27.85
C ILE B 69 -20.78 -6.49 -28.92
N ASP B 70 -21.97 -5.99 -28.62
CA ASP B 70 -23.14 -6.11 -29.50
C ASP B 70 -23.49 -7.56 -29.77
N GLY B 71 -23.09 -8.47 -28.88
CA GLY B 71 -23.41 -9.86 -29.04
C GLY B 71 -24.84 -10.14 -28.62
N PRO B 72 -25.23 -11.42 -28.69
CA PRO B 72 -26.60 -11.78 -28.32
C PRO B 72 -26.92 -11.39 -26.89
N LEU B 73 -28.15 -10.91 -26.68
CA LEU B 73 -28.56 -10.50 -25.36
C LEU B 73 -28.62 -11.72 -24.44
N PRO B 74 -28.26 -11.56 -23.16
CA PRO B 74 -28.29 -12.69 -22.25
C PRO B 74 -29.71 -13.20 -22.03
N GLU B 75 -29.83 -14.52 -21.88
CA GLU B 75 -31.11 -15.16 -21.59
C GLU B 75 -31.12 -15.86 -20.24
N ASP B 76 -30.10 -15.61 -19.41
CA ASP B 76 -30.02 -16.19 -18.08
C ASP B 76 -29.35 -15.18 -17.14
N ASN B 77 -29.43 -15.45 -15.85
CA ASN B 77 -28.89 -14.56 -14.84
C ASN B 77 -27.40 -14.78 -14.58
N GLU B 78 -26.76 -15.65 -15.34
CA GLU B 78 -25.34 -15.87 -15.18
C GLU B 78 -24.55 -14.65 -15.66
N PRO B 79 -23.31 -14.49 -15.19
CA PRO B 79 -22.52 -13.33 -15.62
C PRO B 79 -22.35 -13.30 -17.13
N SER B 80 -22.40 -12.11 -17.70
CA SER B 80 -22.30 -11.94 -19.15
C SER B 80 -21.55 -10.66 -19.45
N GLY B 81 -20.66 -10.72 -20.43
CA GLY B 81 -19.89 -9.56 -20.84
C GLY B 81 -20.33 -8.99 -22.17
N TYR B 82 -21.57 -9.28 -22.57
CA TYR B 82 -22.10 -8.84 -23.86
C TYR B 82 -22.72 -7.46 -23.73
N ALA B 83 -21.84 -6.47 -23.56
CA ALA B 83 -22.26 -5.08 -23.49
C ALA B 83 -22.64 -4.58 -24.89
N GLN B 84 -23.64 -3.71 -24.93
CA GLN B 84 -24.16 -3.16 -26.18
C GLN B 84 -23.65 -1.74 -26.35
N THR B 85 -23.02 -1.47 -27.51
CA THR B 85 -22.40 -0.17 -27.73
C THR B 85 -23.43 0.95 -27.67
N ASP B 86 -24.57 0.77 -28.33
CA ASP B 86 -25.57 1.84 -28.37
C ASP B 86 -26.11 2.14 -26.99
N CYS B 87 -26.36 1.11 -26.18
CA CYS B 87 -26.90 1.32 -24.85
C CYS B 87 -25.94 2.14 -23.99
N VAL B 88 -24.64 1.80 -24.03
CA VAL B 88 -23.67 2.51 -23.20
C VAL B 88 -23.47 3.93 -23.72
N LEU B 89 -23.47 4.12 -25.03
CA LEU B 89 -23.38 5.47 -25.57
C LEU B 89 -24.58 6.31 -25.12
N GLU B 90 -25.77 5.71 -25.13
CA GLU B 90 -26.96 6.42 -24.66
C GLU B 90 -26.86 6.73 -23.17
N ALA B 91 -26.33 5.80 -22.37
CA ALA B 91 -26.15 6.05 -20.95
C ALA B 91 -25.20 7.21 -20.72
N MET B 92 -24.09 7.26 -21.46
CA MET B 92 -23.17 8.37 -21.34
C MET B 92 -23.81 9.67 -21.79
N ALA B 93 -24.63 9.62 -22.84
CA ALA B 93 -25.32 10.82 -23.30
C ALA B 93 -26.27 11.35 -22.24
N PHE B 94 -27.02 10.46 -21.58
CA PHE B 94 -27.90 10.89 -20.50
C PHE B 94 -27.09 11.44 -19.33
N LEU B 95 -25.95 10.82 -19.04
CA LEU B 95 -25.08 11.35 -17.99
C LEU B 95 -24.65 12.77 -18.31
N GLU B 96 -24.29 13.02 -19.57
CA GLU B 96 -23.92 14.37 -19.99
C GLU B 96 -25.10 15.32 -19.87
N GLU B 97 -26.29 14.87 -20.30
CA GLU B 97 -27.46 15.74 -20.26
C GLU B 97 -27.80 16.15 -18.83
N SER B 98 -27.74 15.19 -17.90
CA SER B 98 -28.02 15.51 -16.50
C SER B 98 -26.93 16.37 -15.88
N HIS B 99 -25.73 16.36 -16.44
CA HIS B 99 -24.60 17.16 -15.95
C HIS B 99 -23.95 17.85 -17.13
N PRO B 100 -24.61 18.88 -17.68
CA PRO B 100 -24.04 19.56 -18.85
C PRO B 100 -22.67 20.16 -18.55
N GLY B 101 -21.80 20.12 -19.55
CA GLY B 101 -20.47 20.68 -19.43
C GLY B 101 -19.47 19.82 -18.69
N ILE B 102 -19.86 18.63 -18.25
CA ILE B 102 -18.93 17.78 -17.48
C ILE B 102 -17.78 17.32 -18.36
N PHE B 103 -18.10 16.74 -19.51
CA PHE B 103 -17.05 16.16 -20.34
C PHE B 103 -16.12 17.24 -20.91
N GLU B 104 -16.69 18.34 -21.39
CA GLU B 104 -15.86 19.38 -21.98
C GLU B 104 -14.88 19.95 -20.96
N ASN B 105 -15.38 20.30 -19.77
CA ASN B 105 -14.49 20.81 -18.74
C ASN B 105 -13.42 19.78 -18.39
N SER B 106 -13.84 18.58 -18.03
CA SER B 106 -12.87 17.57 -17.60
C SER B 106 -11.81 17.37 -18.66
N CYS B 107 -12.21 17.36 -19.94
CA CYS B 107 -11.24 17.25 -21.02
C CYS B 107 -10.31 18.45 -21.05
N LEU B 108 -10.81 19.65 -20.75
CA LEU B 108 -9.94 20.82 -20.74
C LEU B 108 -8.84 20.70 -19.68
N GLU B 109 -9.23 20.39 -18.43
CA GLU B 109 -8.19 20.23 -17.42
C GLU B 109 -7.26 19.06 -17.74
N THR B 110 -7.80 17.97 -18.27
CA THR B 110 -6.95 16.84 -18.64
C THR B 110 -5.96 17.23 -19.73
N MET B 111 -6.40 18.04 -20.70
CA MET B 111 -5.52 18.50 -21.75
C MET B 111 -4.41 19.37 -21.19
N GLU B 112 -4.75 20.26 -20.27
CA GLU B 112 -3.73 21.06 -19.59
C GLU B 112 -2.69 20.15 -18.94
N VAL B 113 -3.17 19.18 -18.15
CA VAL B 113 -2.25 18.32 -17.40
C VAL B 113 -1.38 17.50 -18.35
N VAL B 114 -1.98 16.94 -19.39
CA VAL B 114 -1.23 16.09 -20.32
C VAL B 114 -0.15 16.90 -21.02
N GLN B 115 -0.47 18.14 -21.43
CA GLN B 115 0.53 18.91 -22.15
C GLN B 115 1.52 19.61 -21.22
N GLN B 116 1.31 19.59 -19.91
CA GLN B 116 2.31 20.09 -18.98
C GLN B 116 2.90 19.01 -18.08
N THR B 117 2.47 17.75 -18.22
CA THR B 117 3.01 16.69 -17.40
C THR B 117 4.44 16.36 -17.80
N ARG B 118 5.21 15.84 -16.85
CA ARG B 118 6.61 15.48 -17.04
C ARG B 118 6.77 13.97 -16.99
N VAL B 119 7.95 13.51 -17.41
CA VAL B 119 8.24 12.08 -17.41
C VAL B 119 8.39 11.56 -15.98
N ASP B 120 9.00 12.36 -15.10
CA ASP B 120 9.31 11.88 -13.76
C ASP B 120 8.07 11.45 -13.00
N LYS B 121 6.89 11.91 -13.41
CA LYS B 121 5.66 11.49 -12.74
C LYS B 121 5.47 9.98 -12.79
N LEU B 122 6.08 9.31 -13.76
CA LEU B 122 5.97 7.85 -13.84
C LEU B 122 6.80 7.14 -12.78
N THR B 123 7.78 7.82 -12.17
CA THR B 123 8.58 7.19 -11.13
C THR B 123 7.79 7.04 -9.84
N GLN B 124 6.74 7.85 -9.65
CA GLN B 124 5.93 7.79 -8.44
C GLN B 124 4.89 6.67 -8.54
N GLY B 125 5.41 5.45 -8.63
CA GLY B 125 4.55 4.27 -8.73
C GLY B 125 5.24 3.06 -8.14
N ARG B 126 4.42 2.08 -7.75
CA ARG B 126 4.94 0.86 -7.17
C ARG B 126 5.37 -0.11 -8.28
N GLN B 127 5.62 -1.37 -7.93
CA GLN B 127 6.21 -2.33 -8.85
C GLN B 127 5.54 -2.25 -10.22
N THR B 128 6.37 -2.31 -11.26
CA THR B 128 5.91 -2.35 -12.64
C THR B 128 6.68 -3.42 -13.38
N TYR B 129 6.05 -3.98 -14.41
CA TYR B 129 6.65 -5.09 -15.17
C TYR B 129 7.63 -4.54 -16.18
N ASP B 130 8.92 -4.61 -15.87
CA ASP B 130 9.95 -4.26 -16.83
C ASP B 130 10.08 -5.37 -17.86
N TRP B 131 9.92 -5.01 -19.14
CA TRP B 131 10.06 -5.95 -20.24
C TRP B 131 11.52 -6.15 -20.66
N THR B 132 12.41 -5.23 -20.28
CA THR B 132 13.83 -5.41 -20.60
C THR B 132 14.37 -6.65 -19.91
N LEU B 133 13.85 -6.99 -18.73
CA LEU B 133 14.26 -8.18 -18.00
C LEU B 133 13.13 -9.17 -17.81
N ASN B 134 11.92 -8.86 -18.26
CA ASN B 134 10.76 -9.74 -18.09
C ASN B 134 10.52 -10.04 -16.61
N ARG B 135 10.43 -8.98 -15.81
CA ARG B 135 10.20 -9.19 -14.38
C ARG B 135 9.72 -7.89 -13.75
N ASN B 136 9.13 -8.01 -12.57
CA ASN B 136 8.66 -6.84 -11.85
C ASN B 136 9.82 -6.13 -11.17
N GLN B 137 9.88 -4.82 -11.34
CA GLN B 137 10.93 -3.99 -10.75
C GLN B 137 10.32 -2.66 -10.35
N PRO B 138 10.99 -1.91 -9.49
CA PRO B 138 10.45 -0.60 -9.09
C PRO B 138 10.23 0.30 -10.31
N ALA B 139 9.21 1.15 -10.21
CA ALA B 139 8.82 1.97 -11.35
C ALA B 139 10.00 2.75 -11.91
N ALA B 140 10.78 3.38 -11.03
CA ALA B 140 11.91 4.17 -11.49
C ALA B 140 12.91 3.32 -12.25
N THR B 141 13.23 2.13 -11.74
CA THR B 141 14.19 1.27 -12.41
C THR B 141 13.71 0.86 -13.79
N ALA B 142 12.45 0.44 -13.89
CA ALA B 142 11.91 0.05 -15.18
C ALA B 142 11.90 1.21 -16.17
N LEU B 143 11.50 2.40 -15.68
CA LEU B 143 11.50 3.57 -16.55
C LEU B 143 12.90 3.88 -17.06
N ALA B 144 13.89 3.81 -16.16
CA ALA B 144 15.27 4.08 -16.58
C ALA B 144 15.75 3.07 -17.60
N ASN B 145 15.45 1.78 -17.39
CA ASN B 145 15.88 0.76 -18.32
C ASN B 145 15.23 0.97 -19.69
N THR B 146 13.93 1.26 -19.71
CA THR B 146 13.25 1.48 -20.99
C THR B 146 13.80 2.71 -21.69
N ILE B 147 14.07 3.78 -20.95
CA ILE B 147 14.64 4.97 -21.57
C ILE B 147 16.02 4.67 -22.15
N GLU B 148 16.83 3.91 -21.42
CA GLU B 148 18.15 3.54 -21.92
C GLU B 148 18.03 2.73 -23.20
N VAL B 149 17.13 1.76 -23.23
CA VAL B 149 16.97 0.94 -24.43
C VAL B 149 16.49 1.80 -25.60
N PHE B 150 15.53 2.68 -25.36
CA PHE B 150 15.04 3.56 -26.43
C PHE B 150 16.16 4.42 -26.98
N ARG B 151 16.94 5.03 -26.09
CA ARG B 151 18.05 5.88 -26.55
C ARG B 151 19.08 5.06 -27.32
N SER B 152 19.34 3.84 -26.89
CA SER B 152 20.26 2.96 -27.63
C SER B 152 19.70 2.59 -28.99
N ASN B 153 18.37 2.51 -29.14
CA ASN B 153 17.76 2.16 -30.41
C ASN B 153 17.52 3.34 -31.33
N GLY B 154 17.66 4.57 -30.82
CA GLY B 154 17.50 5.77 -31.63
C GLY B 154 16.26 6.59 -31.31
N LEU B 155 15.49 6.24 -30.28
CA LEU B 155 14.29 7.00 -29.90
C LEU B 155 14.68 7.90 -28.74
N THR B 156 14.98 9.17 -29.05
CA THR B 156 15.49 10.11 -28.08
C THR B 156 14.60 11.34 -27.93
N ALA B 157 13.34 11.24 -28.36
CA ALA B 157 12.43 12.36 -28.16
C ALA B 157 12.11 12.57 -26.69
N ASN B 158 12.20 11.50 -25.87
CA ASN B 158 11.95 11.63 -24.45
C ASN B 158 12.97 12.55 -23.77
N GLU B 159 14.07 12.86 -24.45
CA GLU B 159 15.03 13.82 -23.91
C GLU B 159 14.40 15.21 -23.77
N SER B 160 13.26 15.45 -24.42
CA SER B 160 12.54 16.70 -24.21
C SER B 160 11.99 16.80 -22.79
N GLY B 161 11.98 15.70 -22.04
CA GLY B 161 11.52 15.74 -20.66
C GLY B 161 10.02 15.81 -20.50
N ARG B 162 9.27 15.46 -21.54
CA ARG B 162 7.82 15.53 -21.52
C ARG B 162 7.25 14.13 -21.63
N LEU B 163 6.24 13.83 -20.81
CA LEU B 163 5.60 12.53 -20.88
C LEU B 163 4.93 12.29 -22.22
N ILE B 164 4.37 13.34 -22.83
CA ILE B 164 3.76 13.20 -24.14
C ILE B 164 4.81 12.78 -25.16
N ASP B 165 6.01 13.37 -25.08
CA ASP B 165 7.09 12.97 -25.98
C ASP B 165 7.53 11.53 -25.70
N PHE B 166 7.55 11.12 -24.43
CA PHE B 166 7.88 9.73 -24.12
C PHE B 166 6.87 8.78 -24.75
N LEU B 167 5.59 9.13 -24.71
CA LEU B 167 4.57 8.30 -25.34
C LEU B 167 4.70 8.31 -26.86
N LYS B 168 5.08 9.46 -27.44
CA LYS B 168 5.36 9.50 -28.87
C LYS B 168 6.46 8.53 -29.24
N ASP B 169 7.54 8.53 -28.45
CA ASP B 169 8.62 7.58 -28.70
C ASP B 169 8.15 6.15 -28.52
N VAL B 170 7.31 5.90 -27.51
CA VAL B 170 6.79 4.56 -27.27
C VAL B 170 6.03 4.06 -28.48
N MET B 171 5.13 4.90 -29.02
CA MET B 171 4.38 4.50 -30.20
C MET B 171 5.28 4.33 -31.41
N GLU B 172 6.25 5.22 -31.58
CA GLU B 172 7.18 5.07 -32.71
C GLU B 172 7.96 3.76 -32.61
N SER B 173 8.24 3.29 -31.39
CA SER B 173 8.92 2.01 -31.23
C SER B 173 8.10 0.87 -31.79
N MET B 174 6.79 1.01 -31.83
CA MET B 174 5.93 -0.07 -32.32
C MET B 174 6.16 -0.36 -33.80
N ASP B 175 6.68 0.61 -34.56
CA ASP B 175 6.86 0.47 -36.00
C ASP B 175 8.31 0.18 -36.38
N LYS B 176 9.11 -0.31 -35.46
CA LYS B 176 10.51 -0.59 -35.72
C LYS B 176 10.69 -2.06 -36.10
N GLU B 177 11.63 -2.31 -37.01
CA GLU B 177 11.83 -3.67 -37.50
C GLU B 177 12.58 -4.53 -36.49
N GLU B 178 13.50 -3.95 -35.73
CA GLU B 178 14.37 -4.73 -34.86
C GLU B 178 14.89 -3.84 -33.74
N MET B 179 14.53 -4.15 -32.50
CA MET B 179 15.08 -3.48 -31.33
C MET B 179 16.13 -4.37 -30.68
N GLU B 180 16.89 -3.79 -29.75
CA GLU B 180 17.96 -4.50 -29.07
C GLU B 180 17.83 -4.31 -27.57
N ILE B 181 18.02 -5.40 -26.82
CA ILE B 181 17.95 -5.40 -25.37
C ILE B 181 19.23 -6.02 -24.82
N THR B 182 19.44 -5.83 -23.52
CA THR B 182 20.64 -6.31 -22.83
C THR B 182 20.23 -7.36 -21.80
N THR B 183 21.03 -8.43 -21.70
CA THR B 183 20.78 -9.46 -20.71
C THR B 183 22.09 -9.88 -20.06
N HIS B 184 22.05 -10.12 -18.75
CA HIS B 184 23.22 -10.56 -18.00
C HIS B 184 23.03 -12.00 -17.54
N PHE B 185 24.12 -12.76 -17.58
CA PHE B 185 24.10 -14.16 -17.17
C PHE B 185 25.45 -14.58 -16.61
N LYS B 207 27.80 -9.14 -20.66
CA LYS B 207 26.44 -8.87 -21.07
C LYS B 207 26.23 -9.24 -22.54
N LYS B 208 25.01 -9.69 -22.87
CA LYS B 208 24.67 -10.14 -24.21
C LYS B 208 23.61 -9.20 -24.80
N LYS B 209 23.83 -8.79 -26.03
CA LYS B 209 22.88 -7.98 -26.77
C LYS B 209 21.98 -8.91 -27.60
N GLN B 210 20.68 -8.84 -27.36
CA GLN B 210 19.72 -9.68 -28.06
C GLN B 210 18.80 -8.80 -28.90
N ARG B 211 18.37 -9.34 -30.04
CA ARG B 211 17.53 -8.61 -30.98
C ARG B 211 16.10 -9.12 -30.90
N LEU B 212 15.16 -8.19 -30.78
CA LEU B 212 13.74 -8.48 -30.72
C LEU B 212 13.09 -7.96 -32.00
N ASN B 213 12.38 -8.85 -32.70
CA ASN B 213 11.67 -8.47 -33.91
C ASN B 213 10.43 -7.67 -33.56
N LYS B 214 9.65 -7.32 -34.59
CA LYS B 214 8.49 -6.47 -34.37
C LYS B 214 7.45 -7.15 -33.48
N ARG B 215 7.06 -8.39 -33.85
CA ARG B 215 5.98 -9.05 -33.13
C ARG B 215 6.37 -9.35 -31.67
N SER B 216 7.61 -9.78 -31.46
CA SER B 216 8.04 -10.09 -30.09
C SER B 216 8.01 -8.85 -29.21
N TYR B 217 8.47 -7.71 -29.75
CA TYR B 217 8.42 -6.48 -28.97
C TYR B 217 6.99 -6.02 -28.76
N LEU B 218 6.12 -6.20 -29.75
CA LEU B 218 4.71 -5.84 -29.57
C LEU B 218 4.12 -6.63 -28.40
N ILE B 219 4.35 -7.94 -28.37
CA ILE B 219 3.82 -8.76 -27.30
C ILE B 219 4.46 -8.41 -25.96
N ARG B 220 5.75 -8.07 -25.95
CA ARG B 220 6.41 -7.68 -24.71
C ARG B 220 5.89 -6.35 -24.18
N ALA B 221 5.44 -5.47 -25.08
CA ALA B 221 4.88 -4.19 -24.66
C ALA B 221 3.41 -4.29 -24.30
N LEU B 222 2.70 -5.28 -24.81
CA LEU B 222 1.27 -5.46 -24.54
C LEU B 222 1.00 -6.47 -23.43
N THR B 223 2.02 -6.98 -22.76
CA THR B 223 1.84 -8.06 -21.81
C THR B 223 1.73 -7.52 -20.38
N LEU B 224 1.16 -8.35 -19.51
CA LEU B 224 1.00 -8.05 -18.09
C LEU B 224 1.62 -9.15 -17.27
N ASN B 225 2.12 -8.81 -16.08
CA ASN B 225 2.70 -9.78 -15.17
C ASN B 225 1.70 -10.12 -14.07
N THR B 226 1.49 -11.41 -13.84
CA THR B 226 0.48 -11.89 -12.92
C THR B 226 1.13 -12.41 -11.64
N MET B 227 0.56 -12.03 -10.50
CA MET B 227 1.02 -12.48 -9.20
C MET B 227 -0.19 -12.87 -8.36
N THR B 228 0.08 -13.42 -7.18
CA THR B 228 -0.97 -13.82 -6.25
C THR B 228 -1.06 -12.79 -5.12
N LYS B 229 -2.28 -12.37 -4.81
CA LYS B 229 -2.50 -11.35 -3.79
C LYS B 229 -2.49 -12.00 -2.40
N ASP B 230 -1.61 -11.53 -1.53
CA ASP B 230 -1.50 -12.01 -0.17
C ASP B 230 -2.07 -10.99 0.80
N ALA B 231 -2.26 -11.44 2.05
CA ALA B 231 -2.81 -10.59 3.10
C ALA B 231 -4.20 -10.07 2.72
N GLU B 232 -5.00 -10.94 2.13
CA GLU B 232 -6.36 -10.61 1.70
C GLU B 232 -7.33 -11.30 2.64
N ARG B 233 -7.98 -10.51 3.50
CA ARG B 233 -8.89 -11.03 4.51
C ARG B 233 -10.33 -10.94 4.03
N GLY B 234 -11.06 -12.04 4.20
CA GLY B 234 -12.48 -12.03 3.91
C GLY B 234 -12.94 -13.02 2.86
N LYS B 235 -12.09 -14.00 2.53
CA LYS B 235 -12.47 -15.01 1.55
C LYS B 235 -11.58 -16.23 1.70
N LEU B 236 -12.15 -17.40 1.42
CA LEU B 236 -11.43 -18.66 1.57
C LEU B 236 -10.43 -18.90 0.46
N LYS B 237 -10.72 -18.44 -0.75
CA LYS B 237 -9.88 -18.72 -1.92
C LYS B 237 -8.99 -17.54 -2.24
N ARG B 238 -7.83 -17.83 -2.80
CA ARG B 238 -6.90 -16.79 -3.23
C ARG B 238 -7.25 -16.31 -4.64
N ARG B 239 -6.81 -15.10 -4.95
CA ARG B 239 -7.05 -14.48 -6.23
C ARG B 239 -5.73 -14.08 -6.88
N ALA B 240 -5.81 -13.67 -8.14
CA ALA B 240 -4.65 -13.22 -8.90
C ALA B 240 -4.81 -11.75 -9.26
N ILE B 241 -3.68 -11.04 -9.29
CA ILE B 241 -3.65 -9.63 -9.66
C ILE B 241 -2.59 -9.44 -10.74
N ALA B 242 -2.67 -8.31 -11.43
CA ALA B 242 -1.83 -8.04 -12.58
C ALA B 242 -1.12 -6.70 -12.43
N THR B 243 0.03 -6.61 -13.09
CA THR B 243 0.85 -5.41 -13.13
C THR B 243 1.25 -5.14 -14.58
N PRO B 244 0.96 -3.96 -15.12
CA PRO B 244 1.31 -3.68 -16.51
C PRO B 244 2.74 -3.18 -16.65
N GLY B 245 3.13 -2.98 -17.90
CA GLY B 245 4.46 -2.51 -18.22
C GLY B 245 4.59 -1.01 -18.09
N MET B 246 5.67 -0.47 -18.66
CA MET B 246 5.93 0.95 -18.60
C MET B 246 5.52 1.69 -19.87
N GLN B 247 5.36 1.00 -21.00
CA GLN B 247 4.93 1.67 -22.22
C GLN B 247 3.49 2.15 -22.10
N ILE B 248 2.66 1.44 -21.34
CA ILE B 248 1.23 1.70 -21.28
C ILE B 248 0.82 2.49 -20.04
N ARG B 249 1.74 2.74 -19.11
CA ARG B 249 1.38 3.42 -17.87
C ARG B 249 1.13 4.91 -18.06
N GLY B 250 1.77 5.56 -19.02
CA GLY B 250 1.48 6.97 -19.25
C GLY B 250 0.08 7.21 -19.76
N PHE B 251 -0.35 6.39 -20.74
CA PHE B 251 -1.72 6.50 -21.23
C PHE B 251 -2.72 6.20 -20.11
N VAL B 252 -2.41 5.21 -19.28
CA VAL B 252 -3.28 4.89 -18.14
C VAL B 252 -3.34 6.08 -17.19
N TYR B 253 -2.20 6.72 -16.95
CA TYR B 253 -2.17 7.88 -16.07
C TYR B 253 -3.07 8.99 -16.60
N PHE B 254 -2.97 9.28 -17.89
CA PHE B 254 -3.80 10.34 -18.47
C PHE B 254 -5.28 9.98 -18.43
N VAL B 255 -5.62 8.72 -18.75
CA VAL B 255 -7.01 8.30 -18.75
C VAL B 255 -7.58 8.38 -17.34
N GLU B 256 -6.81 7.94 -16.34
CA GLU B 256 -7.27 8.01 -14.96
C GLU B 256 -7.35 9.45 -14.47
N THR B 257 -6.49 10.33 -14.95
CA THR B 257 -6.63 11.74 -14.62
C THR B 257 -7.95 12.28 -15.14
N LEU B 258 -8.30 11.95 -16.39
CA LEU B 258 -9.58 12.38 -16.92
C LEU B 258 -10.73 11.80 -16.12
N ALA B 259 -10.66 10.51 -15.80
CA ALA B 259 -11.75 9.87 -15.08
C ALA B 259 -11.90 10.45 -13.68
N ARG B 260 -10.79 10.77 -13.00
CA ARG B 260 -10.87 11.38 -11.69
C ARG B 260 -11.47 12.79 -11.79
N SER B 261 -11.05 13.57 -12.79
CA SER B 261 -11.64 14.88 -12.96
C SER B 261 -13.14 14.79 -13.21
N ILE B 262 -13.57 13.75 -13.92
CA ILE B 262 -14.99 13.57 -14.18
C ILE B 262 -15.73 13.19 -12.91
N CYS B 263 -15.23 12.16 -12.21
CA CYS B 263 -15.90 11.67 -11.01
C CYS B 263 -15.96 12.73 -9.92
N GLU B 264 -14.96 13.60 -9.84
CA GLU B 264 -15.00 14.66 -8.85
C GLU B 264 -16.21 15.58 -9.04
N LYS B 265 -16.78 15.60 -10.25
CA LYS B 265 -17.98 16.37 -10.53
C LYS B 265 -19.27 15.57 -10.34
N LEU B 266 -19.16 14.31 -9.95
CA LEU B 266 -20.31 13.45 -9.74
C LEU B 266 -20.42 13.14 -8.25
N GLU B 267 -21.57 13.49 -7.66
CA GLU B 267 -21.80 13.21 -6.25
C GLU B 267 -22.18 11.76 -6.00
N GLN B 268 -22.59 11.02 -7.03
CA GLN B 268 -22.95 9.62 -6.87
C GLN B 268 -21.73 8.71 -6.82
N SER B 269 -20.55 9.20 -7.18
CA SER B 269 -19.33 8.42 -7.12
C SER B 269 -18.69 8.56 -5.74
N GLY B 270 -17.97 7.52 -5.33
CA GLY B 270 -17.32 7.51 -4.03
C GLY B 270 -15.92 6.94 -4.06
N LEU B 271 -15.37 6.76 -5.25
CA LEU B 271 -14.06 6.15 -5.42
C LEU B 271 -12.93 7.15 -5.18
N PRO B 272 -13.00 8.37 -5.72
CA PRO B 272 -11.90 9.33 -5.54
C PRO B 272 -11.90 10.05 -4.20
N VAL B 273 -12.71 9.61 -3.23
CA VAL B 273 -12.76 10.27 -1.92
C VAL B 273 -12.27 9.29 -0.86
N GLY B 274 -12.23 9.76 0.39
CA GLY B 274 -11.83 8.92 1.51
C GLY B 274 -13.01 8.19 2.11
N GLY B 275 -12.80 7.68 3.32
CA GLY B 275 -13.84 6.93 3.99
C GLY B 275 -14.91 7.83 4.60
N ASN B 276 -14.48 8.88 5.31
CA ASN B 276 -15.44 9.77 5.96
C ASN B 276 -16.32 10.48 4.94
N GLU B 277 -15.72 10.89 3.82
CA GLU B 277 -16.52 11.48 2.74
C GLU B 277 -17.52 10.47 2.21
N LYS B 278 -17.09 9.21 2.09
CA LYS B 278 -18.00 8.16 1.65
C LYS B 278 -19.19 8.05 2.59
N LYS B 279 -18.93 8.04 3.90
CA LYS B 279 -20.01 7.96 4.87
C LYS B 279 -20.94 9.16 4.78
N ALA B 280 -20.36 10.36 4.63
CA ALA B 280 -21.18 11.57 4.54
C ALA B 280 -22.09 11.52 3.32
N LYS B 281 -21.55 11.11 2.17
CA LYS B 281 -22.36 11.02 0.96
C LYS B 281 -23.44 9.95 1.09
N LEU B 282 -23.11 8.82 1.72
CA LEU B 282 -24.11 7.79 1.93
C LEU B 282 -25.25 8.30 2.80
N ALA B 283 -24.92 8.99 3.89
CA ALA B 283 -25.96 9.55 4.75
C ALA B 283 -26.80 10.56 3.99
N ASN B 284 -26.16 11.42 3.20
CA ASN B 284 -26.90 12.42 2.45
C ASN B 284 -27.85 11.77 1.46
N VAL B 285 -27.40 10.75 0.74
CA VAL B 285 -28.25 10.13 -0.27
C VAL B 285 -29.41 9.39 0.39
N VAL B 286 -29.16 8.67 1.49
CA VAL B 286 -30.26 7.96 2.14
C VAL B 286 -31.28 8.96 2.67
N ARG B 287 -30.82 10.06 3.28
CA ARG B 287 -31.77 11.06 3.78
C ARG B 287 -32.55 11.68 2.64
N LYS B 288 -31.88 11.98 1.53
CA LYS B 288 -32.57 12.57 0.38
C LYS B 288 -33.64 11.63 -0.15
N MET B 289 -33.30 10.34 -0.28
CA MET B 289 -34.24 9.39 -0.88
C MET B 289 -35.43 9.15 0.05
N MET B 290 -35.16 8.91 1.33
CA MET B 290 -36.24 8.58 2.25
C MET B 290 -37.08 9.81 2.60
N THR B 291 -36.41 10.95 2.86
CA THR B 291 -37.13 12.13 3.29
C THR B 291 -38.07 12.64 2.20
N ASN B 292 -37.59 12.71 0.96
CA ASN B 292 -38.44 13.16 -0.14
C ASN B 292 -39.60 12.21 -0.37
N SER B 293 -39.41 10.93 -0.06
CA SER B 293 -40.49 9.96 -0.20
C SER B 293 -41.59 10.27 0.81
N GLN B 294 -42.83 10.34 0.31
CA GLN B 294 -43.97 10.61 1.18
C GLN B 294 -44.45 9.32 1.83
N ASP B 295 -45.54 9.42 2.59
CA ASP B 295 -46.06 8.24 3.28
C ASP B 295 -46.49 7.16 2.31
N THR B 296 -46.91 7.54 1.10
CA THR B 296 -47.42 6.54 0.16
C THR B 296 -46.30 5.75 -0.48
N GLU B 297 -45.14 6.36 -0.70
CA GLU B 297 -44.02 5.69 -1.35
C GLU B 297 -43.24 4.85 -0.34
N LEU B 298 -42.99 3.60 -0.68
CA LEU B 298 -42.11 2.73 0.08
C LEU B 298 -40.68 2.85 -0.45
N SER B 299 -39.73 2.59 0.45
CA SER B 299 -38.31 2.74 0.18
C SER B 299 -37.59 1.45 0.56
N PHE B 300 -36.66 1.01 -0.29
CA PHE B 300 -35.89 -0.19 -0.03
C PHE B 300 -34.44 0.02 -0.42
N THR B 301 -33.54 -0.47 0.43
CA THR B 301 -32.10 -0.39 0.19
C THR B 301 -31.57 -1.76 -0.19
N ILE B 302 -30.81 -1.81 -1.29
CA ILE B 302 -30.14 -3.00 -1.76
C ILE B 302 -28.65 -2.83 -1.49
N THR B 303 -28.06 -3.77 -0.76
CA THR B 303 -26.63 -3.76 -0.44
C THR B 303 -25.92 -4.68 -1.42
N GLY B 304 -25.64 -4.15 -2.61
CA GLY B 304 -25.26 -4.97 -3.74
C GLY B 304 -23.76 -5.06 -3.93
N ASP B 305 -23.31 -6.27 -4.28
CA ASP B 305 -21.96 -6.54 -4.72
C ASP B 305 -22.01 -7.12 -6.12
N ASN B 306 -21.05 -6.75 -6.95
CA ASN B 306 -21.01 -7.18 -8.34
C ASN B 306 -20.06 -8.36 -8.50
N THR B 307 -20.58 -9.47 -9.01
CA THR B 307 -19.78 -10.66 -9.21
C THR B 307 -18.96 -10.53 -10.50
N LYS B 308 -17.68 -10.83 -10.40
CA LYS B 308 -16.78 -10.81 -11.55
C LYS B 308 -16.82 -9.42 -12.22
N TRP B 309 -16.56 -8.40 -11.41
CA TRP B 309 -16.66 -7.03 -11.89
C TRP B 309 -15.64 -6.76 -12.99
N ASN B 310 -14.37 -7.10 -12.73
CA ASN B 310 -13.31 -6.75 -13.67
C ASN B 310 -13.33 -7.66 -14.90
N GLU B 311 -13.74 -8.93 -14.74
CA GLU B 311 -13.68 -9.87 -15.84
C GLU B 311 -14.73 -9.58 -16.91
N ASN B 312 -15.75 -8.77 -16.61
CA ASN B 312 -16.85 -8.52 -17.54
C ASN B 312 -16.82 -7.11 -18.12
N GLN B 313 -15.76 -6.35 -17.89
CA GLN B 313 -15.64 -4.99 -18.40
C GLN B 313 -14.70 -5.01 -19.61
N ASN B 314 -15.27 -4.82 -20.80
CA ASN B 314 -14.49 -4.93 -22.03
C ASN B 314 -13.77 -3.61 -22.31
N PRO B 315 -12.46 -3.62 -22.59
CA PRO B 315 -11.76 -2.37 -22.89
C PRO B 315 -12.32 -1.62 -24.08
N ARG B 316 -12.88 -2.32 -25.07
CA ARG B 316 -13.48 -1.63 -26.21
C ARG B 316 -14.59 -0.69 -25.76
N MET B 317 -15.33 -1.08 -24.72
CA MET B 317 -16.40 -0.22 -24.24
C MET B 317 -15.84 1.01 -23.55
N PHE B 318 -14.71 0.88 -22.84
CA PHE B 318 -14.05 2.05 -22.31
C PHE B 318 -13.55 2.95 -23.42
N LEU B 319 -13.06 2.37 -24.52
CA LEU B 319 -12.70 3.19 -25.68
C LEU B 319 -13.90 3.97 -26.19
N ALA B 320 -15.05 3.32 -26.30
CA ALA B 320 -16.26 4.01 -26.73
C ALA B 320 -16.63 5.14 -25.78
N MET B 321 -16.57 4.89 -24.48
CA MET B 321 -16.92 5.91 -23.50
C MET B 321 -15.98 7.11 -23.62
N ILE B 322 -14.67 6.86 -23.75
CA ILE B 322 -13.75 7.99 -23.81
C ILE B 322 -13.89 8.75 -25.12
N THR B 323 -14.11 8.06 -26.24
CA THR B 323 -14.27 8.78 -27.50
C THR B 323 -15.57 9.57 -27.53
N TYR B 324 -16.60 9.12 -26.80
CA TYR B 324 -17.78 9.96 -26.63
C TYR B 324 -17.49 11.14 -25.70
N ILE B 325 -16.68 10.91 -24.67
CA ILE B 325 -16.34 11.99 -23.74
C ILE B 325 -15.53 13.07 -24.45
N THR B 326 -14.59 12.66 -25.30
CA THR B 326 -13.66 13.58 -25.95
C THR B 326 -14.17 14.06 -27.31
N ARG B 327 -15.49 14.10 -27.51
CA ARG B 327 -16.04 14.65 -28.74
C ARG B 327 -15.83 16.16 -28.77
N ASN B 328 -15.63 16.69 -29.98
CA ASN B 328 -15.42 18.12 -30.19
C ASN B 328 -14.22 18.60 -29.38
N GLN B 329 -13.12 17.86 -29.48
CA GLN B 329 -11.86 18.16 -28.83
C GLN B 329 -10.74 18.00 -29.83
N PRO B 330 -9.56 18.57 -29.57
CA PRO B 330 -8.44 18.41 -30.50
C PRO B 330 -8.15 16.94 -30.75
N GLU B 331 -7.87 16.62 -32.02
CA GLU B 331 -7.71 15.22 -32.40
C GLU B 331 -6.53 14.57 -31.69
N TRP B 332 -5.48 15.33 -31.39
CA TRP B 332 -4.33 14.76 -30.69
C TRP B 332 -4.72 14.32 -29.28
N PHE B 333 -5.54 15.12 -28.60
CA PHE B 333 -6.03 14.73 -27.28
C PHE B 333 -6.83 13.43 -27.35
N ARG B 334 -7.72 13.34 -28.34
CA ARG B 334 -8.50 12.12 -28.51
C ARG B 334 -7.60 10.92 -28.76
N ASN B 335 -6.59 11.09 -29.61
CA ASN B 335 -5.70 9.98 -29.92
C ASN B 335 -4.93 9.53 -28.68
N VAL B 336 -4.36 10.48 -27.93
CA VAL B 336 -3.55 10.12 -26.78
C VAL B 336 -4.40 9.48 -25.70
N LEU B 337 -5.64 9.92 -25.53
CA LEU B 337 -6.53 9.27 -24.57
C LEU B 337 -7.09 7.95 -25.07
N SER B 338 -7.12 7.73 -26.38
CA SER B 338 -7.63 6.48 -26.94
C SER B 338 -6.57 5.40 -27.03
N ILE B 339 -5.29 5.77 -27.00
CA ILE B 339 -4.23 4.76 -27.12
C ILE B 339 -4.35 3.71 -26.04
N ALA B 340 -4.69 4.12 -24.81
CA ALA B 340 -4.71 3.17 -23.69
C ALA B 340 -5.71 2.04 -23.90
N PRO B 341 -7.01 2.29 -24.05
CA PRO B 341 -7.94 1.18 -24.28
C PRO B 341 -7.61 0.37 -25.52
N ILE B 342 -6.99 0.99 -26.53
CA ILE B 342 -6.59 0.23 -27.71
C ILE B 342 -5.58 -0.84 -27.32
N MET B 343 -4.64 -0.51 -26.43
CA MET B 343 -3.67 -1.49 -25.98
C MET B 343 -4.27 -2.50 -25.02
N PHE B 344 -5.19 -2.07 -24.14
CA PHE B 344 -5.86 -3.03 -23.28
C PHE B 344 -6.69 -4.03 -24.06
N SER B 345 -7.32 -3.60 -25.15
CA SER B 345 -8.12 -4.53 -25.95
C SER B 345 -7.26 -5.65 -26.53
N ASN B 346 -5.97 -5.38 -26.72
CA ASN B 346 -5.02 -6.39 -27.21
C ASN B 346 -4.07 -6.86 -26.12
N LYS B 347 -4.40 -6.61 -24.86
CA LYS B 347 -3.49 -6.93 -23.76
C LYS B 347 -3.25 -8.42 -23.68
N MET B 348 -2.02 -8.78 -23.31
CA MET B 348 -1.65 -10.15 -23.00
C MET B 348 -1.26 -10.25 -21.54
N ALA B 349 -1.39 -11.46 -20.99
CA ALA B 349 -1.10 -11.72 -19.59
C ALA B 349 -0.07 -12.83 -19.50
N ARG B 350 1.00 -12.60 -18.74
CA ARG B 350 1.95 -13.66 -18.45
C ARG B 350 1.33 -14.64 -17.48
N LEU B 351 1.49 -15.93 -17.76
CA LEU B 351 0.80 -16.95 -16.96
C LEU B 351 1.23 -16.89 -15.51
N GLY B 352 2.53 -16.72 -15.25
CA GLY B 352 3.00 -16.57 -13.89
C GLY B 352 4.35 -17.19 -13.62
N LYS B 353 4.63 -17.49 -12.35
CA LYS B 353 5.92 -18.05 -11.98
C LYS B 353 6.15 -19.41 -12.61
N GLY B 354 5.12 -20.26 -12.59
CA GLY B 354 5.24 -21.59 -13.15
C GLY B 354 4.57 -22.64 -12.28
N TYR B 355 5.10 -23.86 -12.28
CA TYR B 355 4.56 -24.92 -11.46
C TYR B 355 5.70 -25.76 -10.89
N MET B 356 5.56 -26.14 -9.62
CA MET B 356 6.55 -26.96 -8.95
C MET B 356 6.02 -28.37 -8.76
N PHE B 357 6.82 -29.35 -9.16
CA PHE B 357 6.49 -30.76 -9.06
C PHE B 357 7.36 -31.43 -8.00
N GLU B 358 6.83 -32.49 -7.40
CA GLU B 358 7.57 -33.28 -6.43
C GLU B 358 7.47 -34.75 -6.79
N SER B 359 8.58 -35.47 -6.64
CA SER B 359 8.63 -36.91 -6.83
C SER B 359 9.07 -37.54 -5.52
N LYS B 360 8.14 -38.21 -4.84
CA LYS B 360 8.44 -38.83 -3.55
C LYS B 360 9.22 -40.13 -3.73
N SER B 361 8.98 -40.86 -4.82
CA SER B 361 9.71 -42.10 -5.05
C SER B 361 11.20 -41.84 -5.16
N MET B 362 11.59 -40.82 -5.94
CA MET B 362 12.97 -40.41 -6.05
C MET B 362 13.34 -39.28 -5.11
N LYS B 363 12.36 -38.72 -4.38
CA LYS B 363 12.62 -37.73 -3.34
C LYS B 363 13.35 -36.51 -3.91
N LEU B 364 12.65 -35.81 -4.81
CA LEU B 364 13.21 -34.61 -5.42
C LEU B 364 12.07 -33.65 -5.77
N ARG B 365 12.44 -32.42 -6.11
CA ARG B 365 11.48 -31.42 -6.53
C ARG B 365 12.04 -30.68 -7.75
N THR B 366 11.12 -30.08 -8.50
CA THR B 366 11.46 -29.41 -9.75
C THR B 366 10.55 -28.20 -9.91
N GLN B 367 11.02 -27.20 -10.64
CA GLN B 367 10.27 -25.97 -10.89
C GLN B 367 10.31 -25.69 -12.39
N ILE B 368 9.17 -25.86 -13.06
CA ILE B 368 9.05 -25.59 -14.49
C ILE B 368 8.46 -24.20 -14.67
N PRO B 369 9.05 -23.36 -15.53
CA PRO B 369 8.46 -22.04 -15.77
C PRO B 369 7.15 -22.15 -16.51
N ALA B 370 6.32 -21.11 -16.36
CA ALA B 370 5.00 -21.11 -16.97
C ALA B 370 5.09 -21.13 -18.49
N GLU B 371 6.18 -20.60 -19.06
CA GLU B 371 6.28 -20.52 -20.52
C GLU B 371 6.28 -21.89 -21.17
N MET B 372 6.53 -22.96 -20.42
CA MET B 372 6.50 -24.30 -20.96
C MET B 372 5.10 -24.89 -21.03
N LEU B 373 4.10 -24.21 -20.47
CA LEU B 373 2.75 -24.75 -20.46
C LEU B 373 2.20 -24.97 -21.86
N ALA B 374 2.72 -24.24 -22.85
CA ALA B 374 2.23 -24.40 -24.22
C ALA B 374 2.60 -25.76 -24.80
N SER B 375 3.81 -26.24 -24.49
CA SER B 375 4.32 -27.47 -25.09
C SER B 375 4.46 -28.62 -24.12
N ILE B 376 4.57 -28.35 -22.81
CA ILE B 376 4.79 -29.42 -21.85
C ILE B 376 3.62 -30.39 -21.88
N ASP B 377 3.95 -31.68 -21.79
CA ASP B 377 2.91 -32.70 -21.73
C ASP B 377 2.05 -32.49 -20.48
N LEU B 378 0.87 -33.09 -20.50
CA LEU B 378 -0.12 -32.91 -19.45
C LEU B 378 -0.16 -34.08 -18.46
N LYS B 379 0.84 -34.95 -18.49
CA LYS B 379 0.86 -36.08 -17.57
C LYS B 379 1.15 -35.67 -16.14
N TYR B 380 1.82 -34.54 -15.93
CA TYR B 380 2.21 -34.12 -14.59
C TYR B 380 1.10 -33.35 -13.86
N PHE B 381 0.08 -32.90 -14.57
CA PHE B 381 -0.93 -32.02 -14.00
C PHE B 381 -2.16 -32.82 -13.58
N ASN B 382 -2.81 -32.36 -12.51
CA ASN B 382 -4.03 -33.00 -12.04
C ASN B 382 -5.17 -32.70 -13.01
N ASP B 383 -6.34 -33.28 -12.73
CA ASP B 383 -7.47 -33.14 -13.65
C ASP B 383 -7.86 -31.68 -13.83
N SER B 384 -7.99 -30.94 -12.73
CA SER B 384 -8.41 -29.55 -12.81
C SER B 384 -7.40 -28.71 -13.60
N THR B 385 -6.13 -28.79 -13.22
CA THR B 385 -5.11 -28.04 -13.93
C THR B 385 -4.95 -28.54 -15.36
N ARG B 386 -5.08 -29.85 -15.58
CA ARG B 386 -5.02 -30.38 -16.93
C ARG B 386 -6.09 -29.73 -17.81
N LYS B 387 -7.33 -29.68 -17.32
CA LYS B 387 -8.39 -29.09 -18.11
C LYS B 387 -8.19 -27.59 -18.30
N LYS B 388 -7.71 -26.90 -17.27
CA LYS B 388 -7.45 -25.47 -17.40
C LYS B 388 -6.41 -25.21 -18.49
N ILE B 389 -5.33 -25.99 -18.49
CA ILE B 389 -4.29 -25.82 -19.50
C ILE B 389 -4.84 -26.16 -20.88
N GLU B 390 -5.61 -27.23 -20.99
CA GLU B 390 -6.18 -27.60 -22.27
C GLU B 390 -7.07 -26.49 -22.82
N LYS B 391 -7.82 -25.83 -21.94
CA LYS B 391 -8.72 -24.77 -22.38
C LYS B 391 -7.97 -23.48 -22.72
N ILE B 392 -6.88 -23.19 -22.01
CA ILE B 392 -6.16 -21.94 -22.24
C ILE B 392 -5.09 -22.03 -23.31
N ARG B 393 -4.70 -23.24 -23.71
CA ARG B 393 -3.61 -23.38 -24.68
C ARG B 393 -3.88 -22.65 -25.99
N PRO B 394 -5.09 -22.69 -26.56
CA PRO B 394 -5.32 -22.02 -27.85
C PRO B 394 -4.98 -20.55 -27.82
N LEU B 395 -5.06 -19.92 -26.65
CA LEU B 395 -4.78 -18.50 -26.49
C LEU B 395 -3.33 -18.21 -26.16
N LEU B 396 -2.48 -19.23 -26.05
CA LEU B 396 -1.08 -19.02 -25.69
C LEU B 396 -0.29 -18.56 -26.91
N ILE B 397 0.36 -17.42 -26.80
CA ILE B 397 1.21 -16.87 -27.84
C ILE B 397 2.50 -16.40 -27.18
N ASP B 398 3.59 -17.13 -27.42
CA ASP B 398 4.90 -16.76 -26.91
C ASP B 398 4.92 -16.72 -25.38
N GLY B 399 4.35 -17.75 -24.77
CA GLY B 399 4.37 -17.88 -23.32
C GLY B 399 3.42 -16.97 -22.58
N THR B 400 2.53 -16.27 -23.28
CA THR B 400 1.56 -15.39 -22.65
C THR B 400 0.21 -15.59 -23.33
N ALA B 401 -0.86 -15.40 -22.56
CA ALA B 401 -2.21 -15.64 -23.02
C ALA B 401 -2.92 -14.33 -23.34
N SER B 402 -3.60 -14.30 -24.48
CA SER B 402 -4.36 -13.11 -24.86
C SER B 402 -5.58 -12.97 -23.96
N LEU B 403 -5.80 -11.77 -23.42
CA LEU B 403 -6.88 -11.49 -22.50
C LEU B 403 -7.69 -10.30 -22.97
N SER B 404 -8.05 -10.30 -24.25
CA SER B 404 -8.82 -9.21 -24.81
C SER B 404 -10.17 -8.99 -24.15
N PRO B 405 -10.96 -10.03 -23.82
CA PRO B 405 -12.37 -9.81 -23.48
C PRO B 405 -12.62 -8.79 -22.37
N GLY B 406 -11.79 -8.76 -21.33
CA GLY B 406 -12.08 -7.89 -20.20
C GLY B 406 -10.86 -7.56 -19.38
N MET B 407 -11.04 -6.57 -18.50
CA MET B 407 -9.96 -6.13 -17.64
C MET B 407 -9.57 -7.24 -16.66
N MET B 408 -8.32 -7.18 -16.19
CA MET B 408 -7.78 -8.20 -15.30
C MET B 408 -7.98 -7.85 -13.83
N MET B 409 -7.44 -6.72 -13.39
CA MET B 409 -7.59 -6.31 -11.98
C MET B 409 -7.65 -4.78 -11.93
N GLY B 410 -8.88 -4.26 -11.96
CA GLY B 410 -9.15 -2.88 -11.62
C GLY B 410 -8.10 -1.86 -12.04
N MET B 411 -7.57 -1.97 -13.26
CA MET B 411 -6.69 -0.91 -13.74
C MET B 411 -7.48 0.35 -14.06
N PHE B 412 -8.64 0.20 -14.70
CA PHE B 412 -9.55 1.32 -14.91
C PHE B 412 -10.64 1.30 -13.83
N ASN B 413 -10.22 1.61 -12.60
CA ASN B 413 -11.17 1.75 -11.51
C ASN B 413 -12.11 2.92 -11.76
N MET B 414 -11.54 4.07 -12.15
CA MET B 414 -12.33 5.29 -12.22
C MET B 414 -13.32 5.26 -13.38
N LEU B 415 -12.94 4.68 -14.52
CA LEU B 415 -13.88 4.55 -15.62
C LEU B 415 -15.01 3.58 -15.28
N SER B 416 -14.69 2.49 -14.58
CA SER B 416 -15.74 1.60 -14.12
C SER B 416 -16.69 2.31 -13.17
N THR B 417 -16.16 3.15 -12.28
CA THR B 417 -17.01 3.95 -11.41
C THR B 417 -17.87 4.90 -12.23
N VAL B 418 -17.31 5.46 -13.30
CA VAL B 418 -18.08 6.35 -14.16
C VAL B 418 -19.26 5.60 -14.79
N LEU B 419 -19.01 4.39 -15.28
CA LEU B 419 -20.08 3.59 -15.87
C LEU B 419 -21.16 3.28 -14.83
N GLY B 420 -20.74 2.89 -13.63
CA GLY B 420 -21.70 2.62 -12.58
C GLY B 420 -22.51 3.84 -12.20
N VAL B 421 -21.87 5.00 -12.15
CA VAL B 421 -22.58 6.24 -11.85
C VAL B 421 -23.56 6.58 -12.96
N SER B 422 -23.19 6.31 -14.20
CA SER B 422 -24.14 6.49 -15.30
C SER B 422 -25.36 5.62 -15.11
N ILE B 423 -25.15 4.35 -14.72
CA ILE B 423 -26.29 3.46 -14.46
C ILE B 423 -27.14 4.02 -13.34
N LEU B 424 -26.49 4.48 -12.26
CA LEU B 424 -27.24 5.00 -11.12
C LEU B 424 -28.08 6.21 -11.53
N ASN B 425 -27.49 7.12 -12.32
CA ASN B 425 -28.19 8.33 -12.73
C ASN B 425 -29.27 8.05 -13.75
N LEU B 426 -29.17 6.94 -14.48
CA LEU B 426 -30.17 6.61 -15.48
C LEU B 426 -31.54 6.32 -14.89
N GLY B 427 -31.70 6.40 -13.57
CA GLY B 427 -32.99 6.18 -12.93
C GLY B 427 -33.43 7.38 -12.11
N GLN B 428 -33.21 8.58 -12.62
CA GLN B 428 -33.51 9.81 -11.92
C GLN B 428 -35.00 10.17 -11.96
N LYS B 429 -35.86 9.26 -12.37
CA LYS B 429 -37.30 9.42 -12.55
C LYS B 429 -37.62 10.21 -13.80
N ARG B 430 -36.63 10.78 -14.50
CA ARG B 430 -36.87 11.41 -15.79
C ARG B 430 -36.67 10.43 -16.93
N TYR B 431 -35.85 9.39 -16.74
CA TYR B 431 -35.66 8.34 -17.72
C TYR B 431 -36.43 7.07 -17.39
N THR B 432 -36.81 6.87 -16.13
CA THR B 432 -37.58 5.69 -15.77
C THR B 432 -38.96 5.71 -16.43
N LYS B 433 -39.59 6.89 -16.49
CA LYS B 433 -40.92 7.03 -17.06
C LYS B 433 -41.95 6.20 -16.32
N THR B 434 -41.78 6.07 -14.99
CA THR B 434 -42.67 5.26 -14.18
C THR B 434 -42.62 5.78 -12.75
N THR B 435 -43.59 5.37 -11.95
CA THR B 435 -43.68 5.85 -10.57
C THR B 435 -42.41 5.51 -9.79
N TYR B 436 -41.87 4.31 -9.99
CA TYR B 436 -40.68 3.90 -9.26
C TYR B 436 -39.46 4.69 -9.75
N TRP B 437 -38.47 4.78 -8.87
CA TRP B 437 -37.20 5.42 -9.22
C TRP B 437 -36.15 4.94 -8.24
N TRP B 438 -34.89 5.23 -8.55
CA TRP B 438 -33.80 4.76 -7.71
C TRP B 438 -32.63 5.72 -7.78
N ASP B 439 -31.78 5.64 -6.75
CA ASP B 439 -30.53 6.36 -6.69
C ASP B 439 -29.58 5.53 -5.83
N GLY B 440 -28.43 6.09 -5.50
CA GLY B 440 -27.53 5.41 -4.59
C GLY B 440 -26.09 5.83 -4.82
N LEU B 441 -25.19 4.97 -4.36
CA LEU B 441 -23.76 5.24 -4.45
C LEU B 441 -23.04 4.02 -4.98
N GLN B 442 -22.10 4.25 -5.89
CA GLN B 442 -21.32 3.21 -6.55
C GLN B 442 -19.84 3.43 -6.28
N SER B 443 -19.15 2.40 -5.79
CA SER B 443 -17.70 2.39 -5.77
C SER B 443 -17.28 1.02 -6.27
N SER B 444 -16.42 1.00 -7.29
CA SER B 444 -16.21 -0.18 -8.12
C SER B 444 -16.32 -1.48 -7.32
N ASP B 445 -17.16 -2.40 -7.81
CA ASP B 445 -17.39 -3.74 -7.26
C ASP B 445 -18.34 -3.73 -6.07
N ASP B 446 -18.88 -2.58 -5.69
CA ASP B 446 -19.72 -2.44 -4.51
C ASP B 446 -20.69 -1.28 -4.74
N PHE B 447 -21.92 -1.42 -4.25
CA PHE B 447 -22.87 -0.32 -4.39
C PHE B 447 -23.98 -0.46 -3.37
N ALA B 448 -24.58 0.69 -3.05
CA ALA B 448 -25.81 0.75 -2.27
C ALA B 448 -26.85 1.44 -3.13
N LEU B 449 -28.02 0.80 -3.28
CA LEU B 449 -29.07 1.28 -4.17
C LEU B 449 -30.35 1.51 -3.38
N ILE B 450 -30.78 2.75 -3.27
CA ILE B 450 -32.04 3.10 -2.61
C ILE B 450 -33.08 3.30 -3.69
N VAL B 451 -34.11 2.45 -3.68
CA VAL B 451 -35.17 2.46 -4.69
C VAL B 451 -36.48 2.74 -3.99
N ASN B 452 -37.24 3.71 -4.51
CA ASN B 452 -38.53 4.08 -3.97
C ASN B 452 -39.62 3.83 -5.01
N ALA B 453 -40.77 3.38 -4.54
CA ALA B 453 -41.90 3.09 -5.42
C ALA B 453 -43.16 3.02 -4.56
N PRO B 454 -44.32 3.36 -5.15
CA PRO B 454 -45.55 3.42 -4.34
C PRO B 454 -45.97 2.10 -3.73
N ASN B 455 -45.53 0.96 -4.27
CA ASN B 455 -45.96 -0.32 -3.75
C ASN B 455 -44.84 -1.34 -3.98
N HIS B 456 -44.96 -2.48 -3.30
CA HIS B 456 -43.96 -3.52 -3.43
C HIS B 456 -43.77 -3.94 -4.88
N GLU B 457 -44.87 -3.95 -5.65
CA GLU B 457 -44.75 -4.24 -7.07
C GLU B 457 -43.88 -3.22 -7.77
N GLY B 458 -44.03 -1.94 -7.41
CA GLY B 458 -43.18 -0.92 -7.98
C GLY B 458 -41.71 -1.11 -7.64
N ILE B 459 -41.42 -1.46 -6.39
CA ILE B 459 -40.04 -1.72 -6.00
C ILE B 459 -39.47 -2.90 -6.77
N GLN B 460 -40.26 -3.96 -6.91
CA GLN B 460 -39.81 -5.14 -7.66
C GLN B 460 -39.52 -4.77 -9.10
N ALA B 461 -40.42 -4.02 -9.74
CA ALA B 461 -40.20 -3.61 -11.12
C ALA B 461 -38.96 -2.73 -11.25
N GLY B 462 -38.77 -1.80 -10.31
CA GLY B 462 -37.61 -0.95 -10.37
C GLY B 462 -36.31 -1.71 -10.25
N VAL B 463 -36.23 -2.62 -9.28
CA VAL B 463 -35.01 -3.40 -9.12
C VAL B 463 -34.78 -4.31 -10.32
N ASP B 464 -35.86 -4.88 -10.87
CA ASP B 464 -35.71 -5.72 -12.04
C ASP B 464 -35.18 -4.94 -13.22
N ARG B 465 -35.71 -3.74 -13.46
CA ARG B 465 -35.23 -2.93 -14.57
C ARG B 465 -33.79 -2.47 -14.34
N PHE B 466 -33.44 -2.13 -13.10
CA PHE B 466 -32.06 -1.76 -12.81
C PHE B 466 -31.11 -2.92 -13.11
N TYR B 467 -31.47 -4.13 -12.68
CA TYR B 467 -30.66 -5.29 -12.97
C TYR B 467 -30.54 -5.52 -14.47
N ARG B 468 -31.66 -5.40 -15.19
CA ARG B 468 -31.63 -5.63 -16.63
C ARG B 468 -30.73 -4.61 -17.32
N THR B 469 -30.85 -3.34 -16.95
CA THR B 469 -29.99 -2.32 -17.53
C THR B 469 -28.52 -2.58 -17.21
N CYS B 470 -28.24 -3.04 -15.99
CA CYS B 470 -26.86 -3.38 -15.64
C CYS B 470 -26.34 -4.49 -16.55
N LYS B 471 -27.17 -5.51 -16.81
CA LYS B 471 -26.74 -6.59 -17.68
C LYS B 471 -26.51 -6.14 -19.12
N LEU B 472 -27.08 -5.01 -19.54
CA LEU B 472 -26.84 -4.48 -20.88
C LEU B 472 -25.53 -3.73 -20.98
N LEU B 473 -24.87 -3.43 -19.85
CA LEU B 473 -23.60 -2.72 -19.83
C LEU B 473 -22.44 -3.62 -19.41
N GLY B 474 -22.65 -4.92 -19.39
CA GLY B 474 -21.59 -5.83 -18.99
C GLY B 474 -21.33 -5.87 -17.50
N ILE B 475 -22.25 -5.35 -16.71
CA ILE B 475 -22.12 -5.32 -15.25
C ILE B 475 -23.12 -6.31 -14.67
N ASN B 476 -22.64 -7.17 -13.77
CA ASN B 476 -23.45 -8.22 -13.16
C ASN B 476 -23.59 -7.95 -11.66
N MET B 477 -24.76 -8.25 -11.13
CA MET B 477 -25.04 -8.11 -9.70
C MET B 477 -24.95 -9.47 -9.03
N SER B 478 -24.14 -9.55 -7.98
CA SER B 478 -23.95 -10.81 -7.26
C SER B 478 -25.17 -11.07 -6.40
N LYS B 479 -26.03 -12.00 -6.83
CA LYS B 479 -27.22 -12.33 -6.07
C LYS B 479 -26.90 -13.02 -4.75
N LYS B 480 -25.77 -13.72 -4.68
CA LYS B 480 -25.43 -14.44 -3.45
C LYS B 480 -24.93 -13.52 -2.36
N LYS B 481 -24.24 -12.43 -2.72
CA LYS B 481 -23.68 -11.50 -1.75
C LYS B 481 -24.50 -10.22 -1.63
N SER B 482 -25.75 -10.23 -2.07
CA SER B 482 -26.59 -9.04 -2.06
C SER B 482 -27.92 -9.35 -1.39
N TYR B 483 -28.49 -8.34 -0.72
CA TYR B 483 -29.79 -8.46 -0.09
C TYR B 483 -30.44 -7.09 -0.03
N ILE B 484 -31.77 -7.10 0.05
CA ILE B 484 -32.58 -5.89 0.04
C ILE B 484 -33.44 -5.87 1.30
N ASN B 485 -33.48 -4.72 1.96
CA ASN B 485 -34.32 -4.52 3.15
C ASN B 485 -34.95 -3.14 3.06
N ARG B 486 -35.65 -2.73 4.11
CA ARG B 486 -36.15 -1.36 4.17
C ARG B 486 -35.00 -0.41 4.49
N THR B 487 -35.12 0.81 3.97
CA THR B 487 -34.07 1.80 4.17
C THR B 487 -33.92 2.14 5.64
N GLY B 488 -32.68 2.41 6.05
CA GLY B 488 -32.37 2.68 7.44
C GLY B 488 -31.28 1.75 7.94
N THR B 489 -31.07 0.65 7.24
CA THR B 489 -30.05 -0.33 7.61
C THR B 489 -29.44 -0.89 6.34
N PHE B 490 -28.12 -0.79 6.21
CA PHE B 490 -27.42 -1.32 5.04
C PHE B 490 -25.92 -1.36 5.33
N GLU B 491 -25.16 -1.78 4.32
CA GLU B 491 -23.71 -1.89 4.41
C GLU B 491 -23.08 -1.34 3.15
N PHE B 492 -21.85 -0.84 3.28
CA PHE B 492 -21.11 -0.36 2.13
C PHE B 492 -19.63 -0.36 2.48
N THR B 493 -18.87 -1.24 1.84
CA THR B 493 -17.42 -1.31 2.02
C THR B 493 -17.06 -1.36 3.51
N SER B 494 -17.61 -2.37 4.18
CA SER B 494 -17.35 -2.63 5.60
C SER B 494 -17.80 -1.47 6.49
N PHE B 495 -18.63 -0.57 5.98
CA PHE B 495 -19.25 0.49 6.77
C PHE B 495 -20.70 0.12 6.95
N PHE B 496 -21.11 -0.13 8.20
CA PHE B 496 -22.46 -0.59 8.51
C PHE B 496 -23.28 0.61 8.97
N TYR B 497 -24.31 0.95 8.20
CA TYR B 497 -25.19 2.06 8.51
C TYR B 497 -26.46 1.51 9.15
N ARG B 498 -26.77 1.98 10.35
CA ARG B 498 -28.00 1.61 11.07
C ARG B 498 -28.52 2.90 11.71
N TYR B 499 -29.35 3.63 10.96
CA TYR B 499 -29.83 4.94 11.39
C TYR B 499 -28.66 5.83 11.78
N GLY B 500 -27.55 5.70 11.04
CA GLY B 500 -26.32 6.38 11.37
C GLY B 500 -25.16 5.40 11.40
N PHE B 501 -24.02 5.78 10.85
CA PHE B 501 -22.90 4.86 10.75
C PHE B 501 -22.40 4.48 12.14
N VAL B 502 -22.01 3.21 12.28
CA VAL B 502 -21.53 2.66 13.54
C VAL B 502 -20.05 2.32 13.38
N ALA B 503 -19.27 2.67 14.40
CA ALA B 503 -17.84 2.39 14.37
C ALA B 503 -17.59 0.89 14.45
N ASN B 504 -16.51 0.45 13.81
CA ASN B 504 -16.12 -0.95 13.79
C ASN B 504 -14.86 -1.20 14.61
N PHE B 505 -13.76 -0.52 14.28
CA PHE B 505 -12.52 -0.58 15.03
C PHE B 505 -11.80 -1.91 14.84
N SER B 506 -12.46 -2.88 14.20
CA SER B 506 -11.80 -4.15 13.91
C SER B 506 -11.06 -4.14 12.59
N MET B 507 -11.36 -3.18 11.72
CA MET B 507 -10.61 -3.02 10.47
C MET B 507 -9.26 -2.36 10.70
N GLU B 508 -9.13 -1.55 11.74
CA GLU B 508 -7.89 -0.83 12.03
C GLU B 508 -7.05 -1.51 13.09
N LEU B 509 -7.51 -2.65 13.63
CA LEU B 509 -6.80 -3.35 14.67
C LEU B 509 -5.39 -3.74 14.22
N PRO B 510 -5.23 -4.25 12.99
CA PRO B 510 -3.88 -4.64 12.54
C PRO B 510 -2.88 -3.49 12.51
N SER B 511 -3.34 -2.24 12.57
CA SER B 511 -2.47 -1.08 12.48
C SER B 511 -2.06 -0.55 13.84
N PHE B 512 -2.30 -1.31 14.92
CA PHE B 512 -2.02 -0.87 16.27
C PHE B 512 -0.65 -1.30 16.78
N GLY B 513 0.14 -2.01 15.96
CA GLY B 513 1.46 -2.44 16.34
C GLY B 513 2.53 -1.50 15.84
N VAL B 514 3.79 -1.94 16.01
CA VAL B 514 4.91 -1.17 15.50
C VAL B 514 4.89 -1.23 13.98
N SER B 515 4.86 -0.07 13.34
CA SER B 515 4.74 -0.03 11.88
C SER B 515 5.91 -0.73 11.21
N GLY B 516 7.13 -0.45 11.66
CA GLY B 516 8.31 -1.09 11.11
C GLY B 516 9.14 -0.17 10.25
N ILE B 517 9.02 1.14 10.48
CA ILE B 517 9.80 2.12 9.73
C ILE B 517 11.11 2.37 10.47
N ASN B 518 11.03 2.87 11.69
CA ASN B 518 12.16 3.05 12.57
C ASN B 518 11.62 3.40 13.95
N GLU B 519 12.50 3.70 14.89
CA GLU B 519 12.09 3.89 16.27
C GLU B 519 11.19 5.12 16.41
N SER B 520 11.72 6.29 16.06
CA SER B 520 10.93 7.51 16.16
C SER B 520 9.69 7.45 15.28
N ALA B 521 9.86 6.96 14.04
CA ALA B 521 8.73 6.86 13.13
C ALA B 521 7.68 5.92 13.69
N ASP B 522 8.09 4.78 14.23
CA ASP B 522 7.13 3.84 14.78
C ASP B 522 6.38 4.45 15.96
N MET B 523 7.09 5.12 16.86
CA MET B 523 6.44 5.75 18.00
C MET B 523 5.40 6.76 17.54
N SER B 524 5.80 7.67 16.65
CA SER B 524 4.89 8.71 16.19
C SER B 524 3.70 8.10 15.45
N ILE B 525 3.95 7.09 14.61
CA ILE B 525 2.87 6.48 13.85
C ILE B 525 1.89 5.78 14.79
N GLY B 526 2.39 5.08 15.80
CA GLY B 526 1.49 4.42 16.73
C GLY B 526 0.61 5.40 17.48
N VAL B 527 1.22 6.46 18.02
CA VAL B 527 0.41 7.43 18.77
C VAL B 527 -0.57 8.13 17.85
N THR B 528 -0.15 8.46 16.63
CA THR B 528 -1.05 9.12 15.69
C THR B 528 -2.19 8.20 15.26
N VAL B 529 -1.91 6.91 15.08
CA VAL B 529 -2.97 5.97 14.74
C VAL B 529 -3.97 5.86 15.88
N ILE B 530 -3.49 5.79 17.12
CA ILE B 530 -4.40 5.78 18.26
C ILE B 530 -5.28 7.02 18.24
N LYS B 531 -4.65 8.18 18.03
CA LYS B 531 -5.40 9.44 17.99
C LYS B 531 -6.47 9.41 16.90
N ASN B 532 -6.08 9.03 15.68
CA ASN B 532 -7.01 9.05 14.56
C ASN B 532 -8.17 8.09 14.80
N ASN B 533 -7.88 6.87 15.24
CA ASN B 533 -8.95 5.93 15.52
C ASN B 533 -9.82 6.37 16.68
N MET B 534 -9.30 7.20 17.58
CA MET B 534 -10.15 7.85 18.56
C MET B 534 -11.05 8.90 17.92
N ILE B 535 -10.55 9.63 16.94
CA ILE B 535 -11.33 10.69 16.30
C ILE B 535 -12.39 10.09 15.38
N ASN B 536 -12.00 9.12 14.54
CA ASN B 536 -12.87 8.62 13.50
C ASN B 536 -13.65 7.38 13.95
N ASN B 537 -12.94 6.33 14.35
CA ASN B 537 -13.55 5.04 14.65
C ASN B 537 -14.08 4.95 16.07
N ASP B 538 -14.31 6.08 16.74
CA ASP B 538 -14.99 6.12 18.03
C ASP B 538 -14.32 5.18 19.04
N LEU B 539 -13.00 5.23 19.09
CA LEU B 539 -12.26 4.47 20.09
C LEU B 539 -12.40 5.13 21.45
N GLY B 540 -12.69 4.32 22.47
CA GLY B 540 -12.96 4.82 23.79
C GLY B 540 -11.71 5.33 24.49
N PRO B 541 -11.90 6.20 25.49
CA PRO B 541 -10.74 6.70 26.24
C PRO B 541 -9.95 5.60 26.95
N ALA B 542 -10.63 4.78 27.75
CA ALA B 542 -9.92 3.70 28.45
C ALA B 542 -9.32 2.71 27.46
N THR B 543 -10.04 2.41 26.38
CA THR B 543 -9.49 1.54 25.36
C THR B 543 -8.25 2.16 24.73
N ALA B 544 -8.27 3.48 24.51
CA ALA B 544 -7.11 4.15 23.95
C ALA B 544 -5.92 4.08 24.91
N GLN B 545 -6.17 4.25 26.19
CA GLN B 545 -5.08 4.13 27.17
C GLN B 545 -4.52 2.73 27.18
N MET B 546 -5.38 1.71 27.12
CA MET B 546 -4.90 0.33 27.05
C MET B 546 -4.09 0.11 25.78
N ALA B 547 -4.54 0.67 24.67
CA ALA B 547 -3.79 0.54 23.42
C ALA B 547 -2.43 1.19 23.54
N LEU B 548 -2.37 2.37 24.17
CA LEU B 548 -1.08 3.02 24.37
C LEU B 548 -0.15 2.16 25.21
N GLN B 549 -0.68 1.58 26.30
CA GLN B 549 0.15 0.74 27.16
C GLN B 549 0.68 -0.47 26.39
N LEU B 550 -0.21 -1.17 25.67
CA LEU B 550 0.21 -2.35 24.93
C LEU B 550 1.20 -2.00 23.83
N PHE B 551 0.96 -0.88 23.14
CA PHE B 551 1.88 -0.47 22.09
C PHE B 551 3.25 -0.14 22.66
N ILE B 552 3.29 0.53 23.82
CA ILE B 552 4.57 0.83 24.44
C ILE B 552 5.28 -0.46 24.84
N LYS B 553 4.55 -1.43 25.40
CA LYS B 553 5.16 -2.69 25.76
C LYS B 553 5.76 -3.38 24.54
N ASP B 554 4.98 -3.48 23.47
CA ASP B 554 5.48 -4.14 22.26
C ASP B 554 6.63 -3.38 21.64
N TYR B 555 6.59 -2.05 21.69
CA TYR B 555 7.67 -1.23 21.15
C TYR B 555 8.97 -1.48 21.92
N ARG B 556 8.89 -1.50 23.25
CA ARG B 556 10.09 -1.76 24.04
C ARG B 556 10.60 -3.18 23.81
N TYR B 557 9.70 -4.15 23.68
CA TYR B 557 10.12 -5.53 23.48
C TYR B 557 10.63 -5.78 22.07
N THR B 558 10.30 -4.91 21.11
CA THR B 558 10.73 -5.08 19.73
C THR B 558 12.09 -4.43 19.48
N TYR B 559 12.29 -3.23 20.00
CA TYR B 559 13.53 -2.48 19.80
C TYR B 559 14.52 -2.69 20.93
N ARG B 560 14.26 -3.61 21.85
CA ARG B 560 15.19 -3.95 22.92
C ARG B 560 15.52 -2.72 23.76
N CYS B 561 14.55 -1.82 23.91
CA CYS B 561 14.70 -0.59 24.67
C CYS B 561 13.75 -0.65 25.86
N HIS B 562 14.22 -1.24 26.95
CA HIS B 562 13.41 -1.38 28.15
C HIS B 562 13.64 -0.19 29.09
N ARG B 563 12.81 -0.11 30.12
CA ARG B 563 12.75 1.09 30.95
C ARG B 563 14.10 1.52 31.49
N GLY B 564 15.07 0.61 31.55
CA GLY B 564 16.42 0.92 32.02
C GLY B 564 16.62 0.66 33.50
N ASP B 565 15.58 0.86 34.31
CA ASP B 565 15.64 0.54 35.72
C ASP B 565 15.32 -0.92 36.01
N THR B 566 15.05 -1.70 34.97
CA THR B 566 14.78 -3.13 35.11
C THR B 566 16.05 -3.93 34.90
N GLN B 567 15.97 -5.23 35.19
CA GLN B 567 17.08 -6.15 35.02
C GLN B 567 16.80 -7.14 33.89
N ILE B 568 16.20 -6.63 32.81
CA ILE B 568 15.92 -7.46 31.63
C ILE B 568 17.17 -7.40 30.75
N GLN B 569 17.95 -8.48 30.77
CA GLN B 569 19.16 -8.53 29.97
C GLN B 569 18.82 -8.74 28.50
N THR B 570 19.32 -7.84 27.66
CA THR B 570 19.16 -7.92 26.21
C THR B 570 20.49 -7.57 25.56
N ARG B 571 20.50 -7.56 24.22
CA ARG B 571 21.68 -7.13 23.49
C ARG B 571 21.93 -5.64 23.60
N ARG B 572 20.97 -4.88 24.13
CA ARG B 572 21.08 -3.42 24.22
C ARG B 572 20.84 -2.91 25.65
N SER B 573 20.80 -3.80 26.63
CA SER B 573 20.47 -3.40 28.00
C SER B 573 21.65 -2.81 28.75
N PHE B 574 22.87 -2.94 28.23
CA PHE B 574 24.03 -2.42 28.95
C PHE B 574 24.22 -0.93 28.66
N GLU B 575 24.31 -0.57 27.38
CA GLU B 575 24.46 0.83 27.02
C GLU B 575 23.29 1.64 27.53
N ILE B 576 22.08 1.08 27.44
CA ILE B 576 20.90 1.77 27.95
C ILE B 576 21.03 2.02 29.44
N LYS B 577 21.50 1.02 30.19
CA LYS B 577 21.63 1.19 31.63
C LYS B 577 22.69 2.21 31.99
N LYS B 578 23.83 2.24 31.27
CA LYS B 578 24.82 3.26 31.58
C LYS B 578 24.31 4.65 31.22
N LEU B 579 23.56 4.78 30.12
CA LEU B 579 22.96 6.07 29.81
C LEU B 579 21.98 6.47 30.89
N TRP B 580 21.22 5.51 31.42
CA TRP B 580 20.29 5.78 32.50
C TRP B 580 21.01 6.29 33.74
N GLU B 581 22.07 5.58 34.16
CA GLU B 581 22.81 5.99 35.35
C GLU B 581 23.58 7.28 35.14
N GLN B 582 23.93 7.61 33.89
CA GLN B 582 24.64 8.84 33.60
C GLN B 582 23.71 10.04 33.66
N THR B 583 22.48 9.89 33.20
CA THR B 583 21.55 11.01 33.14
C THR B 583 21.08 11.39 34.54
N ARG B 584 20.91 12.70 34.75
CA ARG B 584 20.42 13.22 36.02
C ARG B 584 18.90 13.32 36.04
N SER B 585 18.32 14.00 35.03
CA SER B 585 16.88 14.09 34.88
C SER B 585 16.45 12.96 33.96
N LYS B 586 16.22 11.78 34.55
CA LYS B 586 15.90 10.59 33.77
C LYS B 586 14.50 10.62 33.17
N ALA B 587 13.66 11.57 33.56
CA ALA B 587 12.32 11.67 32.99
C ALA B 587 12.33 12.20 31.56
N GLY B 588 13.45 12.72 31.09
CA GLY B 588 13.53 13.27 29.74
C GLY B 588 14.03 12.28 28.71
N LEU B 589 14.48 11.11 29.16
CA LEU B 589 14.95 10.09 28.24
C LEU B 589 13.82 9.55 27.40
N LEU B 590 14.09 9.35 26.11
CA LEU B 590 13.08 8.80 25.21
C LEU B 590 12.90 7.31 25.48
N VAL B 591 11.71 6.81 25.16
CA VAL B 591 11.43 5.39 25.33
C VAL B 591 12.39 4.56 24.50
N SER B 592 12.86 5.11 23.37
CA SER B 592 13.85 4.41 22.57
C SER B 592 15.17 4.25 23.30
N ASP B 593 15.49 5.15 24.24
CA ASP B 593 16.73 5.08 25.01
C ASP B 593 16.50 4.55 26.42
N GLY B 594 15.35 3.95 26.67
CA GLY B 594 15.07 3.37 27.97
C GLY B 594 14.63 4.40 29.00
N GLY B 595 13.63 5.21 28.65
CA GLY B 595 13.09 6.20 29.54
C GLY B 595 11.62 5.99 29.81
N PRO B 596 11.07 6.68 30.80
CA PRO B 596 9.65 6.53 31.11
C PRO B 596 8.78 7.11 30.00
N ASN B 597 7.55 6.60 29.95
CA ASN B 597 6.58 7.01 28.95
C ASN B 597 5.64 8.03 29.58
N LEU B 598 5.63 9.25 29.02
CA LEU B 598 4.77 10.33 29.51
C LEU B 598 3.52 10.52 28.65
N TYR B 599 3.27 9.63 27.70
CA TYR B 599 2.14 9.79 26.80
C TYR B 599 0.82 9.52 27.53
N ASN B 600 -0.23 10.17 27.05
CA ASN B 600 -1.57 9.98 27.58
C ASN B 600 -2.56 10.50 26.54
N ILE B 601 -3.84 10.40 26.85
CA ILE B 601 -4.87 10.80 25.90
C ILE B 601 -4.68 12.25 25.47
N ARG B 602 -4.16 13.09 26.37
CA ARG B 602 -3.95 14.50 26.05
C ARG B 602 -2.69 14.73 25.23
N ASN B 603 -1.76 13.77 25.20
CA ASN B 603 -0.46 13.97 24.57
C ASN B 603 -0.29 13.13 23.30
N LEU B 604 -1.38 12.62 22.74
CA LEU B 604 -1.27 11.75 21.58
C LEU B 604 -0.95 12.50 20.29
N HIS B 605 -1.01 13.83 20.30
CA HIS B 605 -0.76 14.62 19.10
C HIS B 605 0.57 15.38 19.18
N ILE B 606 1.47 14.98 20.06
CA ILE B 606 2.74 15.65 20.26
C ILE B 606 3.85 14.65 20.00
N PRO B 607 4.88 14.99 19.23
CA PRO B 607 6.02 14.09 19.07
C PRO B 607 6.73 13.85 20.40
N GLU B 608 7.34 12.67 20.51
CA GLU B 608 7.99 12.30 21.77
C GLU B 608 9.12 13.26 22.10
N VAL B 609 9.90 13.67 21.11
CA VAL B 609 11.06 14.52 21.37
C VAL B 609 10.62 15.84 21.98
N CYS B 610 9.57 16.44 21.42
CA CYS B 610 9.11 17.73 21.91
C CYS B 610 8.38 17.63 23.24
N LEU B 611 7.74 16.49 23.53
CA LEU B 611 7.08 16.31 24.82
C LEU B 611 8.08 16.19 25.95
N LYS B 612 9.28 15.66 25.67
CA LYS B 612 10.32 15.48 26.67
C LYS B 612 11.46 16.48 26.51
N TRP B 613 11.25 17.53 25.72
CA TRP B 613 12.35 18.46 25.44
C TRP B 613 12.82 19.17 26.70
N GLU B 614 11.89 19.67 27.50
CA GLU B 614 12.26 20.45 28.68
C GLU B 614 12.81 19.60 29.81
N LEU B 615 12.66 18.28 29.74
CA LEU B 615 13.16 17.39 30.78
C LEU B 615 14.52 16.79 30.46
N MET B 616 14.96 16.86 29.20
CA MET B 616 16.23 16.29 28.81
C MET B 616 17.39 17.11 29.34
N ASP B 617 18.47 16.42 29.69
CA ASP B 617 19.73 17.09 30.02
C ASP B 617 20.37 17.62 28.73
N GLU B 618 21.01 18.78 28.83
CA GLU B 618 21.54 19.42 27.63
C GLU B 618 22.56 18.53 26.93
N ASP B 619 23.35 17.76 27.68
CA ASP B 619 24.32 16.86 27.05
C ASP B 619 23.60 15.78 26.24
N TYR B 620 22.63 15.11 26.84
CA TYR B 620 21.89 14.08 26.12
C TYR B 620 21.07 14.68 24.99
N GLN B 621 20.51 15.87 25.22
CA GLN B 621 19.73 16.53 24.18
C GLN B 621 20.60 16.85 22.97
N GLY B 622 21.81 17.37 23.20
CA GLY B 622 22.71 17.66 22.10
C GLY B 622 23.20 16.41 21.40
N ARG B 623 23.53 15.37 22.16
CA ARG B 623 23.96 14.12 21.53
C ARG B 623 22.85 13.51 20.69
N LEU B 624 21.61 13.58 21.16
CA LEU B 624 20.49 13.00 20.44
C LEU B 624 20.25 13.73 19.12
N CYS B 625 19.97 15.02 19.20
CA CYS B 625 19.59 15.80 18.01
C CYS B 625 20.82 16.52 17.46
N ASN B 626 21.75 15.74 16.95
CA ASN B 626 22.97 16.26 16.36
C ASN B 626 22.92 16.11 14.85
N PRO B 627 22.97 17.21 14.07
CA PRO B 627 22.89 17.06 12.62
C PRO B 627 23.98 16.17 12.04
N LEU B 628 25.17 16.20 12.61
CA LEU B 628 26.29 15.38 12.12
C LEU B 628 26.14 13.90 12.42
N ASN B 629 25.02 13.43 12.97
CA ASN B 629 24.89 12.03 13.28
C ASN B 629 24.99 11.20 12.00
N PRO B 630 25.67 10.06 12.02
CA PRO B 630 25.81 9.24 10.81
C PRO B 630 24.61 8.35 10.51
N PHE B 631 23.53 8.45 11.29
CA PHE B 631 22.36 7.59 11.12
C PHE B 631 21.26 8.22 10.29
N VAL B 632 20.98 9.50 10.49
CA VAL B 632 19.89 10.16 9.77
C VAL B 632 20.26 10.28 8.31
N SER B 633 19.34 9.89 7.43
CA SER B 633 19.52 10.02 5.99
C SER B 633 18.21 10.47 5.37
N HIS B 634 18.24 11.58 4.64
CA HIS B 634 17.07 12.12 3.96
C HIS B 634 17.36 12.17 2.47
N LYS B 635 16.44 11.62 1.67
CA LYS B 635 16.63 11.50 0.23
C LYS B 635 15.89 12.59 -0.54
N GLU B 636 14.58 12.72 -0.33
CA GLU B 636 13.77 13.65 -1.09
C GLU B 636 12.70 14.23 -0.18
N ILE B 637 12.08 15.33 -0.66
CA ILE B 637 11.00 15.97 0.09
C ILE B 637 9.83 15.01 0.24
N GLU B 638 9.64 14.10 -0.71
CA GLU B 638 8.50 13.19 -0.65
C GLU B 638 8.65 12.17 0.46
N SER B 639 9.88 11.72 0.75
CA SER B 639 10.13 10.66 1.71
C SER B 639 10.67 11.18 3.03
N VAL B 640 10.29 12.39 3.43
CA VAL B 640 10.80 12.95 4.68
C VAL B 640 10.05 12.33 5.87
N ASN B 641 8.74 12.53 5.93
CA ASN B 641 7.92 12.03 7.03
C ASN B 641 6.65 11.39 6.48
N ASN B 642 6.81 10.62 5.40
CA ASN B 642 5.71 9.88 4.80
C ASN B 642 5.99 8.39 4.92
N ALA B 643 5.04 7.65 5.48
CA ALA B 643 5.19 6.21 5.67
C ALA B 643 4.07 5.49 4.93
N VAL B 644 4.43 4.48 4.15
CA VAL B 644 3.48 3.74 3.33
C VAL B 644 3.03 2.53 4.16
N MET B 645 1.81 2.59 4.70
CA MET B 645 1.23 1.49 5.45
C MET B 645 0.08 0.92 4.65
N MET B 646 0.23 -0.31 4.20
CA MET B 646 -0.85 -0.98 3.47
C MET B 646 -1.96 -1.34 4.45
N PRO B 647 -3.09 -0.63 4.44
CA PRO B 647 -4.16 -0.94 5.41
C PRO B 647 -4.83 -2.26 5.10
N ALA B 648 -5.32 -2.90 6.16
CA ALA B 648 -6.07 -4.13 5.99
C ALA B 648 -7.38 -3.85 5.27
N HIS B 649 -7.71 -4.70 4.28
CA HIS B 649 -8.94 -4.56 3.52
C HIS B 649 -8.99 -3.22 2.78
N GLY B 650 -7.89 -2.89 2.08
CA GLY B 650 -7.84 -1.69 1.29
C GLY B 650 -6.55 -1.56 0.52
N PRO B 651 -6.48 -0.59 -0.39
CA PRO B 651 -5.26 -0.38 -1.16
C PRO B 651 -4.19 0.33 -0.35
N ALA B 652 -2.95 0.21 -0.84
CA ALA B 652 -1.81 0.81 -0.15
C ALA B 652 -2.03 2.31 0.03
N LYS B 653 -1.73 2.80 1.22
CA LYS B 653 -1.95 4.19 1.58
C LYS B 653 -0.70 4.76 2.25
N ASN B 654 -0.58 6.08 2.17
CA ASN B 654 0.54 6.82 2.75
C ASN B 654 0.02 7.72 3.87
N MET B 655 0.82 7.88 4.92
CA MET B 655 0.46 8.70 6.06
C MET B 655 1.58 9.68 6.38
N GLU B 656 1.19 10.92 6.68
CA GLU B 656 2.08 11.92 7.26
C GLU B 656 2.16 11.68 8.76
N TYR B 657 3.37 11.45 9.27
CA TYR B 657 3.60 11.26 10.69
C TYR B 657 4.53 12.35 11.21
N ASP B 658 4.16 12.96 12.33
CA ASP B 658 4.95 14.03 12.92
C ASP B 658 6.11 13.41 13.70
N ALA B 659 7.34 13.80 13.35
CA ALA B 659 8.51 13.29 14.03
C ALA B 659 9.64 14.29 13.89
N VAL B 660 10.52 14.30 14.89
CA VAL B 660 11.71 15.14 14.89
C VAL B 660 12.90 14.31 14.47
N ALA B 661 13.72 14.85 13.58
CA ALA B 661 14.89 14.13 13.07
C ALA B 661 15.89 13.95 14.20
N THR B 662 15.93 12.75 14.76
CA THR B 662 16.86 12.40 15.82
C THR B 662 17.81 11.31 15.34
N THR B 663 18.73 10.93 16.22
CA THR B 663 19.64 9.83 15.91
C THR B 663 18.91 8.50 15.77
N HIS B 664 17.65 8.43 16.19
CA HIS B 664 16.85 7.21 16.08
C HIS B 664 16.13 7.11 14.74
N SER B 665 16.29 8.07 13.85
CA SER B 665 15.61 8.08 12.56
C SER B 665 16.37 7.30 11.49
N TRP B 666 17.23 6.37 11.90
CA TRP B 666 17.96 5.56 10.95
C TRP B 666 17.01 4.83 10.01
N ILE B 667 17.55 4.37 8.88
CA ILE B 667 16.81 3.53 7.95
C ILE B 667 17.35 2.12 8.05
N PRO B 668 16.51 1.09 7.95
CA PRO B 668 16.97 -0.28 8.23
C PRO B 668 17.78 -0.85 7.06
N LYS B 669 18.32 -2.05 7.31
CA LYS B 669 19.13 -2.73 6.31
C LYS B 669 18.29 -3.15 5.11
N ARG B 670 18.94 -3.25 3.96
CA ARG B 670 18.28 -3.68 2.74
C ARG B 670 18.38 -5.19 2.58
N ASN B 671 17.81 -5.70 1.50
CA ASN B 671 17.65 -7.15 1.36
C ASN B 671 19.00 -7.86 1.31
N ARG B 672 19.90 -7.41 0.43
CA ARG B 672 21.26 -7.93 0.29
C ARG B 672 21.32 -9.26 -0.42
N SER B 673 20.22 -9.79 -0.95
CA SER B 673 20.25 -11.06 -1.66
C SER B 673 20.61 -10.92 -3.13
N ILE B 674 20.75 -9.69 -3.64
CA ILE B 674 21.14 -9.48 -5.03
C ILE B 674 22.53 -10.02 -5.31
N LEU B 675 23.35 -10.21 -4.28
CA LEU B 675 24.75 -10.60 -4.48
C LEU B 675 24.88 -12.00 -5.06
N ASN B 676 23.87 -12.84 -4.92
CA ASN B 676 23.92 -14.22 -5.41
C ASN B 676 23.24 -14.39 -6.77
N THR B 677 22.82 -13.30 -7.40
CA THR B 677 22.09 -13.36 -8.66
C THR B 677 22.95 -12.79 -9.79
N SER B 678 22.64 -13.22 -11.02
CA SER B 678 23.32 -12.66 -12.18
C SER B 678 23.07 -11.18 -12.33
N GLN B 679 21.99 -10.67 -11.75
CA GLN B 679 21.72 -9.23 -11.75
C GLN B 679 22.49 -8.56 -10.62
N ARG B 680 23.79 -8.81 -10.55
CA ARG B 680 24.63 -8.24 -9.50
C ARG B 680 25.18 -6.87 -9.87
N GLY B 681 25.33 -6.60 -11.17
CA GLY B 681 25.82 -5.30 -11.60
C GLY B 681 24.87 -4.16 -11.31
N ILE B 682 23.60 -4.45 -11.01
CA ILE B 682 22.66 -3.39 -10.68
C ILE B 682 23.10 -2.65 -9.42
N LEU B 683 23.77 -3.34 -8.50
CA LEU B 683 24.22 -2.68 -7.28
C LEU B 683 25.36 -1.71 -7.57
N GLU B 684 26.29 -2.08 -8.45
CA GLU B 684 27.35 -1.16 -8.83
C GLU B 684 26.79 0.08 -9.52
N ASP B 685 25.81 -0.11 -10.42
CA ASP B 685 25.15 1.03 -11.05
C ASP B 685 24.44 1.88 -10.01
N GLU B 686 23.79 1.25 -9.04
CA GLU B 686 23.15 1.99 -7.97
C GLU B 686 24.16 2.86 -7.23
N GLN B 687 25.30 2.27 -6.86
CA GLN B 687 26.31 3.01 -6.11
C GLN B 687 26.84 4.19 -6.93
N MET B 688 27.13 3.96 -8.21
CA MET B 688 27.67 5.03 -9.03
C MET B 688 26.64 6.14 -9.25
N TYR B 689 25.39 5.77 -9.51
CA TYR B 689 24.34 6.76 -9.66
C TYR B 689 24.17 7.57 -8.39
N GLN B 690 24.21 6.90 -7.23
CA GLN B 690 24.06 7.63 -5.97
C GLN B 690 25.24 8.55 -5.71
N LYS B 691 26.46 8.12 -6.05
CA LYS B 691 27.61 9.00 -5.91
C LYS B 691 27.45 10.24 -6.78
N CYS B 692 27.06 10.06 -8.04
CA CYS B 692 26.86 11.20 -8.93
C CYS B 692 25.74 12.10 -8.42
N CYS B 693 24.66 11.51 -7.91
CA CYS B 693 23.54 12.31 -7.40
C CYS B 693 23.95 13.10 -6.17
N ASN B 694 24.74 12.50 -5.28
CA ASN B 694 25.22 13.23 -4.11
C ASN B 694 26.14 14.37 -4.53
N LEU B 695 27.01 14.13 -5.50
CA LEU B 695 27.86 15.20 -6.00
C LEU B 695 27.03 16.34 -6.58
N PHE B 696 26.02 16.00 -7.38
CA PHE B 696 25.16 17.03 -7.96
C PHE B 696 24.43 17.80 -6.87
N GLU B 697 23.92 17.10 -5.86
CA GLU B 697 23.22 17.77 -4.76
C GLU B 697 24.14 18.73 -4.04
N LYS B 698 25.38 18.31 -3.76
CA LYS B 698 26.35 19.22 -3.18
C LYS B 698 26.63 20.39 -4.12
N PHE B 699 26.53 20.17 -5.42
CA PHE B 699 26.67 21.26 -6.38
C PHE B 699 25.36 22.04 -6.51
N PHE B 700 24.22 21.35 -6.46
CA PHE B 700 22.89 21.96 -6.59
C PHE B 700 22.09 21.59 -5.35
N PRO B 701 22.14 22.40 -4.30
CA PRO B 701 21.46 22.01 -3.04
C PRO B 701 19.97 21.78 -3.19
N SER B 702 19.31 22.44 -4.15
CA SER B 702 17.86 22.29 -4.31
C SER B 702 17.49 21.05 -5.11
N SER B 703 18.44 20.15 -5.36
CA SER B 703 18.14 18.98 -6.19
C SER B 703 17.04 18.13 -5.58
N SER B 704 17.03 18.00 -4.25
CA SER B 704 16.04 17.15 -3.60
C SER B 704 14.68 17.82 -3.52
N TYR B 705 14.63 19.05 -2.99
CA TYR B 705 13.34 19.69 -2.74
C TYR B 705 12.59 19.93 -4.03
N ARG B 706 13.23 20.59 -5.01
CA ARG B 706 12.69 20.76 -6.35
C ARG B 706 13.58 20.01 -7.33
N ARG B 707 13.01 19.03 -8.02
CA ARG B 707 13.76 18.25 -8.98
C ARG B 707 14.26 19.16 -10.10
N PRO B 708 15.56 19.16 -10.41
CA PRO B 708 16.06 20.07 -11.45
C PRO B 708 15.48 19.73 -12.81
N VAL B 709 15.38 20.76 -13.65
CA VAL B 709 14.89 20.62 -15.02
C VAL B 709 15.87 21.28 -15.96
N GLY B 710 15.84 20.83 -17.20
CA GLY B 710 16.73 21.36 -18.22
C GLY B 710 17.06 20.29 -19.24
N ILE B 711 17.92 20.67 -20.19
CA ILE B 711 18.37 19.77 -21.25
C ILE B 711 19.88 19.65 -21.33
N SER B 712 20.62 20.30 -20.44
CA SER B 712 22.06 20.15 -20.40
C SER B 712 22.45 18.87 -19.67
N SER B 713 23.74 18.56 -19.70
CA SER B 713 24.29 17.38 -19.04
C SER B 713 24.91 17.75 -17.70
N MET B 714 25.20 16.72 -16.90
CA MET B 714 25.67 16.94 -15.54
C MET B 714 26.90 17.83 -15.51
N VAL B 715 27.98 17.35 -16.14
CA VAL B 715 29.29 17.95 -15.92
C VAL B 715 29.29 19.41 -16.34
N GLU B 716 28.50 19.77 -17.36
CA GLU B 716 28.43 21.17 -17.76
C GLU B 716 27.97 22.04 -16.60
N ALA B 717 26.83 21.68 -16.00
CA ALA B 717 26.30 22.47 -14.89
C ALA B 717 27.26 22.46 -13.71
N MET B 718 27.80 21.28 -13.37
CA MET B 718 28.67 21.20 -12.20
C MET B 718 29.93 22.04 -12.39
N VAL B 719 30.60 21.94 -13.54
CA VAL B 719 31.82 22.69 -13.75
C VAL B 719 31.55 24.19 -13.81
N SER B 720 30.47 24.58 -14.49
CA SER B 720 30.18 26.00 -14.62
C SER B 720 29.83 26.61 -13.27
N ARG B 721 29.04 25.89 -12.47
CA ARG B 721 28.75 26.39 -11.13
C ARG B 721 29.99 26.39 -10.25
N ALA B 722 30.92 25.47 -10.48
CA ALA B 722 32.20 25.54 -9.77
C ALA B 722 32.92 26.85 -10.11
N ARG B 723 33.01 27.16 -11.41
CA ARG B 723 33.56 28.44 -11.84
C ARG B 723 32.96 29.56 -11.00
N ILE B 724 31.64 29.71 -11.09
CA ILE B 724 30.99 30.90 -10.55
C ILE B 724 31.08 30.93 -9.03
N ASP B 725 30.89 29.78 -8.38
CA ASP B 725 30.88 29.77 -6.92
C ASP B 725 32.28 30.06 -6.37
N ALA B 726 33.32 29.51 -6.99
CA ALA B 726 34.67 29.89 -6.58
C ALA B 726 34.86 31.39 -6.72
N ARG B 727 34.50 31.94 -7.88
CA ARG B 727 34.57 33.39 -8.07
C ARG B 727 33.95 34.13 -6.91
N ILE B 728 32.65 33.92 -6.70
CA ILE B 728 31.89 34.80 -5.80
C ILE B 728 32.29 34.54 -4.35
N ASP B 729 32.58 33.28 -4.00
CA ASP B 729 32.99 32.98 -2.65
C ASP B 729 34.36 33.54 -2.35
N PHE B 730 35.20 33.78 -3.36
CA PHE B 730 36.29 34.74 -3.15
C PHE B 730 35.81 36.17 -2.98
N GLU B 731 34.97 36.68 -3.87
CA GLU B 731 34.59 38.07 -3.74
C GLU B 731 34.11 38.37 -2.31
N SER B 732 33.72 37.34 -1.57
CA SER B 732 33.68 37.39 -0.11
C SER B 732 33.62 35.97 0.42
N GLY B 733 34.68 35.51 1.09
CA GLY B 733 34.66 34.20 1.70
C GLY B 733 36.05 33.60 1.81
N ARG B 734 36.06 32.30 2.12
CA ARG B 734 37.29 31.58 2.46
C ARG B 734 38.26 31.48 1.28
N ILE B 735 37.74 31.36 0.05
CA ILE B 735 38.60 31.11 -1.10
C ILE B 735 39.74 32.13 -1.13
N LYS B 736 40.84 31.79 -1.80
CA LYS B 736 41.91 32.73 -2.07
C LYS B 736 42.31 32.66 -3.54
N LYS B 737 42.98 33.71 -4.03
CA LYS B 737 43.42 33.72 -5.43
C LYS B 737 44.08 32.41 -5.81
N GLU B 738 44.98 31.91 -4.97
CA GLU B 738 45.63 30.64 -5.25
C GLU B 738 44.58 29.55 -5.47
N GLU B 739 43.66 29.41 -4.52
CA GLU B 739 42.62 28.40 -4.63
C GLU B 739 41.66 28.70 -5.78
N PHE B 740 41.31 29.96 -6.02
CA PHE B 740 40.37 30.27 -7.10
C PHE B 740 40.96 29.89 -8.45
N ALA B 741 42.23 30.25 -8.68
CA ALA B 741 42.88 29.88 -9.94
C ALA B 741 43.05 28.36 -10.03
N GLU B 742 43.35 27.71 -8.91
CA GLU B 742 43.44 26.25 -8.91
C GLU B 742 42.13 25.63 -9.35
N ILE B 743 41.00 26.13 -8.83
CA ILE B 743 39.69 25.65 -9.24
C ILE B 743 39.43 25.94 -10.71
N MET B 744 39.80 27.13 -11.19
CA MET B 744 39.55 27.47 -12.58
C MET B 744 40.28 26.50 -13.51
N LYS B 745 41.56 26.25 -13.23
CA LYS B 745 42.33 25.36 -14.09
C LYS B 745 41.95 23.90 -13.88
N ILE B 746 41.45 23.53 -12.70
CA ILE B 746 40.92 22.18 -12.52
C ILE B 746 39.64 22.00 -13.32
N CYS B 747 38.82 23.05 -13.39
CA CYS B 747 37.65 23.02 -14.25
C CYS B 747 38.07 22.84 -15.71
N SER B 748 39.10 23.55 -16.13
CA SER B 748 39.62 23.36 -17.48
C SER B 748 40.12 21.93 -17.68
N THR B 749 40.75 21.36 -16.65
CA THR B 749 41.26 19.99 -16.73
C THR B 749 40.11 19.00 -16.93
N ILE B 750 39.05 19.13 -16.14
CA ILE B 750 37.92 18.21 -16.31
C ILE B 750 37.23 18.47 -17.64
N GLU B 751 37.26 19.72 -18.13
CA GLU B 751 36.73 20.01 -19.46
C GLU B 751 37.48 19.20 -20.53
N GLU B 752 38.82 19.30 -20.53
CA GLU B 752 39.58 18.57 -21.53
C GLU B 752 39.49 17.06 -21.31
N LEU B 753 39.24 16.62 -20.08
CA LEU B 753 39.02 15.20 -19.83
C LEU B 753 37.72 14.74 -20.46
N ARG B 754 36.65 15.53 -20.33
CA ARG B 754 35.39 15.19 -20.96
C ARG B 754 35.51 15.25 -22.48
N ARG B 755 36.34 16.15 -23.00
CA ARG B 755 36.67 16.12 -24.42
C ARG B 755 37.18 14.74 -24.83
N GLN B 756 38.03 14.14 -24.01
CA GLN B 756 38.58 12.82 -24.31
C GLN B 756 38.42 11.87 -23.12
N MET C 1 36.72 23.66 -2.90
CA MET C 1 37.92 22.85 -3.26
C MET C 1 37.56 21.37 -3.38
N GLU C 2 37.15 20.78 -2.26
CA GLU C 2 36.86 19.35 -2.23
C GLU C 2 35.87 18.95 -3.33
N ARG C 3 34.76 19.67 -3.43
CA ARG C 3 33.64 19.23 -4.27
C ARG C 3 34.11 18.96 -5.70
N ILE C 4 34.78 19.93 -6.31
CA ILE C 4 35.28 19.72 -7.66
C ILE C 4 36.33 18.62 -7.67
N LYS C 5 36.97 18.36 -6.52
CA LYS C 5 37.99 17.32 -6.50
C LYS C 5 37.38 15.93 -6.59
N GLU C 6 36.32 15.64 -5.83
CA GLU C 6 35.69 14.34 -6.06
C GLU C 6 34.98 14.31 -7.41
N LEU C 7 34.58 15.48 -7.93
CA LEU C 7 34.07 15.51 -9.29
C LEU C 7 35.12 15.01 -10.28
N ARG C 8 36.36 15.53 -10.17
CA ARG C 8 37.43 15.09 -11.06
C ARG C 8 37.76 13.62 -10.83
N ASP C 9 37.76 13.18 -9.57
CA ASP C 9 38.03 11.77 -9.29
C ASP C 9 36.97 10.88 -9.93
N LEU C 10 35.69 11.29 -9.87
CA LEU C 10 34.63 10.53 -10.52
C LEU C 10 34.85 10.49 -12.03
N MET C 11 35.12 11.65 -12.64
CA MET C 11 35.35 11.68 -14.07
C MET C 11 36.60 10.93 -14.48
N SER C 12 37.50 10.65 -13.53
CA SER C 12 38.70 9.86 -13.86
C SER C 12 38.32 8.46 -14.33
N GLN C 13 37.38 7.83 -13.65
CA GLN C 13 36.99 6.47 -14.00
C GLN C 13 35.94 6.51 -15.11
N SER C 14 36.09 5.59 -16.07
CA SER C 14 35.35 5.69 -17.33
C SER C 14 33.84 5.58 -17.12
N ARG C 15 33.39 4.65 -16.28
CA ARG C 15 31.96 4.41 -16.15
C ARG C 15 31.25 5.64 -15.58
N THR C 16 31.77 6.18 -14.48
CA THR C 16 31.16 7.38 -13.91
C THR C 16 31.28 8.56 -14.86
N ARG C 17 32.37 8.64 -15.62
CA ARG C 17 32.49 9.70 -16.61
C ARG C 17 31.38 9.61 -17.65
N GLU C 18 31.11 8.41 -18.13
CA GLU C 18 30.02 8.23 -19.09
C GLU C 18 28.68 8.57 -18.47
N ILE C 19 28.46 8.15 -17.22
CA ILE C 19 27.20 8.47 -16.55
C ILE C 19 27.03 9.98 -16.45
N LEU C 20 28.10 10.69 -16.10
CA LEU C 20 28.04 12.14 -15.97
C LEU C 20 27.84 12.82 -17.32
N THR C 21 28.42 12.27 -18.38
CA THR C 21 28.37 12.92 -19.68
C THR C 21 27.02 12.72 -20.36
N LYS C 22 26.59 11.48 -20.49
CA LYS C 22 25.39 11.19 -21.29
C LYS C 22 24.10 11.54 -20.55
N THR C 23 24.11 11.51 -19.22
CA THR C 23 22.90 11.75 -18.45
C THR C 23 22.61 13.24 -18.42
N THR C 24 21.39 13.63 -18.78
CA THR C 24 20.96 15.02 -18.75
C THR C 24 20.36 15.37 -17.39
N VAL C 25 20.24 16.66 -17.15
CA VAL C 25 19.79 17.14 -15.84
C VAL C 25 18.36 16.65 -15.56
N ASP C 26 17.51 16.62 -16.58
CA ASP C 26 16.12 16.24 -16.36
C ASP C 26 16.03 14.83 -15.79
N HIS C 27 16.84 13.91 -16.29
CA HIS C 27 16.82 12.54 -15.82
C HIS C 27 17.37 12.40 -14.39
N MET C 28 17.89 13.49 -13.81
CA MET C 28 18.38 13.46 -12.44
C MET C 28 17.52 12.62 -11.52
N ALA C 29 16.22 12.92 -11.45
CA ALA C 29 15.35 12.22 -10.52
C ALA C 29 15.35 10.73 -10.80
N ILE C 30 15.18 10.36 -12.07
CA ILE C 30 15.02 8.95 -12.42
C ILE C 30 16.19 8.14 -11.87
N ILE C 31 17.41 8.47 -12.32
CA ILE C 31 18.57 7.72 -11.87
C ILE C 31 18.76 7.80 -10.37
N LYS C 32 18.29 8.87 -9.73
CA LYS C 32 18.42 8.97 -8.28
C LYS C 32 17.51 7.98 -7.59
N LYS C 33 16.34 7.72 -8.16
CA LYS C 33 15.43 6.71 -7.65
C LYS C 33 15.71 5.33 -8.23
N TYR C 34 16.64 5.22 -9.17
CA TYR C 34 17.02 3.93 -9.72
C TYR C 34 17.58 3.04 -8.62
N THR C 35 16.84 2.00 -8.24
CA THR C 35 17.28 1.11 -7.19
C THR C 35 16.68 -0.27 -7.40
N SER C 36 17.39 -1.28 -6.91
CA SER C 36 16.89 -2.66 -6.92
C SER C 36 16.08 -2.98 -5.68
N GLY C 37 16.03 -2.08 -4.70
CA GLY C 37 15.32 -2.34 -3.46
C GLY C 37 13.83 -2.19 -3.65
N ARG C 38 13.09 -3.28 -3.50
CA ARG C 38 11.64 -3.20 -3.54
C ARG C 38 11.10 -2.54 -2.27
N GLN C 39 9.96 -1.86 -2.40
CA GLN C 39 9.31 -1.28 -1.25
C GLN C 39 8.64 -2.38 -0.44
N GLU C 40 8.90 -2.40 0.86
CA GLU C 40 8.45 -3.51 1.69
C GLU C 40 6.93 -3.58 1.75
N LYS C 41 6.39 -4.80 1.66
CA LYS C 41 4.96 -5.01 1.74
C LYS C 41 4.50 -5.15 3.20
N ASN C 42 5.32 -5.77 4.05
CA ASN C 42 4.99 -6.00 5.45
C ASN C 42 6.13 -5.45 6.30
N PRO C 43 6.17 -4.14 6.55
CA PRO C 43 7.31 -3.58 7.30
C PRO C 43 7.40 -4.09 8.72
N ALA C 44 6.27 -4.28 9.40
CA ALA C 44 6.31 -4.67 10.80
C ALA C 44 6.95 -6.04 10.97
N LEU C 45 6.61 -6.99 10.11
CA LEU C 45 7.13 -8.33 10.24
C LEU C 45 8.66 -8.35 10.17
N ARG C 46 9.22 -7.62 9.19
CA ARG C 46 10.66 -7.61 9.03
C ARG C 46 11.37 -6.73 10.05
N MET C 47 10.75 -5.64 10.50
CA MET C 47 11.34 -4.88 11.58
C MET C 47 11.43 -5.71 12.86
N LYS C 48 10.42 -6.54 13.11
CA LYS C 48 10.49 -7.45 14.24
C LYS C 48 11.45 -8.61 13.99
N TRP C 49 11.76 -8.88 12.73
CA TRP C 49 12.67 -9.97 12.37
C TRP C 49 14.10 -9.49 12.21
N MET C 50 14.31 -8.27 11.68
CA MET C 50 15.66 -7.76 11.49
C MET C 50 16.31 -7.35 12.81
N MET C 51 15.53 -6.78 13.73
CA MET C 51 16.10 -6.31 14.99
C MET C 51 16.66 -7.44 15.83
N ALA C 52 16.34 -8.69 15.51
CA ALA C 52 16.95 -9.83 16.20
C ALA C 52 18.31 -10.19 15.62
N MET C 53 18.74 -9.52 14.56
CA MET C 53 20.06 -9.73 13.97
C MET C 53 21.07 -8.78 14.59
N LYS C 54 22.35 -9.10 14.38
CA LYS C 54 23.43 -8.18 14.70
C LYS C 54 23.71 -7.29 13.50
N TYR C 55 23.91 -6.00 13.75
CA TYR C 55 24.06 -5.02 12.69
C TYR C 55 22.79 -4.94 11.85
N PRO C 56 21.65 -4.54 12.43
CA PRO C 56 20.41 -4.44 11.66
C PRO C 56 20.14 -3.09 11.03
N ILE C 57 20.86 -2.03 11.41
CA ILE C 57 20.57 -0.70 10.87
C ILE C 57 21.73 -0.29 9.97
N THR C 58 21.61 0.86 9.31
CA THR C 58 22.63 1.34 8.40
C THR C 58 23.03 2.76 8.79
N ALA C 59 24.31 3.09 8.56
CA ALA C 59 24.82 4.40 8.90
C ALA C 59 25.93 4.77 7.92
N ASP C 60 26.20 6.06 7.82
CA ASP C 60 27.23 6.54 6.91
C ASP C 60 28.60 5.98 7.31
N LYS C 61 29.52 6.00 6.35
CA LYS C 61 30.86 5.48 6.60
C LYS C 61 31.54 6.23 7.73
N ARG C 62 31.19 7.51 7.92
CA ARG C 62 31.89 8.33 8.90
C ARG C 62 31.78 7.74 10.30
N ILE C 63 30.77 6.91 10.54
CA ILE C 63 30.60 6.30 11.86
C ILE C 63 31.84 5.49 12.24
N MET C 64 32.55 4.94 11.25
CA MET C 64 33.74 4.16 11.54
C MET C 64 34.86 4.98 12.14
N GLU C 65 34.77 6.32 12.10
CA GLU C 65 35.81 7.19 12.65
C GLU C 65 35.28 8.11 13.74
N MET C 66 34.12 7.82 14.30
CA MET C 66 33.63 8.57 15.46
C MET C 66 33.30 7.64 16.62
N ILE C 67 32.87 6.43 16.32
CA ILE C 67 32.42 5.47 17.31
C ILE C 67 33.37 4.27 17.26
N PRO C 68 33.88 3.79 18.39
CA PRO C 68 34.78 2.63 18.35
C PRO C 68 34.05 1.39 17.87
N GLU C 69 34.83 0.46 17.29
CA GLU C 69 34.25 -0.76 16.75
C GLU C 69 33.58 -1.61 17.81
N ARG C 70 33.98 -1.47 19.08
CA ARG C 70 33.40 -2.25 20.17
C ARG C 70 33.33 -1.41 21.42
N ASN C 71 32.39 -1.78 22.29
CA ASN C 71 32.18 -1.09 23.55
C ASN C 71 33.01 -1.76 24.65
N GLU C 72 32.71 -1.44 25.91
CA GLU C 72 33.58 -1.83 27.01
C GLU C 72 33.73 -3.35 27.09
N GLN C 73 32.63 -4.09 27.01
CA GLN C 73 32.69 -5.55 27.12
C GLN C 73 33.05 -6.21 25.80
N GLY C 74 33.12 -5.46 24.72
CA GLY C 74 33.42 -6.05 23.42
C GLY C 74 32.23 -6.25 22.51
N GLN C 75 31.04 -5.78 22.88
CA GLN C 75 29.91 -5.85 21.97
C GLN C 75 30.19 -4.93 20.78
N THR C 76 30.14 -5.49 19.58
CA THR C 76 30.44 -4.71 18.39
C THR C 76 29.35 -3.67 18.15
N LEU C 77 29.79 -2.46 17.77
CA LEU C 77 28.88 -1.36 17.50
C LEU C 77 28.63 -1.14 16.02
N TRP C 78 29.64 -1.36 15.18
CA TRP C 78 29.48 -1.18 13.74
C TRP C 78 30.33 -2.22 13.01
N SER C 79 29.96 -2.48 11.77
CA SER C 79 30.69 -3.37 10.89
C SER C 79 31.15 -2.60 9.66
N LYS C 80 32.24 -3.07 9.05
CA LYS C 80 32.81 -2.42 7.88
C LYS C 80 32.21 -2.93 6.58
N THR C 81 31.31 -3.90 6.62
CA THR C 81 30.66 -4.41 5.42
C THR C 81 29.57 -3.44 4.98
N ASN C 82 29.68 -2.96 3.75
CA ASN C 82 28.76 -1.94 3.26
C ASN C 82 27.40 -2.53 2.94
N ASP C 83 26.42 -1.66 2.80
CA ASP C 83 25.07 -2.07 2.45
C ASP C 83 25.05 -2.63 1.03
N ALA C 84 23.89 -3.10 0.60
CA ALA C 84 23.75 -3.72 -0.72
C ALA C 84 24.10 -2.73 -1.83
N GLY C 85 23.32 -1.67 -1.97
CA GLY C 85 23.51 -0.73 -3.06
C GLY C 85 23.88 0.66 -2.59
N SER C 86 24.73 0.75 -1.59
CA SER C 86 25.18 2.04 -1.08
C SER C 86 26.53 1.87 -0.42
N ASP C 87 27.22 3.00 -0.21
CA ASP C 87 28.49 3.00 0.49
C ASP C 87 28.34 2.99 2.01
N ARG C 88 27.11 3.08 2.51
CA ARG C 88 26.89 3.05 3.95
C ARG C 88 27.17 1.67 4.51
N VAL C 89 27.52 1.62 5.79
CA VAL C 89 27.89 0.39 6.47
C VAL C 89 26.78 0.01 7.45
N MET C 90 26.58 -1.31 7.58
CA MET C 90 25.59 -1.83 8.53
C MET C 90 26.16 -1.79 9.94
N VAL C 91 25.36 -1.29 10.88
CA VAL C 91 25.77 -1.12 12.27
C VAL C 91 24.66 -1.60 13.19
N SER C 92 25.06 -1.86 14.43
CA SER C 92 24.19 -2.38 15.48
C SER C 92 23.42 -1.25 16.13
N PRO C 93 22.26 -1.54 16.73
CA PRO C 93 21.49 -0.47 17.38
C PRO C 93 22.20 0.15 18.57
N LEU C 94 23.14 -0.57 19.19
CA LEU C 94 23.88 0.01 20.31
C LEU C 94 24.63 1.26 19.88
N ALA C 95 25.13 1.28 18.65
CA ALA C 95 25.83 2.46 18.15
C ALA C 95 24.94 3.70 18.21
N VAL C 96 23.63 3.52 18.20
CA VAL C 96 22.72 4.63 18.45
C VAL C 96 22.81 5.08 19.90
N THR C 97 22.55 4.15 20.83
CA THR C 97 22.55 4.51 22.24
C THR C 97 23.92 5.01 22.67
N TRP C 98 24.99 4.38 22.16
CA TRP C 98 26.32 4.88 22.45
C TRP C 98 26.45 6.34 22.06
N TRP C 99 25.98 6.70 20.87
CA TRP C 99 26.04 8.08 20.42
C TRP C 99 25.29 9.01 21.36
N ASN C 100 24.33 8.50 22.10
CA ASN C 100 23.53 9.32 23.02
C ASN C 100 24.13 9.39 24.41
N ARG C 101 25.23 8.70 24.68
CA ARG C 101 25.87 8.74 25.99
C ARG C 101 27.32 9.19 25.97
N ASN C 102 28.03 9.00 24.86
CA ASN C 102 29.38 9.52 24.73
C ASN C 102 29.67 10.14 23.37
N GLY C 103 28.69 10.24 22.48
CA GLY C 103 28.90 10.82 21.18
C GLY C 103 29.10 12.32 21.28
N PRO C 104 29.50 12.94 20.17
CA PRO C 104 29.71 14.40 20.18
C PRO C 104 28.42 15.13 20.52
N THR C 105 28.58 16.25 21.23
CA THR C 105 27.47 17.08 21.65
C THR C 105 27.53 18.42 20.91
N THR C 106 26.36 19.03 20.75
CA THR C 106 26.23 20.30 20.03
C THR C 106 25.27 21.19 20.81
N SER C 107 24.90 22.31 20.20
CA SER C 107 23.95 23.25 20.79
C SER C 107 22.62 23.09 20.05
N ALA C 108 21.67 22.43 20.70
CA ALA C 108 20.34 22.19 20.13
C ALA C 108 19.36 23.31 20.44
N VAL C 109 19.85 24.52 20.73
CA VAL C 109 18.96 25.61 21.09
C VAL C 109 18.08 26.02 19.93
N HIS C 110 18.52 25.79 18.69
CA HIS C 110 17.80 26.26 17.52
C HIS C 110 16.77 25.26 16.99
N TYR C 111 16.78 24.03 17.47
CA TYR C 111 15.73 23.08 17.09
C TYR C 111 14.34 23.58 17.44
N PRO C 112 14.10 24.16 18.63
CA PRO C 112 12.79 24.78 18.88
C PRO C 112 12.43 25.81 17.82
N LYS C 113 13.39 26.60 17.34
CA LYS C 113 13.11 27.57 16.30
C LYS C 113 12.78 26.90 14.97
N ILE C 114 13.41 25.77 14.66
CA ILE C 114 13.11 25.07 13.41
C ILE C 114 11.75 24.38 13.49
N TYR C 115 11.61 23.42 14.42
CA TYR C 115 10.37 22.67 14.57
C TYR C 115 9.34 23.54 15.28
N LYS C 116 8.93 24.60 14.58
CA LYS C 116 8.02 25.57 15.18
C LYS C 116 6.67 24.94 15.48
N THR C 117 6.15 24.11 14.57
CA THR C 117 4.80 23.58 14.73
C THR C 117 4.69 22.73 16.00
N TYR C 118 5.61 21.79 16.18
CA TYR C 118 5.52 20.87 17.32
C TYR C 118 5.69 21.60 18.64
N PHE C 119 6.67 22.51 18.71
CA PHE C 119 6.86 23.25 19.96
C PHE C 119 5.70 24.17 20.24
N GLU C 120 5.07 24.74 19.20
CA GLU C 120 3.87 25.53 19.42
C GLU C 120 2.74 24.66 19.96
N LYS C 121 2.61 23.43 19.44
CA LYS C 121 1.62 22.50 19.99
C LYS C 121 1.88 22.25 21.47
N VAL C 122 3.15 22.00 21.83
CA VAL C 122 3.49 21.73 23.22
C VAL C 122 3.16 22.93 24.09
N GLU C 123 3.53 24.13 23.64
CA GLU C 123 3.26 25.33 24.42
C GLU C 123 1.76 25.55 24.59
N ARG C 124 0.99 25.32 23.51
CA ARG C 124 -0.46 25.50 23.59
C ARG C 124 -1.07 24.53 24.58
N LEU C 125 -0.62 23.28 24.59
CA LEU C 125 -1.19 22.30 25.51
C LEU C 125 -0.75 22.54 26.95
N LYS C 126 0.49 22.99 27.15
CA LYS C 126 1.00 23.12 28.51
C LYS C 126 0.18 24.12 29.32
N HIS C 127 -0.31 25.17 28.66
CA HIS C 127 -1.07 26.22 29.33
C HIS C 127 -2.58 26.04 29.18
N GLY C 128 -3.03 24.90 28.67
CA GLY C 128 -4.45 24.66 28.55
C GLY C 128 -5.10 24.45 29.90
N THR C 129 -6.41 24.69 29.94
CA THR C 129 -7.21 24.54 31.16
C THR C 129 -8.39 23.63 30.83
N PHE C 130 -8.47 22.51 31.54
CA PHE C 130 -9.55 21.55 31.34
C PHE C 130 -10.79 21.98 32.12
N GLY C 131 -11.88 21.26 31.88
CA GLY C 131 -13.13 21.51 32.55
C GLY C 131 -13.89 20.23 32.82
N PRO C 132 -15.10 20.35 33.37
CA PRO C 132 -15.89 19.15 33.68
C PRO C 132 -16.26 18.38 32.41
N VAL C 133 -16.40 17.07 32.57
CA VAL C 133 -16.83 16.20 31.49
C VAL C 133 -18.34 16.07 31.55
N HIS C 134 -19.01 16.37 30.44
CA HIS C 134 -20.46 16.31 30.36
C HIS C 134 -20.86 15.12 29.49
N PHE C 135 -21.70 14.25 30.03
CA PHE C 135 -22.10 13.03 29.36
C PHE C 135 -23.45 13.25 28.68
N ARG C 136 -23.44 13.33 27.36
CA ARG C 136 -24.67 13.43 26.58
C ARG C 136 -24.35 13.05 25.15
N ASN C 137 -25.36 12.55 24.44
CA ASN C 137 -25.15 12.11 23.07
C ASN C 137 -24.63 13.26 22.22
N GLN C 138 -23.56 12.99 21.48
CA GLN C 138 -22.94 13.97 20.61
C GLN C 138 -23.33 13.68 19.16
N VAL C 139 -23.87 14.68 18.48
CA VAL C 139 -24.27 14.55 17.08
C VAL C 139 -23.04 14.94 16.26
N LYS C 140 -22.19 13.95 16.00
CA LYS C 140 -21.00 14.17 15.19
C LYS C 140 -21.41 14.27 13.73
N ILE C 141 -21.18 15.44 13.12
CA ILE C 141 -21.46 15.65 11.72
C ILE C 141 -20.13 15.89 11.01
N ARG C 142 -20.01 15.36 9.81
CA ARG C 142 -18.75 15.37 9.09
C ARG C 142 -18.60 16.66 8.29
N ARG C 143 -17.44 17.30 8.45
CA ARG C 143 -17.18 18.61 7.87
C ARG C 143 -15.73 18.69 7.42
N ARG C 144 -15.48 19.57 6.45
CA ARG C 144 -14.12 19.86 5.98
C ARG C 144 -13.53 20.95 6.85
N VAL C 145 -12.39 20.67 7.49
CA VAL C 145 -11.75 21.61 8.40
C VAL C 145 -10.25 21.62 8.15
N ASP C 146 -9.62 22.73 8.53
CA ASP C 146 -8.18 22.89 8.39
C ASP C 146 -7.50 22.37 9.66
N ILE C 147 -6.52 21.48 9.49
CA ILE C 147 -5.86 20.88 10.65
C ILE C 147 -4.67 21.71 11.08
N ASN C 148 -3.93 22.27 10.12
CA ASN C 148 -2.72 23.00 10.45
C ASN C 148 -3.08 24.34 11.09
N PRO C 149 -2.68 24.60 12.34
CA PRO C 149 -3.08 25.85 13.00
C PRO C 149 -2.13 27.02 12.76
N GLY C 150 -1.07 26.83 11.98
CA GLY C 150 -0.12 27.90 11.73
C GLY C 150 0.01 28.27 10.27
N HIS C 151 -0.89 27.75 9.44
CA HIS C 151 -0.85 28.06 8.01
C HIS C 151 -0.92 29.57 7.79
N ALA C 152 -0.03 30.08 6.96
CA ALA C 152 0.09 31.52 6.72
C ALA C 152 -0.78 31.98 5.55
N ASP C 153 -1.84 31.25 5.23
CA ASP C 153 -2.73 31.59 4.12
C ASP C 153 -2.02 31.42 2.78
N LEU C 154 -1.25 30.35 2.64
CA LEU C 154 -0.53 30.05 1.42
C LEU C 154 -0.79 28.61 1.01
N SER C 155 -0.81 28.38 -0.30
CA SER C 155 -0.95 27.04 -0.84
C SER C 155 0.42 26.37 -0.93
N ALA C 156 0.44 25.14 -1.43
CA ALA C 156 1.69 24.40 -1.56
C ALA C 156 2.64 25.14 -2.51
N LYS C 157 2.24 25.30 -3.77
CA LYS C 157 3.08 26.00 -4.73
C LYS C 157 3.32 27.44 -4.32
N GLU C 158 2.29 28.09 -3.77
CA GLU C 158 2.42 29.50 -3.40
C GLU C 158 3.54 29.71 -2.39
N ALA C 159 3.65 28.82 -1.40
CA ALA C 159 4.70 28.92 -0.39
C ALA C 159 5.98 28.21 -0.78
N GLN C 160 5.97 27.40 -1.84
CA GLN C 160 7.18 26.69 -2.24
C GLN C 160 8.25 27.67 -2.72
N ASP C 161 7.86 28.70 -3.47
CA ASP C 161 8.82 29.71 -3.89
C ASP C 161 9.38 30.46 -2.68
N VAL C 162 8.51 30.78 -1.71
CA VAL C 162 8.97 31.42 -0.48
C VAL C 162 9.99 30.55 0.22
N ILE C 163 9.72 29.25 0.30
CA ILE C 163 10.62 28.33 0.99
C ILE C 163 11.96 28.28 0.27
N MET C 164 11.95 28.19 -1.06
CA MET C 164 13.22 28.16 -1.78
C MET C 164 14.00 29.45 -1.53
N GLU C 165 13.36 30.60 -1.69
CA GLU C 165 14.06 31.85 -1.48
C GLU C 165 14.57 32.00 -0.05
N VAL C 166 13.91 31.35 0.91
CA VAL C 166 14.38 31.40 2.29
C VAL C 166 15.59 30.48 2.49
N VAL C 167 15.57 29.30 1.87
CA VAL C 167 16.61 28.30 2.05
C VAL C 167 17.58 28.28 0.88
N PHE C 168 17.06 28.21 -0.35
CA PHE C 168 17.89 28.15 -1.54
C PHE C 168 17.72 29.44 -2.34
N PRO C 169 18.32 30.55 -1.90
CA PRO C 169 18.07 31.83 -2.57
C PRO C 169 18.55 31.89 -4.01
N ASN C 170 19.49 31.03 -4.41
CA ASN C 170 20.07 31.13 -5.74
C ASN C 170 19.34 30.32 -6.80
N GLU C 171 18.62 29.27 -6.40
CA GLU C 171 17.90 28.42 -7.34
C GLU C 171 16.47 28.88 -7.57
N VAL C 172 16.11 30.08 -7.10
CA VAL C 172 14.74 30.58 -7.28
C VAL C 172 14.39 30.68 -8.75
N GLY C 173 15.33 31.14 -9.57
CA GLY C 173 15.08 31.31 -10.99
C GLY C 173 14.35 32.59 -11.33
N ALA C 174 13.32 32.50 -12.19
CA ALA C 174 12.60 33.70 -12.61
C ALA C 174 11.85 34.33 -11.45
N ARG C 175 11.26 33.50 -10.59
CA ARG C 175 10.30 34.00 -9.61
C ARG C 175 10.95 35.00 -8.66
N ILE C 176 10.31 36.14 -8.51
CA ILE C 176 10.57 37.08 -7.43
C ILE C 176 9.24 37.41 -6.79
N LEU C 177 9.10 37.11 -5.51
CA LEU C 177 7.78 37.05 -4.89
C LEU C 177 7.17 38.43 -4.82
N THR C 178 5.91 38.54 -5.27
CA THR C 178 5.25 39.85 -5.35
C THR C 178 4.53 40.19 -4.05
N SER C 179 3.72 39.26 -3.53
CA SER C 179 2.92 39.54 -2.35
C SER C 179 3.82 39.94 -1.18
N GLU C 180 3.44 41.02 -0.49
CA GLU C 180 4.24 41.54 0.60
C GLU C 180 4.18 40.67 1.85
N SER C 181 3.10 39.91 2.04
CA SER C 181 3.07 38.93 3.10
C SER C 181 4.22 37.94 2.94
N GLN C 182 4.42 37.48 1.71
CA GLN C 182 5.55 36.61 1.42
C GLN C 182 6.87 37.33 1.69
N LEU C 183 6.94 38.63 1.39
CA LEU C 183 8.15 39.39 1.69
C LEU C 183 8.48 39.34 3.18
N THR C 184 7.49 39.64 4.03
CA THR C 184 7.75 39.65 5.47
C THR C 184 8.07 38.25 5.98
N ILE C 185 7.40 37.23 5.46
CA ILE C 185 7.69 35.86 5.88
C ILE C 185 9.13 35.49 5.51
N THR C 186 9.54 35.85 4.29
CA THR C 186 10.92 35.58 3.89
C THR C 186 11.91 36.29 4.80
N LYS C 187 11.65 37.57 5.09
CA LYS C 187 12.57 38.31 5.95
C LYS C 187 12.68 37.65 7.32
N GLU C 188 11.54 37.33 7.93
CA GLU C 188 11.55 36.78 9.28
C GLU C 188 12.24 35.42 9.31
N LYS C 189 11.84 34.51 8.43
CA LYS C 189 12.42 33.17 8.44
C LYS C 189 13.83 33.15 7.89
N LYS C 190 14.28 34.22 7.24
CA LYS C 190 15.67 34.32 6.82
C LYS C 190 16.55 34.77 7.98
N GLU C 191 16.16 35.85 8.65
CA GLU C 191 16.96 36.32 9.78
C GLU C 191 16.91 35.35 10.96
N GLU C 192 15.83 34.57 11.06
CA GLU C 192 15.70 33.66 12.20
C GLU C 192 16.58 32.42 12.03
N LEU C 193 16.66 31.88 10.81
CA LEU C 193 17.38 30.65 10.52
C LEU C 193 18.66 30.90 9.74
N GLN C 194 19.37 31.98 10.07
CA GLN C 194 20.45 32.44 9.19
C GLN C 194 21.64 31.48 9.22
N ASP C 195 21.93 30.88 10.37
CA ASP C 195 23.07 29.96 10.50
C ASP C 195 22.66 28.56 10.96
N CYS C 196 21.37 28.25 11.00
CA CYS C 196 20.95 26.92 11.42
C CYS C 196 21.52 25.86 10.48
N LYS C 197 22.08 24.80 11.05
CA LYS C 197 22.82 23.79 10.30
C LYS C 197 22.21 22.41 10.46
N ILE C 198 20.89 22.33 10.54
CA ILE C 198 20.23 21.04 10.70
C ILE C 198 20.29 20.30 9.37
N SER C 199 19.58 20.82 8.38
CA SER C 199 19.68 20.37 7.00
C SER C 199 18.83 21.28 6.12
N PRO C 200 19.25 21.61 4.91
CA PRO C 200 18.37 22.40 4.05
C PRO C 200 17.05 21.70 3.76
N LEU C 201 17.08 20.39 3.56
CA LEU C 201 15.88 19.67 3.17
C LEU C 201 14.86 19.64 4.30
N MET C 202 15.29 19.34 5.53
CA MET C 202 14.36 19.32 6.65
C MET C 202 13.82 20.72 6.96
N VAL C 203 14.68 21.74 6.84
CA VAL C 203 14.21 23.10 7.05
C VAL C 203 13.13 23.44 6.04
N ALA C 204 13.36 23.09 4.76
CA ALA C 204 12.36 23.36 3.74
C ALA C 204 11.08 22.59 4.01
N TYR C 205 11.20 21.32 4.43
CA TYR C 205 10.01 20.52 4.68
C TYR C 205 9.18 21.11 5.81
N MET C 206 9.83 21.51 6.90
CA MET C 206 9.09 22.06 8.03
C MET C 206 8.53 23.44 7.72
N LEU C 207 9.23 24.25 6.92
CA LEU C 207 8.64 25.50 6.49
C LEU C 207 7.40 25.25 5.63
N GLU C 208 7.46 24.25 4.75
CA GLU C 208 6.29 23.89 3.95
C GLU C 208 5.14 23.48 4.86
N ARG C 209 5.42 22.66 5.86
CA ARG C 209 4.37 22.22 6.77
C ARG C 209 3.76 23.39 7.53
N GLU C 210 4.59 24.31 8.00
CA GLU C 210 4.11 25.41 8.82
C GLU C 210 3.29 26.41 7.99
N LEU C 211 3.82 26.82 6.83
CA LEU C 211 3.18 27.90 6.09
C LEU C 211 2.04 27.41 5.21
N VAL C 212 2.17 26.23 4.61
CA VAL C 212 1.16 25.76 3.66
C VAL C 212 -0.10 25.35 4.42
N ARG C 213 -1.24 25.78 3.90
CA ARG C 213 -2.52 25.38 4.45
C ARG C 213 -2.90 23.99 3.96
N LYS C 214 -3.42 23.18 4.89
CA LYS C 214 -3.84 21.82 4.57
C LYS C 214 -5.19 21.59 5.22
N THR C 215 -6.03 20.81 4.56
CA THR C 215 -7.43 20.64 4.95
C THR C 215 -7.80 19.17 4.83
N ARG C 216 -8.64 18.69 5.75
CA ARG C 216 -9.11 17.32 5.73
C ARG C 216 -10.53 17.25 6.25
N PHE C 217 -11.22 16.19 5.88
CA PHE C 217 -12.62 15.99 6.21
C PHE C 217 -12.69 15.11 7.46
N LEU C 218 -13.40 15.58 8.49
CA LEU C 218 -13.40 14.90 9.77
C LEU C 218 -14.78 14.99 10.40
N PRO C 219 -15.15 14.03 11.24
CA PRO C 219 -16.41 14.13 12.00
C PRO C 219 -16.21 15.00 13.24
N VAL C 220 -16.88 16.16 13.25
CA VAL C 220 -16.73 17.13 14.31
C VAL C 220 -18.10 17.40 14.94
N ALA C 221 -18.05 17.89 16.19
CA ALA C 221 -19.24 18.36 16.89
C ALA C 221 -18.83 19.57 17.72
N GLY C 222 -19.19 20.76 17.24
CA GLY C 222 -18.70 21.98 17.85
C GLY C 222 -17.30 22.33 17.36
N GLY C 223 -16.61 23.13 18.17
CA GLY C 223 -15.25 23.50 17.85
C GLY C 223 -15.13 24.20 16.51
N THR C 224 -14.58 23.49 15.52
CA THR C 224 -14.39 23.94 14.13
C THR C 224 -13.19 24.88 14.01
N SER C 225 -12.56 25.28 15.11
CA SER C 225 -11.38 26.13 15.05
C SER C 225 -10.12 25.29 14.85
N SER C 226 -9.10 25.91 14.27
CA SER C 226 -7.87 25.19 13.99
C SER C 226 -7.23 24.68 15.27
N VAL C 227 -7.17 25.52 16.31
CA VAL C 227 -6.59 25.10 17.57
C VAL C 227 -7.44 24.06 18.27
N TYR C 228 -8.76 24.07 18.05
CA TYR C 228 -9.66 23.12 18.67
C TYR C 228 -9.77 21.81 17.92
N ILE C 229 -9.18 21.72 16.72
CA ILE C 229 -9.27 20.49 15.95
C ILE C 229 -8.08 19.56 16.22
N GLU C 230 -6.92 20.12 16.56
CA GLU C 230 -5.78 19.27 16.88
C GLU C 230 -6.03 18.43 18.12
N VAL C 231 -6.85 18.92 19.04
CA VAL C 231 -7.22 18.19 20.25
C VAL C 231 -8.62 17.59 20.11
N LEU C 232 -9.10 17.41 18.88
CA LEU C 232 -10.43 16.86 18.67
C LEU C 232 -10.58 15.48 19.30
N HIS C 233 -9.49 14.73 19.43
CA HIS C 233 -9.54 13.42 20.07
C HIS C 233 -9.77 13.52 21.57
N LEU C 234 -9.40 14.64 22.19
CA LEU C 234 -9.48 14.79 23.64
C LEU C 234 -10.73 15.54 24.09
N THR C 235 -11.34 16.34 23.23
CA THR C 235 -12.48 17.16 23.61
C THR C 235 -13.82 16.55 23.23
N GLN C 236 -13.88 15.74 22.19
CA GLN C 236 -15.13 15.17 21.70
C GLN C 236 -15.04 13.66 21.66
N GLY C 237 -16.12 13.01 22.10
CA GLY C 237 -16.18 11.56 22.08
C GLY C 237 -17.54 11.05 21.62
N THR C 238 -17.82 9.76 21.87
CA THR C 238 -19.09 9.19 21.45
C THR C 238 -20.24 9.65 22.33
N CYS C 239 -20.01 9.73 23.65
CA CYS C 239 -21.07 10.10 24.58
C CYS C 239 -20.57 11.07 25.65
N TRP C 240 -19.43 11.72 25.44
CA TRP C 240 -18.86 12.61 26.43
C TRP C 240 -18.20 13.80 25.75
N GLU C 241 -18.31 14.96 26.37
CA GLU C 241 -17.66 16.17 25.91
C GLU C 241 -16.78 16.73 27.02
N GLN C 242 -15.54 17.06 26.67
CA GLN C 242 -14.55 17.57 27.61
C GLN C 242 -14.21 19.00 27.22
N MET C 243 -14.74 19.96 27.98
CA MET C 243 -14.46 21.36 27.69
C MET C 243 -12.97 21.64 27.85
N TYR C 244 -12.40 22.34 26.87
CA TYR C 244 -10.97 22.60 26.84
C TYR C 244 -10.73 23.96 26.20
N THR C 245 -9.69 24.64 26.68
CA THR C 245 -9.31 25.95 26.16
C THR C 245 -7.79 25.98 26.01
N PRO C 246 -7.26 25.83 24.79
CA PRO C 246 -5.81 25.82 24.61
C PRO C 246 -5.14 27.05 25.21
N GLY C 247 -3.81 26.98 25.39
CA GLY C 247 -3.09 28.06 26.02
C GLY C 247 -3.10 29.34 25.20
N GLY C 248 -3.27 29.22 23.88
CA GLY C 248 -3.26 30.42 23.05
C GLY C 248 -4.35 31.40 23.42
N GLU C 249 -5.55 30.90 23.72
CA GLU C 249 -6.67 31.75 24.09
C GLU C 249 -6.68 32.02 25.59
N GLN F 1 -59.43 -29.99 -7.49
CA GLN F 1 -58.07 -30.61 -7.30
C GLN F 1 -57.08 -29.51 -6.92
N VAL F 2 -55.79 -29.84 -6.75
CA VAL F 2 -54.68 -28.94 -6.54
C VAL F 2 -54.23 -28.42 -7.90
N GLN F 3 -53.26 -27.48 -7.92
CA GLN F 3 -52.69 -26.99 -9.16
C GLN F 3 -51.73 -27.93 -9.89
N LEU F 4 -50.91 -28.69 -9.15
CA LEU F 4 -49.93 -29.60 -9.70
C LEU F 4 -49.84 -30.82 -8.84
N GLN F 5 -49.84 -32.00 -9.48
CA GLN F 5 -49.77 -33.24 -8.76
C GLN F 5 -48.95 -34.26 -9.51
N GLU F 6 -47.65 -34.37 -9.18
CA GLU F 6 -46.75 -35.41 -9.66
C GLU F 6 -47.03 -36.81 -9.10
N SER F 7 -46.76 -37.86 -9.89
CA SER F 7 -47.03 -39.22 -9.48
C SER F 7 -46.13 -40.19 -10.23
N GLY F 8 -46.10 -41.46 -9.78
CA GLY F 8 -45.38 -42.54 -10.47
C GLY F 8 -43.92 -42.70 -10.15
N GLY F 9 -43.46 -42.17 -9.00
CA GLY F 9 -42.08 -42.34 -8.54
C GLY F 9 -41.88 -43.59 -7.73
N GLY F 10 -40.66 -43.81 -7.21
CA GLY F 10 -40.39 -44.97 -6.38
C GLY F 10 -38.95 -45.38 -6.40
N LEU F 11 -38.69 -46.55 -5.79
CA LEU F 11 -37.38 -47.17 -5.69
C LEU F 11 -37.09 -48.02 -6.92
N VAL F 12 -35.92 -47.88 -7.54
CA VAL F 12 -35.60 -48.67 -8.72
C VAL F 12 -34.12 -49.01 -8.69
N GLN F 13 -33.72 -50.23 -9.11
CA GLN F 13 -32.33 -50.61 -9.24
C GLN F 13 -31.66 -49.79 -10.37
N PRO F 14 -30.40 -49.35 -10.32
CA PRO F 14 -29.71 -48.73 -11.45
C PRO F 14 -29.81 -49.53 -12.75
N ARG F 15 -30.09 -48.83 -13.87
CA ARG F 15 -30.40 -49.37 -15.20
C ARG F 15 -31.88 -49.50 -15.42
N GLY F 16 -32.68 -49.56 -14.34
CA GLY F 16 -34.13 -49.65 -14.43
C GLY F 16 -34.81 -48.44 -15.03
N SER F 17 -36.15 -48.53 -15.19
CA SER F 17 -36.93 -47.52 -15.88
C SER F 17 -38.17 -47.14 -15.12
N LEU F 18 -38.66 -45.89 -15.32
CA LEU F 18 -39.78 -45.38 -14.55
C LEU F 18 -40.57 -44.36 -15.37
N ARG F 19 -41.89 -44.21 -15.16
CA ARG F 19 -42.68 -43.20 -15.86
C ARG F 19 -43.39 -42.33 -14.86
N LEU F 20 -43.06 -41.03 -14.85
CA LEU F 20 -43.64 -40.05 -13.96
C LEU F 20 -44.73 -39.31 -14.70
N SER F 21 -45.85 -38.99 -14.03
CA SER F 21 -46.95 -38.26 -14.64
C SER F 21 -47.25 -37.04 -13.79
N CYS F 22 -47.83 -35.96 -14.34
CA CYS F 22 -48.20 -34.82 -13.54
C CYS F 22 -49.47 -34.16 -14.02
N ALA F 23 -50.43 -33.88 -13.11
CA ALA F 23 -51.66 -33.23 -13.53
C ALA F 23 -51.57 -31.74 -13.25
N ALA F 24 -51.52 -30.92 -14.31
CA ALA F 24 -51.53 -29.48 -14.20
C ALA F 24 -52.93 -28.92 -14.38
N TYR F 32 -49.24 -23.20 -22.58
CA TYR F 32 -47.93 -22.89 -22.08
C TYR F 32 -47.01 -24.09 -22.07
N THR F 33 -45.70 -23.81 -22.19
CA THR F 33 -44.61 -24.76 -22.19
C THR F 33 -44.35 -25.27 -20.79
N MET F 34 -44.27 -26.60 -20.59
CA MET F 34 -44.13 -27.18 -19.27
C MET F 34 -42.76 -27.79 -19.14
N GLY F 35 -42.28 -28.02 -17.91
CA GLY F 35 -40.98 -28.58 -17.64
C GLY F 35 -40.96 -29.46 -16.43
N TRP F 36 -40.11 -30.49 -16.49
CA TRP F 36 -39.83 -31.39 -15.38
C TRP F 36 -38.53 -30.93 -14.75
N TYR F 37 -38.54 -30.83 -13.42
CA TYR F 37 -37.48 -30.31 -12.60
C TYR F 37 -37.16 -31.38 -11.56
N ARG F 38 -35.95 -31.41 -10.97
CA ARG F 38 -35.65 -32.34 -9.91
C ARG F 38 -34.90 -31.63 -8.83
N GLN F 39 -35.09 -32.01 -7.56
CA GLN F 39 -34.32 -31.44 -6.48
C GLN F 39 -33.58 -32.55 -5.77
N ALA F 40 -32.25 -32.63 -5.97
CA ALA F 40 -31.43 -33.62 -5.31
C ALA F 40 -31.28 -33.31 -3.83
N PRO F 41 -31.17 -34.25 -2.87
CA PRO F 41 -30.95 -33.93 -1.47
C PRO F 41 -29.75 -33.02 -1.26
N LEU F 42 -29.96 -31.87 -0.56
CA LEU F 42 -28.99 -30.81 -0.29
C LEU F 42 -28.82 -29.82 -1.44
N LYS F 43 -28.99 -30.27 -2.69
CA LYS F 43 -28.82 -29.50 -3.89
C LYS F 43 -30.09 -28.76 -4.29
N GLU F 44 -30.00 -27.98 -5.37
CA GLU F 44 -31.04 -27.08 -5.82
C GLU F 44 -32.05 -27.74 -6.73
N ARG F 45 -33.14 -27.02 -7.04
CA ARG F 45 -34.14 -27.44 -8.01
C ARG F 45 -33.67 -27.17 -9.44
N GLU F 46 -33.35 -28.22 -10.24
CA GLU F 46 -32.71 -28.09 -11.53
C GLU F 46 -33.64 -28.57 -12.64
N LEU F 47 -33.61 -27.89 -13.81
CA LEU F 47 -34.35 -28.27 -15.00
C LEU F 47 -33.85 -29.57 -15.61
N VAL F 48 -34.76 -30.52 -15.87
CA VAL F 48 -34.47 -31.83 -16.42
C VAL F 48 -34.89 -31.89 -17.87
N ALA F 49 -36.16 -31.52 -18.17
CA ALA F 49 -36.66 -31.53 -19.53
C ALA F 49 -37.79 -30.53 -19.67
N THR F 50 -38.17 -30.17 -20.90
CA THR F 50 -39.31 -29.26 -21.15
C THR F 50 -39.95 -29.57 -22.50
N VAL F 51 -41.26 -29.24 -22.67
CA VAL F 51 -41.99 -29.36 -23.94
C VAL F 51 -42.95 -28.23 -24.21
N ASN F 58 -36.83 -30.43 -25.26
CA ASN F 58 -35.52 -29.95 -24.96
C ASN F 58 -35.14 -30.63 -23.67
N TYR F 59 -33.86 -31.03 -23.51
CA TYR F 59 -33.45 -31.84 -22.38
C TYR F 59 -32.15 -31.27 -21.88
N ALA F 60 -31.90 -31.37 -20.57
CA ALA F 60 -30.60 -31.14 -19.98
C ALA F 60 -29.52 -32.13 -20.44
N ASP F 61 -28.24 -31.73 -20.53
CA ASP F 61 -27.13 -32.64 -20.85
C ASP F 61 -26.97 -33.88 -19.95
N PRO F 62 -27.09 -33.87 -18.60
CA PRO F 62 -27.11 -35.10 -17.81
C PRO F 62 -28.20 -36.08 -18.20
N VAL F 63 -29.30 -35.59 -18.78
CA VAL F 63 -30.41 -36.42 -19.22
C VAL F 63 -30.09 -37.03 -20.57
N LYS F 64 -29.69 -36.19 -21.53
CA LYS F 64 -29.44 -36.55 -22.91
C LYS F 64 -30.50 -37.46 -23.57
N GLY F 65 -30.09 -38.66 -24.02
CA GLY F 65 -30.94 -39.66 -24.65
C GLY F 65 -31.50 -40.69 -23.70
N ARG F 66 -31.61 -40.38 -22.39
CA ARG F 66 -32.20 -41.30 -21.41
C ARG F 66 -33.64 -41.01 -21.06
N PHE F 67 -34.01 -39.75 -20.78
CA PHE F 67 -35.37 -39.45 -20.38
C PHE F 67 -36.14 -38.81 -21.52
N THR F 68 -37.46 -39.06 -21.60
CA THR F 68 -38.27 -38.60 -22.71
C THR F 68 -39.51 -37.92 -22.17
N ILE F 69 -39.62 -36.58 -22.28
CA ILE F 69 -40.79 -35.82 -21.88
C ILE F 69 -41.88 -35.79 -22.97
N SER F 70 -43.16 -35.84 -22.57
CA SER F 70 -44.29 -35.93 -23.49
C SER F 70 -45.48 -35.26 -22.85
N ARG F 71 -46.54 -34.93 -23.62
CA ARG F 71 -47.71 -34.32 -23.01
C ARG F 71 -48.98 -34.73 -23.71
N ASP F 72 -50.06 -34.88 -22.92
CA ASP F 72 -51.40 -35.09 -23.42
C ASP F 72 -52.12 -33.77 -23.21
N ASN F 73 -52.38 -33.02 -24.30
CA ASN F 73 -52.98 -31.70 -24.23
C ASN F 73 -54.46 -31.77 -23.90
N ASN F 74 -55.12 -32.90 -24.18
CA ASN F 74 -56.51 -33.13 -23.78
C ASN F 74 -56.62 -33.42 -22.30
N LYS F 75 -55.66 -34.16 -21.74
CA LYS F 75 -55.71 -34.54 -20.35
C LYS F 75 -54.98 -33.55 -19.43
N ASN F 76 -54.41 -32.44 -19.95
CA ASN F 76 -53.67 -31.42 -19.19
C ASN F 76 -52.49 -31.96 -18.36
N THR F 77 -51.64 -32.82 -18.95
CA THR F 77 -50.65 -33.57 -18.17
C THR F 77 -49.39 -33.76 -18.97
N GLU F 78 -48.24 -33.61 -18.30
CA GLU F 78 -46.94 -33.91 -18.84
C GLU F 78 -46.41 -35.16 -18.19
N TYR F 79 -45.64 -35.94 -18.95
CA TYR F 79 -45.13 -37.22 -18.52
C TYR F 79 -43.63 -37.22 -18.74
N LEU F 80 -42.88 -37.93 -17.88
CA LEU F 80 -41.45 -38.11 -18.07
C LEU F 80 -41.13 -39.59 -18.04
N GLN F 81 -40.64 -40.14 -19.16
CA GLN F 81 -40.24 -41.54 -19.22
C GLN F 81 -38.77 -41.62 -18.95
N MET F 82 -38.34 -42.33 -17.90
CA MET F 82 -36.97 -42.36 -17.49
C MET F 82 -36.40 -43.74 -17.78
N SER F 83 -35.33 -43.82 -18.59
CA SER F 83 -34.71 -45.08 -18.97
C SER F 83 -33.24 -45.04 -18.64
N SER F 84 -32.66 -46.18 -18.23
CA SER F 84 -31.26 -46.35 -17.85
C SER F 84 -30.82 -45.44 -16.71
N LEU F 85 -31.62 -45.44 -15.62
CA LEU F 85 -31.47 -44.63 -14.43
C LEU F 85 -30.19 -44.89 -13.65
N GLN F 86 -29.63 -43.82 -13.03
CA GLN F 86 -28.35 -43.81 -12.37
C GLN F 86 -28.52 -43.23 -10.95
N PRO F 87 -27.62 -43.42 -9.99
CA PRO F 87 -27.78 -42.87 -8.64
C PRO F 87 -27.74 -41.36 -8.55
N GLU F 88 -27.27 -40.64 -9.59
CA GLU F 88 -27.36 -39.20 -9.73
C GLU F 88 -28.77 -38.71 -10.02
N ASP F 89 -29.70 -39.59 -10.42
CA ASP F 89 -31.08 -39.21 -10.65
C ASP F 89 -31.92 -39.43 -9.40
N THR F 90 -31.30 -39.80 -8.27
CA THR F 90 -31.94 -39.95 -6.97
C THR F 90 -32.34 -38.61 -6.35
N ALA F 91 -33.59 -38.17 -6.58
CA ALA F 91 -34.05 -36.83 -6.26
C ALA F 91 -35.59 -36.78 -6.21
N VAL F 92 -36.19 -35.68 -5.71
CA VAL F 92 -37.63 -35.46 -5.81
C VAL F 92 -37.93 -34.71 -7.10
N TYR F 93 -38.82 -35.27 -7.95
CA TYR F 93 -39.11 -34.75 -9.26
C TYR F 93 -40.39 -33.94 -9.23
N TYR F 94 -40.37 -32.74 -9.84
CA TYR F 94 -41.48 -31.80 -9.82
C TYR F 94 -41.76 -31.38 -11.23
N CYS F 95 -43.00 -30.99 -11.53
CA CYS F 95 -43.35 -30.42 -12.81
C CYS F 95 -43.71 -28.95 -12.62
N TYR F 96 -43.67 -28.08 -13.65
CA TYR F 96 -44.19 -26.73 -13.52
C TYR F 96 -44.35 -26.14 -14.91
N GLY F 111 -45.92 -28.04 -6.60
CA GLY F 111 -46.65 -29.28 -6.34
C GLY F 111 -46.14 -30.11 -5.20
N GLN F 112 -46.69 -31.31 -4.99
CA GLN F 112 -46.21 -32.24 -3.98
C GLN F 112 -44.82 -32.80 -4.33
N GLY F 113 -44.59 -33.07 -5.63
CA GLY F 113 -43.42 -33.79 -6.12
C GLY F 113 -43.52 -35.27 -5.97
N THR F 114 -42.60 -35.99 -6.62
CA THR F 114 -42.57 -37.44 -6.52
C THR F 114 -41.14 -37.90 -6.33
N GLN F 115 -40.90 -38.68 -5.25
CA GLN F 115 -39.55 -39.12 -4.91
C GLN F 115 -39.10 -40.26 -5.79
N VAL F 116 -37.95 -40.12 -6.48
CA VAL F 116 -37.37 -41.18 -7.26
C VAL F 116 -36.07 -41.53 -6.57
N THR F 117 -35.85 -42.81 -6.25
CA THR F 117 -34.63 -43.22 -5.57
C THR F 117 -34.02 -44.40 -6.29
N VAL F 118 -32.77 -44.24 -6.78
CA VAL F 118 -32.09 -45.30 -7.52
C VAL F 118 -31.07 -45.95 -6.59
N SER F 119 -31.22 -47.25 -6.26
CA SER F 119 -30.35 -47.88 -5.27
C SER F 119 -30.40 -49.38 -5.41
N SER F 120 -29.36 -50.04 -4.86
CA SER F 120 -29.14 -51.48 -4.93
C SER F 120 -29.61 -52.21 -3.65
#